data_7STZ
#
_entry.id   7STZ
#
_cell.length_a   85.340
_cell.length_b   131.620
_cell.length_c   201.760
_cell.angle_alpha   90.000
_cell.angle_beta   100.860
_cell.angle_gamma   90.000
#
_symmetry.space_group_name_H-M   'P 1 21 1'
#
loop_
_entity.id
_entity.type
_entity.pdbx_description
1 polymer Cadherin-1
2 polymer 'mAb-1_19A11 Heavy Chain'
3 polymer 'mAb-1_19A11 Light Chain'
4 non-polymer 1,2-ETHANEDIOL
5 non-polymer 2-acetamido-2-deoxy-beta-D-glucopyranose
6 non-polymer 'TETRAETHYLENE GLYCOL'
7 non-polymer alpha-D-mannopyranose
8 non-polymer beta-D-mannopyranose
9 non-polymer 'CALCIUM ION'
10 water water
#
loop_
_entity_poly.entity_id
_entity_poly.type
_entity_poly.pdbx_seq_one_letter_code
_entity_poly.pdbx_strand_id
1 'polypeptide(L)'
;MPLLLLLPLLWAGALADWVIPPISCPENEKGPFPKNLVQIKSNKDKEGKVFYSITGQGADTPPVGVFIIERETGWLKVTE
PLDRERIATYTLFSHAVSSNGNAVEDPMEILITVTDQNDNKPEFTQEVFKGSVMEGALPGTSVMEVTATDADDDVNTYNA
AIAYTILSQDPELPDKNMFTINRNTGVISVVTTGLDRESFPTYTLVVQAADLQGEGLSTTATAVITVTDTNDNPPIFNPT
TYKGQVPENEANVVITTLKVTDADAPNTPAWEAVYTILNDDGGQFVVTTNPVNNDGILKTAKGLDFEAKQQYILHVAVTN
VVPFEVSLTTSTATVTVDVLDVNEAPIFVPPEKRVEVSEDFGVGQEITSYTAQEPDTFMEQKITYRIWRDTANWLEINPD
TGAISTRAELDREDFEHVKNSTYTALIIATDNGSPVATGTGTLLLILSDVNDNAPIPEPRTIFFCERNPKPQVINIIDAD
LPPNTSPFTAELTHGASANWTIQYNDPTQESIILKPKMALEVGDYKINLKLMDNQNKDQVTTLEVSVCDCEGAAGVCRKA
SAWSHPQFEKGGGSGGGSGGSAWSHPQFEK
;
C,D
2 'polypeptide(L)'
;MAVLGLLLCLVTFPSCVLSQVQLKESGPGLVAPSQSLSITCTVSGFSLSRYGVHWVRQPPGKGLEWLGMMWGGGNTDYNS
ALKSRLSISKDNSKSQVFLKMNSLQTDDTAMYYCASSNYVLGYAMDYWGQGTSVTVSSAKTTPPSVYPLAPGSAAQTNSM
VTLGCLVKGYFPEPVTVTWNSGSLSSGVHTFPAVLQSDLYTLSSSVTVPSSPRPSETVTCNVAHPASSTKVDKKIVPRDC
HHHHHH
;
H,I
3 'polypeptide(L)'
;MESQTQVLMFLLLWVSGACADIVMTQSPSSLAMSVGQKVTMNCKSSQSLLNSSNQKNYLAWYQQKPGQSPKLLIYFTSTR
GSGVPDRFIGSGSGTDFTLTISSVEAEDLADYFCQQHYRTPHTFGGGTKVEIKRADAAPTVSIFPPSSEQLTSGGASVVC
FLNNFYPKDINVKWKIDGSERQNGVLNSWTDQDSKDSTYSMSSTLTLTKDEYERHNSYTCEATHKTSTSPIVKSFNRNEC
;
L,M
#
loop_
_chem_comp.id
_chem_comp.type
_chem_comp.name
_chem_comp.formula
BMA D-saccharide, beta linking beta-D-mannopyranose 'C6 H12 O6'
CA non-polymer 'CALCIUM ION' 'Ca 2'
EDO non-polymer 1,2-ETHANEDIOL 'C2 H6 O2'
MAN D-saccharide, alpha linking alpha-D-mannopyranose 'C6 H12 O6'
NAG D-saccharide, beta linking 2-acetamido-2-deoxy-beta-D-glucopyranose 'C8 H15 N O6'
PG4 non-polymer 'TETRAETHYLENE GLYCOL' 'C8 H18 O5'
#
# COMPACT_ATOMS: atom_id res chain seq x y z
N ASP A 17 -14.19 -42.79 8.41
CA ASP A 17 -15.26 -42.18 7.64
C ASP A 17 -14.84 -40.82 7.09
N TRP A 18 -15.16 -40.55 5.82
CA TRP A 18 -14.96 -39.24 5.26
C TRP A 18 -15.88 -38.25 5.96
N VAL A 19 -15.30 -37.20 6.55
CA VAL A 19 -16.05 -36.21 7.28
C VAL A 19 -15.71 -34.82 6.74
N ILE A 20 -16.45 -33.83 7.23
CA ILE A 20 -16.19 -32.44 6.85
C ILE A 20 -15.00 -31.95 7.68
N PRO A 21 -14.07 -31.20 7.09
CA PRO A 21 -12.94 -30.68 7.85
C PRO A 21 -13.36 -29.48 8.68
N PRO A 22 -12.49 -28.98 9.54
CA PRO A 22 -12.73 -27.65 10.12
C PRO A 22 -12.79 -26.62 9.01
N ILE A 23 -13.77 -25.72 9.12
CA ILE A 23 -13.92 -24.62 8.16
C ILE A 23 -13.12 -23.44 8.71
N SER A 24 -12.07 -23.07 8.00
CA SER A 24 -11.19 -21.98 8.44
C SER A 24 -11.60 -20.67 7.78
N CYS A 25 -11.61 -19.61 8.58
CA CYS A 25 -11.88 -18.27 8.08
C CYS A 25 -10.91 -17.29 8.71
N PRO A 26 -10.14 -16.56 7.91
CA PRO A 26 -9.17 -15.61 8.48
C PRO A 26 -9.87 -14.46 9.20
N GLU A 27 -9.22 -13.95 10.22
CA GLU A 27 -9.76 -12.80 10.93
C GLU A 27 -9.49 -11.53 10.14
N ASN A 28 -10.24 -10.48 10.47
CA ASN A 28 -10.04 -9.14 9.90
C ASN A 28 -10.16 -9.15 8.38
N GLU A 29 -11.05 -9.97 7.85
CA GLU A 29 -11.29 -9.93 6.42
C GLU A 29 -12.02 -8.64 6.05
N LYS A 30 -11.94 -8.28 4.77
CA LYS A 30 -12.31 -6.94 4.32
C LYS A 30 -13.43 -6.93 3.29
N GLY A 31 -14.03 -8.08 3.00
CA GLY A 31 -15.09 -8.16 2.02
C GLY A 31 -14.62 -8.70 0.70
N PRO A 32 -15.55 -8.95 -0.24
CA PRO A 32 -16.99 -8.67 -0.12
C PRO A 32 -17.77 -9.65 0.74
N PHE A 33 -18.84 -9.16 1.34
CA PHE A 33 -19.73 -9.94 2.19
C PHE A 33 -21.12 -10.00 1.57
N PRO A 34 -21.85 -11.11 1.76
CA PRO A 34 -21.38 -12.35 2.39
C PRO A 34 -20.43 -13.13 1.50
N LYS A 35 -19.55 -13.95 2.10
CA LYS A 35 -18.58 -14.74 1.35
C LYS A 35 -18.80 -16.22 1.66
N ASN A 36 -18.80 -17.03 0.60
CA ASN A 36 -18.95 -18.47 0.77
C ASN A 36 -17.80 -19.05 1.58
N LEU A 37 -18.12 -19.94 2.51
CA LEU A 37 -17.13 -20.73 3.25
C LEU A 37 -17.09 -22.17 2.78
N VAL A 38 -18.24 -22.83 2.68
CA VAL A 38 -18.31 -24.23 2.26
C VAL A 38 -19.77 -24.56 1.89
N GLN A 39 -19.95 -25.48 0.95
CA GLN A 39 -21.27 -25.93 0.55
C GLN A 39 -21.53 -27.32 1.11
N ILE A 40 -22.70 -27.51 1.69
CA ILE A 40 -23.11 -28.79 2.24
C ILE A 40 -24.25 -29.34 1.39
N LYS A 41 -24.54 -30.62 1.56
CA LYS A 41 -25.51 -31.30 0.73
C LYS A 41 -25.95 -32.59 1.39
N SER A 42 -27.24 -32.88 1.28
CA SER A 42 -27.78 -34.20 1.62
C SER A 42 -28.05 -34.97 0.34
N ASN A 43 -27.66 -36.25 0.33
CA ASN A 43 -27.98 -37.06 -0.84
C ASN A 43 -29.45 -37.44 -0.92
N LYS A 44 -30.25 -37.07 0.08
CA LYS A 44 -31.70 -37.23 -0.02
C LYS A 44 -32.30 -36.36 -1.12
N ASP A 45 -31.53 -35.40 -1.66
CA ASP A 45 -32.05 -34.51 -2.70
C ASP A 45 -32.34 -35.24 -4.00
N LYS A 46 -31.91 -36.50 -4.14
CA LYS A 46 -32.35 -37.31 -5.27
C LYS A 46 -33.81 -37.70 -5.13
N GLU A 47 -34.33 -37.75 -3.89
CA GLU A 47 -35.73 -38.09 -3.67
C GLU A 47 -36.63 -36.86 -3.79
N GLY A 48 -36.13 -35.69 -3.44
CA GLY A 48 -36.93 -34.47 -3.47
C GLY A 48 -36.10 -33.32 -2.96
N LYS A 49 -36.67 -32.12 -3.05
CA LYS A 49 -35.93 -30.92 -2.69
C LYS A 49 -35.59 -30.93 -1.20
N VAL A 50 -34.39 -30.44 -0.88
CA VAL A 50 -33.90 -30.36 0.48
C VAL A 50 -33.64 -28.90 0.81
N PHE A 51 -33.93 -28.52 2.05
CA PHE A 51 -33.76 -27.15 2.53
C PHE A 51 -32.86 -27.16 3.75
N TYR A 52 -31.81 -26.33 3.72
CA TYR A 52 -30.75 -26.37 4.71
C TYR A 52 -30.84 -25.16 5.64
N SER A 53 -30.52 -25.39 6.91
CA SER A 53 -30.47 -24.33 7.91
C SER A 53 -29.30 -24.60 8.84
N ILE A 54 -28.91 -23.58 9.60
CA ILE A 54 -27.84 -23.71 10.57
C ILE A 54 -28.28 -23.14 11.91
N THR A 55 -27.81 -23.77 12.99
CA THR A 55 -28.04 -23.33 14.35
C THR A 55 -26.70 -23.15 15.05
N GLY A 56 -26.75 -22.62 16.27
CA GLY A 56 -25.58 -22.48 17.10
C GLY A 56 -25.19 -21.02 17.30
N GLN A 57 -24.27 -20.83 18.25
CA GLN A 57 -23.76 -19.49 18.53
C GLN A 57 -22.98 -18.97 17.34
N GLY A 58 -23.33 -17.77 16.88
CA GLY A 58 -22.84 -17.24 15.63
C GLY A 58 -23.82 -17.37 14.48
N ALA A 59 -24.87 -18.17 14.64
CA ALA A 59 -25.86 -18.36 13.58
C ALA A 59 -27.22 -17.83 14.02
N ASP A 60 -27.95 -18.60 14.82
CA ASP A 60 -29.23 -18.18 15.37
C ASP A 60 -29.13 -17.77 16.84
N THR A 61 -27.95 -17.90 17.45
CA THR A 61 -27.66 -17.58 18.83
C THR A 61 -26.53 -16.56 18.87
N PRO A 62 -26.55 -15.62 19.83
CA PRO A 62 -25.52 -14.56 19.87
C PRO A 62 -24.12 -15.13 19.74
N PRO A 63 -23.29 -14.55 18.85
CA PRO A 63 -23.61 -13.40 18.00
C PRO A 63 -24.46 -13.74 16.77
N VAL A 64 -25.73 -13.33 16.80
CA VAL A 64 -26.66 -13.73 15.75
C VAL A 64 -26.24 -13.12 14.41
N GLY A 65 -26.33 -13.92 13.34
CA GLY A 65 -26.21 -13.43 12.00
C GLY A 65 -24.82 -13.46 11.41
N VAL A 66 -23.80 -13.79 12.20
CA VAL A 66 -22.43 -13.80 11.69
C VAL A 66 -22.31 -14.82 10.56
N PHE A 67 -22.91 -16.00 10.75
CA PHE A 67 -22.89 -17.06 9.75
C PHE A 67 -24.32 -17.38 9.31
N ILE A 68 -24.53 -17.43 7.99
CA ILE A 68 -25.82 -17.77 7.41
C ILE A 68 -25.60 -18.89 6.40
N ILE A 69 -26.72 -19.48 5.95
CA ILE A 69 -26.68 -20.51 4.93
C ILE A 69 -27.80 -20.25 3.92
N GLU A 70 -27.48 -20.42 2.64
CA GLU A 70 -28.48 -20.29 1.58
C GLU A 70 -29.35 -21.54 1.58
N ARG A 71 -30.66 -21.34 1.78
CA ARG A 71 -31.54 -22.45 2.14
C ARG A 71 -31.62 -23.52 1.04
N GLU A 72 -31.59 -23.10 -0.23
CA GLU A 72 -31.79 -24.06 -1.30
C GLU A 72 -30.49 -24.64 -1.85
N THR A 73 -29.37 -23.92 -1.73
CA THR A 73 -28.10 -24.40 -2.27
C THR A 73 -27.20 -25.04 -1.22
N GLY A 74 -27.34 -24.65 0.05
CA GLY A 74 -26.50 -25.22 1.08
C GLY A 74 -25.17 -24.53 1.26
N TRP A 75 -25.02 -23.30 0.75
CA TRP A 75 -23.78 -22.55 0.88
C TRP A 75 -23.72 -21.85 2.23
N LEU A 76 -22.73 -22.22 3.03
CA LEU A 76 -22.46 -21.54 4.30
C LEU A 76 -21.68 -20.27 4.02
N LYS A 77 -22.19 -19.13 4.48
CA LYS A 77 -21.58 -17.84 4.22
C LYS A 77 -21.29 -17.13 5.53
N VAL A 78 -20.28 -16.25 5.50
CA VAL A 78 -19.95 -15.37 6.61
C VAL A 78 -20.29 -13.94 6.19
N THR A 79 -20.91 -13.18 7.08
CA THR A 79 -21.47 -11.88 6.71
C THR A 79 -20.62 -10.69 7.17
N GLU A 80 -19.64 -10.89 8.04
CA GLU A 80 -18.87 -9.77 8.58
C GLU A 80 -17.49 -10.27 8.96
N PRO A 81 -16.54 -9.36 9.18
CA PRO A 81 -15.21 -9.78 9.61
C PRO A 81 -15.24 -10.45 10.97
N LEU A 82 -14.23 -11.29 11.21
CA LEU A 82 -14.09 -12.01 12.46
C LEU A 82 -12.87 -11.50 13.22
N ASP A 83 -12.85 -11.79 14.52
CA ASP A 83 -11.75 -11.40 15.40
C ASP A 83 -11.38 -12.60 16.26
N ARG A 84 -10.19 -13.15 16.03
CA ARG A 84 -9.79 -14.36 16.75
C ARG A 84 -9.57 -14.07 18.23
N GLU A 85 -9.11 -12.86 18.58
CA GLU A 85 -8.88 -12.54 19.98
C GLU A 85 -10.17 -12.33 20.75
N ARG A 86 -11.29 -12.18 20.06
CA ARG A 86 -12.61 -12.11 20.68
C ARG A 86 -13.28 -13.47 20.71
N ILE A 87 -13.47 -14.08 19.54
CA ILE A 87 -14.02 -15.44 19.41
C ILE A 87 -13.10 -16.19 18.46
N ALA A 88 -12.42 -17.21 18.97
CA ALA A 88 -11.43 -17.94 18.19
C ALA A 88 -12.01 -19.14 17.46
N THR A 89 -13.21 -19.57 17.81
CA THR A 89 -13.81 -20.74 17.20
C THR A 89 -15.33 -20.65 17.31
N TYR A 90 -16.02 -21.13 16.28
CA TYR A 90 -17.47 -21.19 16.26
C TYR A 90 -17.92 -22.63 16.04
N THR A 91 -18.96 -23.06 16.74
CA THR A 91 -19.51 -24.40 16.60
C THR A 91 -20.94 -24.29 16.10
N LEU A 92 -21.16 -24.67 14.84
CA LEU A 92 -22.48 -24.62 14.22
C LEU A 92 -23.00 -26.03 13.98
N PHE A 93 -24.31 -26.11 13.78
CA PHE A 93 -24.98 -27.36 13.43
C PHE A 93 -25.85 -27.11 12.21
N SER A 94 -25.70 -27.93 11.19
CA SER A 94 -26.48 -27.80 9.97
C SER A 94 -27.64 -28.79 9.99
N HIS A 95 -28.74 -28.38 9.37
CA HIS A 95 -29.97 -29.15 9.37
C HIS A 95 -30.52 -29.25 7.95
N ALA A 96 -31.22 -30.34 7.66
CA ALA A 96 -31.78 -30.59 6.35
C ALA A 96 -33.20 -31.09 6.50
N VAL A 97 -34.15 -30.42 5.85
CA VAL A 97 -35.55 -30.82 5.88
C VAL A 97 -36.06 -30.96 4.46
N SER A 98 -37.09 -31.78 4.29
CA SER A 98 -37.74 -31.96 3.00
C SER A 98 -38.80 -30.88 2.79
N SER A 99 -39.53 -30.97 1.69
CA SER A 99 -40.60 -30.03 1.41
C SER A 99 -41.75 -30.14 2.41
N ASN A 100 -41.79 -31.21 3.20
CA ASN A 100 -42.80 -31.37 4.25
C ASN A 100 -42.38 -30.75 5.57
N GLY A 101 -41.10 -30.41 5.74
CA GLY A 101 -40.60 -29.86 6.98
C GLY A 101 -39.99 -30.89 7.91
N ASN A 102 -40.08 -32.16 7.59
CA ASN A 102 -39.46 -33.22 8.39
C ASN A 102 -37.96 -33.25 8.15
N ALA A 103 -37.21 -33.57 9.20
CA ALA A 103 -35.76 -33.67 9.09
C ALA A 103 -35.37 -34.93 8.31
N VAL A 104 -34.52 -34.75 7.30
CA VAL A 104 -34.05 -35.86 6.47
C VAL A 104 -32.61 -36.23 6.77
N GLU A 105 -31.97 -35.57 7.73
CA GLU A 105 -30.63 -35.95 8.18
C GLU A 105 -30.53 -35.70 9.68
N ASP A 106 -29.50 -36.28 10.27
CA ASP A 106 -29.16 -35.85 11.61
C ASP A 106 -28.35 -34.56 11.52
N PRO A 107 -28.50 -33.66 12.49
CA PRO A 107 -27.74 -32.40 12.45
C PRO A 107 -26.24 -32.67 12.36
N MET A 108 -25.59 -32.01 11.42
CA MET A 108 -24.17 -32.17 11.16
C MET A 108 -23.41 -31.06 11.87
N GLU A 109 -22.53 -31.43 12.79
CA GLU A 109 -21.75 -30.43 13.51
C GLU A 109 -20.65 -29.89 12.61
N ILE A 110 -20.49 -28.56 12.61
CA ILE A 110 -19.50 -27.87 11.81
C ILE A 110 -18.65 -26.99 12.72
N LEU A 111 -17.35 -27.02 12.53
CA LEU A 111 -16.42 -26.20 13.31
C LEU A 111 -15.85 -25.10 12.43
N ILE A 112 -16.02 -23.85 12.86
CA ILE A 112 -15.41 -22.70 12.21
C ILE A 112 -14.21 -22.28 13.05
N THR A 113 -13.03 -22.28 12.46
CA THR A 113 -11.82 -21.86 13.14
C THR A 113 -11.38 -20.52 12.56
N VAL A 114 -11.25 -19.52 13.42
CA VAL A 114 -10.83 -18.19 13.00
C VAL A 114 -9.31 -18.21 12.85
N THR A 115 -8.83 -18.11 11.62
CA THR A 115 -7.40 -18.14 11.36
C THR A 115 -6.75 -16.86 11.86
N ASP A 116 -5.69 -17.00 12.65
CA ASP A 116 -5.06 -15.85 13.30
C ASP A 116 -4.32 -14.98 12.29
N GLN A 117 -4.23 -13.70 12.61
CA GLN A 117 -3.37 -12.76 11.91
C GLN A 117 -2.54 -12.00 12.93
N ASN A 118 -1.37 -11.53 12.49
CA ASN A 118 -0.44 -10.82 13.37
C ASN A 118 -0.90 -9.37 13.47
N ASP A 119 -1.92 -9.14 14.31
CA ASP A 119 -2.53 -7.83 14.45
C ASP A 119 -2.45 -7.31 15.88
N ASN A 120 -1.55 -7.87 16.70
CA ASN A 120 -1.34 -7.39 18.06
C ASN A 120 0.16 -7.21 18.28
N LYS A 121 0.57 -5.99 18.58
CA LYS A 121 1.96 -5.77 18.97
C LYS A 121 2.23 -6.37 20.34
N PRO A 122 3.47 -6.79 20.60
CA PRO A 122 3.84 -7.12 21.98
C PRO A 122 3.71 -5.90 22.88
N GLU A 123 3.57 -6.16 24.18
CA GLU A 123 3.43 -5.10 25.17
C GLU A 123 4.20 -5.48 26.42
N PHE A 124 5.14 -4.62 26.82
CA PHE A 124 5.84 -4.82 28.08
C PHE A 124 4.89 -4.60 29.25
N THR A 125 5.05 -5.40 30.30
CA THR A 125 4.22 -5.26 31.49
C THR A 125 4.44 -3.94 32.20
N GLN A 126 5.60 -3.31 32.00
CA GLN A 126 5.92 -2.03 32.63
C GLN A 126 6.66 -1.17 31.63
N GLU A 127 6.43 0.14 31.71
CA GLU A 127 7.15 1.07 30.84
C GLU A 127 8.62 1.15 31.24
N VAL A 128 8.91 1.10 32.54
CA VAL A 128 10.27 1.24 33.05
C VAL A 128 10.52 0.11 34.03
N PHE A 129 11.57 -0.69 33.78
CA PHE A 129 11.96 -1.78 34.65
C PHE A 129 13.17 -1.38 35.49
N LYS A 130 13.18 -1.79 36.75
CA LYS A 130 14.25 -1.47 37.68
C LYS A 130 15.07 -2.70 38.01
N GLY A 131 16.40 -2.55 38.02
CA GLY A 131 17.29 -3.64 38.36
C GLY A 131 18.45 -3.16 39.20
N SER A 132 19.16 -4.13 39.79
CA SER A 132 20.32 -3.81 40.62
C SER A 132 21.36 -4.91 40.48
N VAL A 133 22.63 -4.52 40.59
CA VAL A 133 23.76 -5.44 40.51
C VAL A 133 24.92 -4.80 41.26
N MET A 134 25.84 -5.64 41.74
CA MET A 134 27.00 -5.16 42.47
C MET A 134 28.24 -5.14 41.57
N GLU A 135 29.26 -4.42 42.04
CA GLU A 135 30.46 -4.22 41.24
C GLU A 135 31.16 -5.55 40.95
N GLY A 136 31.92 -5.56 39.86
CA GLY A 136 32.77 -6.70 39.53
C GLY A 136 32.04 -8.00 39.36
N ALA A 137 30.79 -7.97 38.92
CA ALA A 137 30.02 -9.19 38.72
C ALA A 137 30.62 -9.99 37.58
N LEU A 138 30.77 -11.30 37.79
CA LEU A 138 31.27 -12.18 36.75
C LEU A 138 30.23 -12.34 35.65
N PRO A 139 30.66 -12.72 34.44
CA PRO A 139 29.70 -12.97 33.37
C PRO A 139 28.73 -14.09 33.72
N GLY A 140 27.52 -13.98 33.20
CA GLY A 140 26.46 -14.93 33.53
C GLY A 140 25.73 -14.66 34.82
N THR A 141 25.88 -13.47 35.40
CA THR A 141 25.24 -13.12 36.66
C THR A 141 23.89 -12.47 36.38
N SER A 142 22.81 -13.12 36.84
CA SER A 142 21.47 -12.56 36.67
C SER A 142 21.37 -11.19 37.34
N VAL A 143 20.80 -10.23 36.61
CA VAL A 143 20.63 -8.87 37.09
C VAL A 143 19.15 -8.53 37.28
N MET A 144 18.35 -8.72 36.23
CA MET A 144 16.94 -8.36 36.27
C MET A 144 16.23 -9.13 35.17
N GLU A 145 14.90 -9.01 35.16
CA GLU A 145 14.07 -9.70 34.18
C GLU A 145 13.02 -8.74 33.64
N VAL A 146 12.89 -8.70 32.31
CA VAL A 146 11.84 -7.95 31.65
C VAL A 146 10.88 -8.94 31.00
N THR A 147 9.61 -8.57 30.91
CA THR A 147 8.58 -9.46 30.40
C THR A 147 7.65 -8.69 29.48
N ALA A 148 7.15 -9.40 28.45
CA ALA A 148 6.20 -8.83 27.51
C ALA A 148 5.24 -9.93 27.07
N THR A 149 4.04 -9.52 26.66
CA THR A 149 3.01 -10.44 26.24
C THR A 149 2.56 -10.12 24.82
N ASP A 150 1.87 -11.06 24.20
CA ASP A 150 1.34 -10.88 22.85
C ASP A 150 0.02 -11.63 22.74
N ALA A 151 -1.00 -10.94 22.22
CA ALA A 151 -2.36 -11.47 22.24
C ALA A 151 -2.66 -12.44 21.10
N ASP A 152 -1.77 -12.58 20.12
CA ASP A 152 -2.05 -13.41 18.97
C ASP A 152 -1.91 -14.90 19.32
N ASP A 153 -2.11 -15.75 18.32
CA ASP A 153 -2.18 -17.19 18.51
C ASP A 153 -0.78 -17.75 18.73
N ASP A 154 -0.50 -18.16 19.97
CA ASP A 154 0.79 -18.75 20.30
C ASP A 154 0.85 -20.25 20.04
N VAL A 155 -0.27 -20.87 19.71
CA VAL A 155 -0.30 -22.32 19.51
C VAL A 155 -0.02 -22.70 18.06
N ASN A 156 -0.59 -21.96 17.11
CA ASN A 156 -0.51 -22.35 15.70
C ASN A 156 0.33 -21.41 14.84
N THR A 157 0.82 -20.30 15.38
CA THR A 157 1.68 -19.39 14.64
C THR A 157 2.80 -18.90 15.53
N TYR A 158 3.77 -18.20 14.91
CA TYR A 158 4.78 -17.46 15.64
C TYR A 158 4.40 -16.00 15.84
N ASN A 159 3.11 -15.66 15.65
CA ASN A 159 2.65 -14.29 15.81
C ASN A 159 2.70 -13.81 17.25
N ALA A 160 2.94 -14.71 18.20
CA ALA A 160 3.10 -14.33 19.60
C ALA A 160 4.43 -14.79 20.16
N ALA A 161 5.37 -15.14 19.29
CA ALA A 161 6.70 -15.63 19.69
C ALA A 161 7.61 -14.42 19.88
N ILE A 162 7.76 -13.99 21.12
CA ILE A 162 8.51 -12.78 21.46
C ILE A 162 9.98 -13.11 21.60
N ALA A 163 10.83 -12.27 21.01
CA ALA A 163 12.27 -12.35 21.13
C ALA A 163 12.79 -11.02 21.65
N TYR A 164 13.57 -11.06 22.73
CA TYR A 164 14.06 -9.87 23.40
C TYR A 164 15.47 -9.54 22.92
N THR A 165 15.70 -8.25 22.66
CA THR A 165 17.03 -7.76 22.28
C THR A 165 17.30 -6.45 23.02
N ILE A 166 18.59 -6.13 23.14
CA ILE A 166 19.03 -4.85 23.68
C ILE A 166 19.32 -3.91 22.52
N LEU A 167 18.80 -2.69 22.59
CA LEU A 167 18.99 -1.70 21.55
C LEU A 167 20.09 -0.69 21.90
N SER A 168 20.03 -0.09 23.08
CA SER A 168 20.98 0.93 23.47
C SER A 168 21.40 0.73 24.91
N GLN A 169 22.54 1.34 25.25
CA GLN A 169 23.09 1.30 26.60
C GLN A 169 23.76 2.64 26.87
N ASP A 170 23.40 3.28 27.97
CA ASP A 170 23.94 4.59 28.32
C ASP A 170 24.54 4.53 29.72
N PRO A 171 25.86 4.72 29.88
CA PRO A 171 26.79 4.94 28.77
C PRO A 171 27.41 3.65 28.24
N GLU A 172 28.31 3.77 27.26
CA GLU A 172 29.01 2.62 26.70
C GLU A 172 30.51 2.69 26.96
N LEU A 173 30.93 3.45 27.99
CA LEU A 173 32.36 3.70 28.16
C LEU A 173 33.13 2.48 28.63
N PRO A 174 32.70 1.73 29.66
CA PRO A 174 33.46 0.52 30.02
C PRO A 174 33.49 -0.51 28.91
N ASP A 175 32.37 -0.68 28.22
CA ASP A 175 32.30 -1.54 27.04
C ASP A 175 31.04 -1.18 26.29
N LYS A 176 31.04 -1.44 24.98
CA LYS A 176 29.87 -1.14 24.16
C LYS A 176 28.63 -1.87 24.67
N ASN A 177 28.80 -3.14 25.06
CA ASN A 177 27.72 -3.96 25.60
C ASN A 177 28.19 -4.54 26.92
N MET A 178 27.81 -3.90 28.02
CA MET A 178 28.12 -4.44 29.34
C MET A 178 27.17 -5.55 29.76
N PHE A 179 25.99 -5.64 29.14
CA PHE A 179 24.99 -6.63 29.49
C PHE A 179 24.54 -7.39 28.26
N THR A 180 23.93 -8.54 28.49
CA THR A 180 23.32 -9.35 27.44
C THR A 180 21.93 -9.79 27.90
N ILE A 181 21.04 -9.98 26.93
CA ILE A 181 19.69 -10.43 27.21
C ILE A 181 19.42 -11.68 26.39
N ASN A 182 18.62 -12.58 26.96
CA ASN A 182 18.25 -13.82 26.29
C ASN A 182 16.99 -13.61 25.47
N ARG A 183 16.99 -14.14 24.24
CA ARG A 183 15.88 -13.91 23.33
C ARG A 183 14.58 -14.54 23.83
N ASN A 184 14.68 -15.63 24.61
CA ASN A 184 13.48 -16.37 25.01
C ASN A 184 12.94 -15.89 26.36
N THR A 185 13.78 -15.92 27.39
CA THR A 185 13.29 -15.64 28.75
C THR A 185 13.27 -14.16 29.08
N GLY A 186 14.17 -13.37 28.50
CA GLY A 186 14.18 -11.95 28.78
C GLY A 186 14.92 -11.56 30.05
N VAL A 187 15.87 -12.37 30.49
CA VAL A 187 16.70 -12.03 31.65
C VAL A 187 17.94 -11.28 31.15
N ILE A 188 18.45 -10.39 31.99
CA ILE A 188 19.60 -9.55 31.66
C ILE A 188 20.75 -9.98 32.56
N SER A 189 21.81 -10.51 31.96
CA SER A 189 22.99 -10.94 32.69
C SER A 189 24.20 -10.13 32.25
N VAL A 190 25.19 -10.03 33.15
CA VAL A 190 26.44 -9.37 32.81
C VAL A 190 27.19 -10.22 31.79
N VAL A 191 27.94 -9.54 30.92
CA VAL A 191 28.64 -10.24 29.85
C VAL A 191 30.08 -9.75 29.77
N THR A 192 30.41 -8.69 30.50
CA THR A 192 31.76 -8.17 30.57
C THR A 192 32.13 -7.90 32.02
N THR A 193 33.43 -7.89 32.29
CA THR A 193 33.94 -7.91 33.66
C THR A 193 34.05 -6.53 34.31
N GLY A 194 34.31 -5.49 33.53
CA GLY A 194 34.61 -4.19 34.09
C GLY A 194 33.43 -3.39 34.60
N LEU A 195 32.94 -3.70 35.79
CA LEU A 195 31.86 -2.97 36.43
C LEU A 195 32.39 -2.25 37.66
N ASP A 196 32.15 -0.94 37.72
CA ASP A 196 32.70 -0.12 38.80
C ASP A 196 31.70 0.98 39.14
N ARG A 197 31.39 1.14 40.42
CA ARG A 197 30.44 2.17 40.84
C ARG A 197 31.07 3.56 40.87
N GLU A 198 32.36 3.65 41.21
CA GLU A 198 33.00 4.96 41.33
C GLU A 198 33.07 5.68 40.00
N SER A 199 33.13 4.94 38.90
CA SER A 199 33.24 5.54 37.57
C SER A 199 31.91 5.65 36.84
N PHE A 200 31.05 4.63 36.92
CA PHE A 200 29.76 4.64 36.23
C PHE A 200 28.72 3.95 37.11
N PRO A 201 27.86 4.71 37.79
CA PRO A 201 26.98 4.13 38.81
C PRO A 201 25.69 3.54 38.26
N THR A 202 25.15 4.11 37.19
CA THR A 202 23.85 3.72 36.67
C THR A 202 23.92 3.44 35.17
N TYR A 203 23.10 2.50 34.72
CA TYR A 203 22.98 2.15 33.31
C TYR A 203 21.52 2.20 32.90
N THR A 204 21.25 2.81 31.75
CA THR A 204 19.90 2.88 31.19
C THR A 204 19.91 2.17 29.84
N LEU A 205 19.30 1.00 29.80
CA LEU A 205 19.19 0.21 28.58
C LEU A 205 17.78 0.29 28.02
N VAL A 206 17.67 0.31 26.70
CA VAL A 206 16.39 0.24 26.00
C VAL A 206 16.27 -1.16 25.42
N VAL A 207 15.27 -1.91 25.89
CA VAL A 207 15.03 -3.25 25.42
C VAL A 207 13.89 -3.25 24.42
N GLN A 208 13.84 -4.28 23.58
CA GLN A 208 12.84 -4.40 22.54
C GLN A 208 12.26 -5.80 22.52
N ALA A 209 10.94 -5.88 22.42
CA ALA A 209 10.22 -7.14 22.29
C ALA A 209 9.56 -7.17 20.91
N ALA A 210 9.88 -8.20 20.13
CA ALA A 210 9.37 -8.32 18.77
C ALA A 210 8.84 -9.73 18.56
N ASP A 211 7.66 -9.83 17.96
CA ASP A 211 7.06 -11.13 17.66
C ASP A 211 7.66 -11.67 16.36
N LEU A 212 7.09 -12.78 15.86
CA LEU A 212 7.65 -13.51 14.71
C LEU A 212 9.11 -13.86 14.96
N GLN A 213 9.42 -14.18 16.21
CA GLN A 213 10.78 -14.55 16.64
C GLN A 213 11.76 -13.42 16.37
N GLY A 214 11.31 -12.18 16.60
CA GLY A 214 12.15 -11.00 16.47
C GLY A 214 12.05 -10.27 15.17
N GLU A 215 11.27 -10.77 14.21
CA GLU A 215 11.20 -10.18 12.87
C GLU A 215 9.93 -9.39 12.62
N GLY A 216 9.04 -9.27 13.60
CA GLY A 216 7.74 -8.65 13.37
C GLY A 216 7.48 -7.36 14.13
N LEU A 217 6.31 -7.26 14.74
CA LEU A 217 5.91 -6.04 15.41
C LEU A 217 6.75 -5.80 16.66
N SER A 218 7.10 -4.53 16.90
CA SER A 218 8.05 -4.17 17.93
C SER A 218 7.41 -3.30 18.99
N THR A 219 8.10 -3.22 20.14
CA THR A 219 7.75 -2.32 21.24
C THR A 219 9.00 -2.18 22.10
N THR A 220 9.10 -1.05 22.80
CA THR A 220 10.30 -0.72 23.57
C THR A 220 9.96 -0.43 25.02
N ALA A 221 10.94 -0.67 25.88
CA ALA A 221 10.88 -0.30 27.29
C ALA A 221 12.29 -0.01 27.77
N THR A 222 12.39 0.62 28.94
CA THR A 222 13.68 1.00 29.50
C THR A 222 13.93 0.22 30.77
N ALA A 223 15.14 -0.33 30.90
CA ALA A 223 15.60 -1.00 32.10
C ALA A 223 16.70 -0.15 32.74
N VAL A 224 16.48 0.27 33.97
CA VAL A 224 17.42 1.12 34.70
C VAL A 224 18.16 0.24 35.70
N ILE A 225 19.42 -0.07 35.40
CA ILE A 225 20.24 -0.92 36.26
C ILE A 225 21.16 -0.02 37.08
N THR A 226 21.07 -0.15 38.40
CA THR A 226 21.94 0.58 39.31
C THR A 226 23.00 -0.35 39.88
N VAL A 227 24.18 0.21 40.16
CA VAL A 227 25.33 -0.56 40.62
C VAL A 227 25.47 -0.38 42.13
N THR A 228 25.52 -1.49 42.85
CA THR A 228 25.68 -1.47 44.29
C THR A 228 27.16 -1.29 44.66
N ASP A 229 27.41 -0.55 45.73
CA ASP A 229 28.78 -0.26 46.15
C ASP A 229 29.40 -1.45 46.87
N THR A 230 30.68 -1.69 46.60
CA THR A 230 31.47 -2.68 47.32
C THR A 230 32.72 -2.00 47.87
N ASN A 231 33.30 -2.61 48.90
CA ASN A 231 34.48 -2.07 49.57
C ASN A 231 35.73 -2.49 48.79
N ASP A 232 35.94 -1.85 47.65
CA ASP A 232 37.09 -2.11 46.79
C ASP A 232 37.92 -0.85 46.58
N ASN A 233 37.90 0.05 47.56
CA ASN A 233 38.75 1.24 47.55
C ASN A 233 39.31 1.47 48.95
N PRO A 234 40.61 1.30 49.14
CA PRO A 234 41.19 1.44 50.48
C PRO A 234 41.30 2.90 50.87
N PRO A 235 41.24 3.19 52.17
CA PRO A 235 41.45 4.58 52.62
C PRO A 235 42.91 4.98 52.44
N ILE A 236 43.10 6.19 51.91
CA ILE A 236 44.44 6.72 51.62
C ILE A 236 44.64 7.97 52.46
N PHE A 237 45.71 7.98 53.25
CA PHE A 237 46.03 9.16 54.06
C PHE A 237 46.38 10.34 53.14
N ASN A 238 45.75 11.49 53.41
CA ASN A 238 46.04 12.67 52.58
C ASN A 238 47.46 13.17 52.80
N PRO A 239 47.91 13.46 54.04
CA PRO A 239 49.36 13.59 54.26
C PRO A 239 49.93 12.31 54.85
N THR A 240 50.98 11.76 54.23
CA THR A 240 51.53 10.50 54.69
C THR A 240 52.27 10.64 56.02
N THR A 241 52.72 11.84 56.38
CA THR A 241 53.49 12.06 57.59
C THR A 241 52.89 13.21 58.39
N TYR A 242 53.06 13.14 59.71
CA TYR A 242 52.57 14.17 60.61
C TYR A 242 53.63 14.47 61.66
N LYS A 243 53.45 15.60 62.34
CA LYS A 243 54.33 16.02 63.43
C LYS A 243 53.48 16.49 64.59
N GLY A 244 53.67 15.89 65.77
CA GLY A 244 52.90 16.22 66.94
C GLY A 244 53.78 16.72 68.08
N GLN A 245 53.13 17.31 69.07
CA GLN A 245 53.83 17.88 70.22
C GLN A 245 52.95 17.75 71.44
N VAL A 246 53.45 17.04 72.46
CA VAL A 246 52.66 16.76 73.66
C VAL A 246 53.54 16.98 74.89
N PRO A 247 53.02 17.61 75.95
CA PRO A 247 53.82 17.74 77.19
C PRO A 247 54.08 16.39 77.84
N GLU A 248 54.82 16.41 78.95
CA GLU A 248 55.24 15.16 79.59
C GLU A 248 54.05 14.45 80.25
N ASN A 249 53.72 14.84 81.48
CA ASN A 249 52.70 14.15 82.26
C ASN A 249 51.34 14.73 81.91
N GLU A 250 50.71 14.18 80.88
CA GLU A 250 49.38 14.60 80.46
C GLU A 250 48.70 13.46 79.72
N ALA A 251 47.36 13.43 79.82
CA ALA A 251 46.57 12.37 79.23
C ALA A 251 45.46 12.98 78.35
N ASN A 252 44.95 12.14 77.45
CA ASN A 252 43.90 12.50 76.49
C ASN A 252 44.13 13.89 75.89
N VAL A 253 45.37 14.13 75.47
CA VAL A 253 45.75 15.36 74.78
C VAL A 253 45.87 15.06 73.30
N VAL A 254 45.22 15.88 72.47
CA VAL A 254 45.23 15.66 71.03
C VAL A 254 46.62 15.96 70.49
N ILE A 255 47.25 14.95 69.87
CA ILE A 255 48.57 15.11 69.29
C ILE A 255 48.49 15.65 67.87
N THR A 256 47.69 15.01 67.02
CA THR A 256 47.50 15.44 65.64
C THR A 256 46.14 14.93 65.16
N THR A 257 45.77 15.32 63.94
CA THR A 257 44.52 14.89 63.32
C THR A 257 44.85 14.19 62.02
N LEU A 258 44.40 12.94 61.89
CA LEU A 258 44.65 12.15 60.69
C LEU A 258 43.63 12.49 59.61
N LYS A 259 44.10 12.55 58.36
CA LYS A 259 43.26 12.89 57.22
C LYS A 259 43.27 11.73 56.23
N VAL A 260 42.09 11.22 55.89
CA VAL A 260 41.95 10.11 54.96
C VAL A 260 40.87 10.46 53.93
N THR A 261 40.89 9.72 52.83
CA THR A 261 39.86 9.80 51.80
C THR A 261 39.56 8.40 51.29
N ASP A 262 38.28 8.15 51.01
CA ASP A 262 37.82 6.85 50.54
C ASP A 262 36.89 7.07 49.35
N ALA A 263 37.23 6.48 48.21
CA ALA A 263 36.46 6.67 46.99
C ALA A 263 35.09 6.00 47.03
N ASP A 264 34.85 5.12 48.00
CA ASP A 264 33.57 4.41 48.06
C ASP A 264 32.46 5.37 48.52
N ALA A 265 31.26 4.82 48.63
CA ALA A 265 30.09 5.63 48.95
C ALA A 265 30.23 6.25 50.34
N PRO A 266 30.11 7.56 50.47
CA PRO A 266 30.28 8.20 51.79
C PRO A 266 29.18 7.78 52.77
N ASN A 267 29.53 7.88 54.05
CA ASN A 267 28.63 7.55 55.15
C ASN A 267 28.14 6.10 55.09
N THR A 268 28.94 5.23 54.50
CA THR A 268 28.67 3.80 54.45
C THR A 268 29.79 3.06 55.17
N PRO A 269 29.55 1.81 55.59
CA PRO A 269 30.61 1.05 56.27
C PRO A 269 31.89 0.90 55.46
N ALA A 270 31.83 1.03 54.13
CA ALA A 270 33.02 0.99 53.31
C ALA A 270 33.75 2.33 53.24
N TRP A 271 33.23 3.36 53.90
CA TRP A 271 33.83 4.69 53.92
C TRP A 271 34.31 5.13 55.29
N GLU A 272 33.71 4.60 56.36
CA GLU A 272 34.13 4.94 57.71
C GLU A 272 35.49 4.33 58.01
N ALA A 273 36.39 5.14 58.57
CA ALA A 273 37.76 4.72 58.82
C ALA A 273 37.89 4.05 60.17
N VAL A 274 38.77 3.04 60.24
CA VAL A 274 39.07 2.32 61.47
C VAL A 274 40.58 2.35 61.63
N TYR A 275 41.07 3.27 62.46
CA TYR A 275 42.51 3.44 62.66
C TYR A 275 43.02 2.47 63.72
N THR A 276 44.20 1.91 63.47
CA THR A 276 44.81 0.95 64.36
C THR A 276 46.30 1.23 64.47
N ILE A 277 46.76 1.56 65.68
CA ILE A 277 48.17 1.81 65.92
C ILE A 277 48.91 0.47 65.96
N LEU A 278 50.02 0.40 65.24
CA LEU A 278 50.76 -0.85 65.09
C LEU A 278 51.78 -1.06 66.22
N ASN A 279 52.63 -0.07 66.46
CA ASN A 279 53.72 -0.20 67.43
C ASN A 279 53.42 0.65 68.66
N ASP A 280 52.46 0.17 69.47
CA ASP A 280 52.14 0.78 70.76
C ASP A 280 51.80 -0.36 71.74
N ASP A 281 52.82 -1.15 72.07
CA ASP A 281 52.62 -2.30 72.94
C ASP A 281 52.23 -1.88 74.36
N GLY A 282 52.73 -0.73 74.82
CA GLY A 282 52.39 -0.25 76.14
C GLY A 282 51.00 0.33 76.26
N GLY A 283 50.38 0.71 75.15
CA GLY A 283 49.05 1.30 75.19
C GLY A 283 49.02 2.73 75.67
N GLN A 284 50.05 3.52 75.36
CA GLN A 284 50.10 4.90 75.82
C GLN A 284 49.21 5.82 75.00
N PHE A 285 48.91 5.46 73.75
CA PHE A 285 48.16 6.32 72.86
C PHE A 285 46.87 5.64 72.44
N VAL A 286 45.91 6.45 72.00
CA VAL A 286 44.61 5.96 71.54
C VAL A 286 44.13 6.87 70.43
N VAL A 287 43.56 6.29 69.38
CA VAL A 287 43.04 7.03 68.24
C VAL A 287 41.58 6.65 68.05
N THR A 288 40.73 7.67 67.91
CA THR A 288 39.30 7.49 67.74
C THR A 288 38.85 8.18 66.46
N THR A 289 37.91 7.57 65.75
CA THR A 289 37.44 8.08 64.47
C THR A 289 36.36 9.13 64.68
N ASN A 290 36.61 10.34 64.20
CA ASN A 290 35.60 11.39 64.28
C ASN A 290 34.52 11.14 63.24
N PRO A 291 33.25 10.98 63.65
CA PRO A 291 32.22 10.62 62.66
C PRO A 291 31.89 11.74 61.69
N VAL A 292 32.10 13.00 62.07
CA VAL A 292 31.70 14.11 61.21
C VAL A 292 32.63 14.21 60.01
N ASN A 293 33.93 14.18 60.24
CA ASN A 293 34.94 14.38 59.21
C ASN A 293 35.58 13.08 58.73
N ASN A 294 35.27 11.95 59.36
CA ASN A 294 35.94 10.68 59.11
C ASN A 294 37.45 10.79 59.36
N ASP A 295 37.84 11.64 60.31
CA ASP A 295 39.23 11.89 60.63
C ASP A 295 39.68 11.04 61.81
N GLY A 296 40.99 11.02 62.03
CA GLY A 296 41.56 10.28 63.14
C GLY A 296 42.17 11.19 64.19
N ILE A 297 41.54 11.23 65.37
CA ILE A 297 42.01 12.07 66.47
C ILE A 297 42.93 11.22 67.35
N LEU A 298 44.23 11.52 67.30
CA LEU A 298 45.23 10.78 68.04
C LEU A 298 45.47 11.46 69.39
N LYS A 299 45.14 10.76 70.47
CA LYS A 299 45.30 11.27 71.82
C LYS A 299 46.29 10.39 72.59
N THR A 300 46.60 10.82 73.81
CA THR A 300 47.45 10.06 74.72
C THR A 300 46.55 9.39 75.75
N ALA A 301 46.44 8.05 75.67
CA ALA A 301 45.63 7.32 76.63
C ALA A 301 46.21 7.41 78.03
N LYS A 302 47.52 7.21 78.15
CA LYS A 302 48.22 7.28 79.43
C LYS A 302 49.03 8.56 79.50
N GLY A 303 49.78 8.70 80.60
CA GLY A 303 50.70 9.80 80.75
C GLY A 303 52.11 9.40 80.32
N LEU A 304 52.79 10.31 79.63
CA LEU A 304 54.10 10.06 79.09
C LEU A 304 55.19 10.57 80.03
N ASP A 305 56.36 9.95 79.96
CA ASP A 305 57.50 10.32 80.78
C ASP A 305 58.64 10.73 79.85
N PHE A 306 59.03 12.01 79.92
CA PHE A 306 60.07 12.51 79.02
C PHE A 306 61.40 11.80 79.26
N GLU A 307 61.72 11.50 80.52
CA GLU A 307 62.97 10.81 80.83
C GLU A 307 62.93 9.34 80.45
N ALA A 308 61.76 8.79 80.12
CA ALA A 308 61.67 7.41 79.66
C ALA A 308 61.96 7.33 78.15
N LYS A 309 61.18 8.03 77.35
CA LYS A 309 61.38 8.09 75.91
C LYS A 309 61.01 9.48 75.41
N GLN A 310 61.93 10.13 74.72
CA GLN A 310 61.74 11.51 74.32
C GLN A 310 61.03 11.67 72.99
N GLN A 311 61.03 10.65 72.14
CA GLN A 311 60.40 10.74 70.83
C GLN A 311 59.75 9.41 70.49
N TYR A 312 58.63 9.49 69.77
CA TYR A 312 57.90 8.30 69.34
C TYR A 312 57.63 8.40 67.84
N ILE A 313 57.92 7.32 67.13
CA ILE A 313 57.60 7.20 65.71
C ILE A 313 56.51 6.13 65.58
N LEU A 314 55.27 6.57 65.54
CA LEU A 314 54.13 5.66 65.53
C LEU A 314 53.67 5.39 64.11
N HIS A 315 53.35 4.13 63.84
CA HIS A 315 52.79 3.70 62.55
C HIS A 315 51.34 3.31 62.78
N VAL A 316 50.43 4.02 62.12
CA VAL A 316 49.00 3.77 62.25
C VAL A 316 48.45 3.34 60.89
N ALA A 317 47.70 2.25 60.88
CA ALA A 317 47.06 1.72 59.68
C ALA A 317 45.57 2.02 59.71
N VAL A 318 45.01 2.37 58.56
CA VAL A 318 43.61 2.71 58.42
C VAL A 318 42.92 1.63 57.60
N THR A 319 41.74 1.20 58.06
CA THR A 319 40.93 0.23 57.35
C THR A 319 39.49 0.73 57.36
N ASN A 320 38.55 -0.18 57.12
CA ASN A 320 37.13 0.14 57.14
C ASN A 320 36.41 -0.77 58.12
N VAL A 321 35.16 -0.41 58.42
CA VAL A 321 34.35 -1.23 59.31
C VAL A 321 34.14 -2.62 58.73
N VAL A 322 33.84 -2.69 57.44
CA VAL A 322 33.66 -3.96 56.75
C VAL A 322 34.99 -4.37 56.12
N PRO A 323 35.25 -5.67 55.96
CA PRO A 323 36.52 -6.09 55.34
C PRO A 323 36.62 -5.64 53.89
N PHE A 324 37.86 -5.66 53.40
CA PHE A 324 38.14 -5.20 52.04
C PHE A 324 37.79 -6.29 51.04
N GLU A 325 36.83 -6.02 50.16
CA GLU A 325 36.63 -6.87 49.01
C GLU A 325 37.80 -6.72 48.05
N VAL A 326 38.09 -7.79 47.31
CA VAL A 326 39.32 -7.90 46.50
C VAL A 326 40.52 -7.75 47.43
N SER A 327 41.69 -7.45 46.88
CA SER A 327 42.92 -7.31 47.67
C SER A 327 43.64 -6.04 47.21
N LEU A 328 43.69 -5.05 48.09
CA LEU A 328 44.41 -3.81 47.85
C LEU A 328 45.64 -3.75 48.76
N THR A 329 46.18 -2.54 48.95
CA THR A 329 47.32 -2.31 49.84
C THR A 329 46.90 -1.34 50.92
N THR A 330 46.92 -1.80 52.18
CA THR A 330 46.49 -0.96 53.29
C THR A 330 47.47 0.20 53.47
N SER A 331 46.94 1.41 53.49
CA SER A 331 47.78 2.59 53.68
C SER A 331 48.22 2.70 55.13
N THR A 332 49.51 2.93 55.34
CA THR A 332 50.09 3.07 56.66
C THR A 332 50.74 4.43 56.78
N ALA A 333 50.45 5.14 57.87
CA ALA A 333 50.92 6.50 58.05
C ALA A 333 52.10 6.55 59.02
N THR A 334 52.65 7.75 59.19
CA THR A 334 53.79 7.99 60.07
C THR A 334 53.54 9.28 60.82
N VAL A 335 53.67 9.25 62.14
CA VAL A 335 53.45 10.43 62.98
C VAL A 335 54.58 10.49 64.00
N THR A 336 55.32 11.61 63.98
CA THR A 336 56.42 11.83 64.91
C THR A 336 55.87 12.53 66.16
N VAL A 337 56.03 11.88 67.31
CA VAL A 337 55.54 12.42 68.58
C VAL A 337 56.74 12.90 69.39
N ASP A 338 56.80 14.21 69.63
CA ASP A 338 57.87 14.81 70.41
C ASP A 338 57.36 15.10 71.82
N VAL A 339 57.98 14.47 72.81
CA VAL A 339 57.61 14.70 74.20
C VAL A 339 58.30 15.96 74.71
N LEU A 340 57.59 16.74 75.51
CA LEU A 340 58.12 17.97 76.08
C LEU A 340 58.54 17.74 77.52
N ASP A 341 59.68 18.31 77.90
CA ASP A 341 60.22 18.12 79.23
C ASP A 341 59.55 19.10 80.20
N VAL A 342 58.96 18.56 81.26
CA VAL A 342 58.33 19.36 82.31
C VAL A 342 59.10 19.11 83.60
N ASN A 343 59.44 20.18 84.31
CA ASN A 343 60.18 20.05 85.55
C ASN A 343 59.36 19.30 86.59
N GLU A 344 59.98 18.31 87.22
CA GLU A 344 59.33 17.47 88.20
C GLU A 344 60.04 17.60 89.54
N ALA A 345 59.31 17.33 90.61
CA ALA A 345 59.83 17.53 91.96
C ALA A 345 60.87 16.46 92.29
N PRO A 346 61.89 16.81 93.08
CA PRO A 346 62.86 15.80 93.51
C PRO A 346 62.21 14.80 94.45
N ILE A 347 62.47 13.52 94.22
CA ILE A 347 61.94 12.45 95.03
C ILE A 347 62.97 12.04 96.07
N PHE A 348 62.58 12.04 97.34
CA PHE A 348 63.49 11.64 98.40
C PHE A 348 63.68 10.13 98.40
N VAL A 349 64.92 9.71 98.60
CA VAL A 349 65.26 8.29 98.66
C VAL A 349 65.93 8.01 100.00
N PRO A 350 65.26 7.33 100.95
CA PRO A 350 63.89 6.81 100.86
C PRO A 350 62.83 7.87 101.14
N PRO A 351 61.55 7.57 100.90
CA PRO A 351 60.49 8.56 101.20
C PRO A 351 60.41 8.91 102.68
N GLU A 352 60.68 7.96 103.58
CA GLU A 352 60.75 8.26 105.01
C GLU A 352 61.98 7.57 105.58
N LYS A 353 62.84 8.36 106.22
CA LYS A 353 64.10 7.87 106.77
C LYS A 353 63.97 7.73 108.28
N ARG A 354 64.25 6.53 108.79
CA ARG A 354 64.17 6.24 110.21
C ARG A 354 65.58 6.23 110.80
N VAL A 355 65.80 7.03 111.84
CA VAL A 355 67.09 7.13 112.51
C VAL A 355 66.85 7.10 114.01
N GLU A 356 67.60 6.25 114.71
CA GLU A 356 67.49 6.11 116.16
C GLU A 356 68.54 7.00 116.83
N VAL A 357 68.07 7.98 117.60
CA VAL A 357 68.94 8.91 118.30
C VAL A 357 68.49 8.98 119.76
N SER A 358 69.46 8.99 120.67
CA SER A 358 69.14 9.05 122.09
C SER A 358 68.49 10.38 122.44
N GLU A 359 67.58 10.32 123.42
CA GLU A 359 66.86 11.52 123.85
C GLU A 359 67.82 12.61 124.31
N ASP A 360 68.88 12.24 125.02
CA ASP A 360 69.88 13.19 125.50
C ASP A 360 70.95 13.42 124.43
N PHE A 361 70.49 13.88 123.27
CA PHE A 361 71.36 14.11 122.13
C PHE A 361 72.01 15.48 122.21
N GLY A 362 73.27 15.56 121.82
CA GLY A 362 73.98 16.82 121.86
C GLY A 362 73.31 17.85 120.96
N VAL A 363 73.32 19.11 121.42
CA VAL A 363 72.64 20.17 120.69
C VAL A 363 73.32 20.44 119.35
N GLY A 364 74.65 20.50 119.34
CA GLY A 364 75.36 20.77 118.10
C GLY A 364 75.52 19.59 117.17
N GLN A 365 75.30 18.37 117.66
CA GLN A 365 75.61 17.18 116.88
C GLN A 365 74.69 17.05 115.67
N GLU A 366 75.10 16.18 114.75
CA GLU A 366 74.38 15.91 113.51
C GLU A 366 73.66 14.57 113.60
N ILE A 367 72.41 14.54 113.15
CA ILE A 367 71.62 13.32 113.22
C ILE A 367 71.88 12.43 112.02
N THR A 368 71.57 12.94 110.82
CA THR A 368 71.76 12.18 109.58
C THR A 368 71.81 13.17 108.43
N SER A 369 71.92 12.62 107.21
CA SER A 369 71.88 13.41 105.98
C SER A 369 70.81 12.82 105.08
N TYR A 370 69.81 13.63 104.75
CA TYR A 370 68.64 13.20 103.99
C TYR A 370 68.75 13.79 102.58
N THR A 371 68.98 12.92 101.59
CA THR A 371 69.22 13.34 100.22
C THR A 371 68.06 12.93 99.32
N ALA A 372 67.72 13.81 98.39
CA ALA A 372 66.73 13.55 97.36
C ALA A 372 67.41 13.50 96.00
N GLN A 373 66.69 12.96 95.02
CA GLN A 373 67.20 12.82 93.66
C GLN A 373 66.31 13.57 92.68
N GLU A 374 66.92 14.23 91.71
CA GLU A 374 66.19 14.99 90.71
C GLU A 374 65.82 14.10 89.54
N PRO A 375 64.53 13.93 89.22
CA PRO A 375 64.17 13.07 88.09
C PRO A 375 64.53 13.66 86.73
N ASP A 376 64.45 14.98 86.59
CA ASP A 376 64.76 15.63 85.32
C ASP A 376 66.22 15.39 84.93
N THR A 377 66.42 14.65 83.83
CA THR A 377 67.78 14.37 83.37
C THR A 377 68.48 15.63 82.90
N PHE A 378 67.75 16.60 82.36
CA PHE A 378 68.37 17.86 81.98
C PHE A 378 68.86 18.58 83.23
N MET A 379 70.11 19.05 83.18
CA MET A 379 70.81 19.49 84.38
C MET A 379 70.46 20.91 84.79
N GLU A 380 71.45 21.63 85.34
CA GLU A 380 71.31 22.97 85.91
C GLU A 380 70.36 22.99 87.10
N GLN A 381 69.96 21.83 87.60
CA GLN A 381 69.05 21.75 88.74
C GLN A 381 69.82 21.97 90.04
N LYS A 382 69.32 22.87 90.88
CA LYS A 382 69.94 23.17 92.16
C LYS A 382 68.96 22.81 93.27
N ILE A 383 69.26 21.75 94.01
CA ILE A 383 68.41 21.28 95.10
C ILE A 383 68.83 21.99 96.38
N THR A 384 67.89 22.69 97.00
CA THR A 384 68.12 23.37 98.28
C THR A 384 67.10 22.85 99.28
N TYR A 385 67.60 22.16 100.31
CA TYR A 385 66.73 21.58 101.33
C TYR A 385 66.38 22.62 102.38
N ARG A 386 65.14 22.58 102.86
CA ARG A 386 64.68 23.49 103.89
C ARG A 386 63.76 22.75 104.86
N ILE A 387 63.81 23.16 106.13
CA ILE A 387 62.95 22.56 107.14
C ILE A 387 61.52 23.00 106.93
N TRP A 388 60.60 22.03 106.89
CA TRP A 388 59.19 22.31 106.60
C TRP A 388 58.35 22.19 107.86
N ARG A 389 58.18 20.98 108.40
CA ARG A 389 57.38 20.75 109.60
C ARG A 389 58.32 20.45 110.76
N ASP A 390 58.40 21.39 111.72
CA ASP A 390 59.23 21.25 112.91
C ASP A 390 58.49 21.95 114.05
N THR A 391 57.50 21.26 114.61
CA THR A 391 56.61 21.87 115.61
C THR A 391 57.33 22.17 116.92
N ALA A 392 58.42 21.48 117.22
CA ALA A 392 59.18 21.73 118.43
C ALA A 392 60.38 22.62 118.19
N ASN A 393 60.65 22.99 116.94
CA ASN A 393 61.84 23.77 116.57
C ASN A 393 63.11 23.11 117.12
N TRP A 394 63.19 21.80 116.94
CA TRP A 394 64.32 21.01 117.39
C TRP A 394 65.37 20.76 116.31
N LEU A 395 65.07 21.07 115.06
CA LEU A 395 65.91 20.67 113.94
C LEU A 395 66.30 21.87 113.09
N GLU A 396 67.47 21.76 112.46
CA GLU A 396 67.92 22.67 111.43
C GLU A 396 68.58 21.85 110.34
N ILE A 397 68.59 22.39 109.12
CA ILE A 397 69.15 21.68 107.98
C ILE A 397 69.98 22.65 107.15
N ASN A 398 71.00 22.11 106.48
CA ASN A 398 71.84 22.88 105.57
C ASN A 398 71.23 22.84 104.17
N PRO A 399 71.11 23.99 103.49
CA PRO A 399 70.47 23.99 102.17
C PRO A 399 71.22 23.19 101.12
N ASP A 400 72.55 23.09 101.23
CA ASP A 400 73.34 22.42 100.20
C ASP A 400 73.52 20.93 100.49
N THR A 401 73.92 20.59 101.71
CA THR A 401 74.25 19.20 102.04
C THR A 401 73.05 18.38 102.47
N GLY A 402 72.00 19.02 102.97
CA GLY A 402 70.86 18.27 103.48
C GLY A 402 71.11 17.61 104.82
N ALA A 403 72.13 18.06 105.56
CA ALA A 403 72.44 17.48 106.86
C ALA A 403 71.52 18.07 107.92
N ILE A 404 70.96 17.20 108.76
CA ILE A 404 70.01 17.59 109.79
C ILE A 404 70.74 17.67 111.12
N SER A 405 70.78 18.86 111.72
CA SER A 405 71.43 19.08 112.99
C SER A 405 70.41 19.51 114.04
N THR A 406 70.73 19.21 115.30
CA THR A 406 69.85 19.55 116.41
C THR A 406 69.96 21.04 116.73
N ARG A 407 68.89 21.59 117.30
CA ARG A 407 68.86 22.99 117.70
C ARG A 407 68.53 23.21 119.16
N ALA A 408 67.72 22.34 119.76
CA ALA A 408 67.38 22.44 121.18
C ALA A 408 67.64 21.07 121.82
N GLU A 409 67.11 20.87 123.02
CA GLU A 409 67.26 19.60 123.72
C GLU A 409 66.05 18.71 123.40
N LEU A 410 66.34 17.50 122.92
CA LEU A 410 65.28 16.56 122.58
C LEU A 410 64.66 15.98 123.85
N ASP A 411 63.35 15.72 123.78
CA ASP A 411 62.60 15.21 124.92
C ASP A 411 61.66 14.11 124.44
N ARG A 412 61.86 12.89 124.92
CA ARG A 412 60.99 11.79 124.53
C ARG A 412 59.62 11.89 125.19
N GLU A 413 59.56 12.50 126.37
CA GLU A 413 58.32 12.57 127.14
C GLU A 413 57.41 13.72 126.75
N ASP A 414 57.83 14.55 125.78
CA ASP A 414 56.96 15.63 125.30
C ASP A 414 55.74 15.02 124.61
N PHE A 415 54.58 15.12 125.28
CA PHE A 415 53.39 14.43 124.78
C PHE A 415 52.72 15.17 123.63
N GLU A 416 53.03 16.45 123.42
CA GLU A 416 52.42 17.20 122.33
C GLU A 416 53.18 16.99 121.03
N HIS A 417 54.50 17.19 121.05
CA HIS A 417 55.29 17.07 119.83
C HIS A 417 55.66 15.62 119.53
N VAL A 418 55.87 14.80 120.56
CA VAL A 418 56.22 13.40 120.36
C VAL A 418 55.05 12.54 120.83
N LYS A 419 54.08 12.32 119.95
CA LYS A 419 52.90 11.54 120.32
C LYS A 419 53.27 10.11 120.68
N ASN A 420 53.79 9.36 119.71
CA ASN A 420 54.34 8.04 119.99
C ASN A 420 55.74 8.21 120.54
N SER A 421 56.52 7.13 120.57
CA SER A 421 57.93 7.25 120.93
C SER A 421 58.77 7.83 119.80
N THR A 422 58.15 8.20 118.69
CA THR A 422 58.83 8.72 117.52
C THR A 422 58.42 10.17 117.28
N TYR A 423 59.35 10.95 116.72
CA TYR A 423 59.10 12.33 116.34
C TYR A 423 59.15 12.45 114.82
N THR A 424 58.13 13.08 114.25
CA THR A 424 57.97 13.18 112.80
C THR A 424 58.31 14.60 112.33
N ALA A 425 59.17 14.69 111.33
CA ALA A 425 59.54 15.97 110.73
C ALA A 425 59.42 15.87 109.22
N LEU A 426 59.29 17.04 108.58
CA LEU A 426 59.16 17.13 107.14
C LEU A 426 60.24 18.04 106.57
N ILE A 427 60.86 17.61 105.48
CA ILE A 427 61.89 18.36 104.79
C ILE A 427 61.50 18.51 103.33
N ILE A 428 61.55 19.72 102.82
CA ILE A 428 61.25 19.99 101.42
C ILE A 428 62.54 20.01 100.63
N ALA A 429 62.41 20.06 99.30
CA ALA A 429 63.57 20.12 98.41
C ALA A 429 63.17 20.95 97.19
N THR A 430 63.33 22.27 97.30
CA THR A 430 63.00 23.18 96.20
C THR A 430 64.07 23.09 95.12
N ASP A 431 63.64 23.00 93.86
CA ASP A 431 64.53 22.80 92.72
C ASP A 431 64.70 24.09 91.94
N ASN A 432 65.21 23.95 90.72
CA ASN A 432 65.34 25.04 89.77
C ASN A 432 64.67 24.63 88.46
N GLY A 433 63.97 25.58 87.85
CA GLY A 433 63.31 25.32 86.59
C GLY A 433 62.17 26.28 86.36
N SER A 434 61.69 26.29 85.11
CA SER A 434 60.58 27.16 84.77
C SER A 434 59.33 26.88 85.61
N PRO A 435 58.92 25.62 85.82
CA PRO A 435 57.93 25.37 86.89
C PRO A 435 58.62 24.82 88.13
N VAL A 436 58.87 25.69 89.12
CA VAL A 436 59.57 25.29 90.32
C VAL A 436 58.72 24.29 91.11
N ALA A 437 59.31 23.14 91.40
CA ALA A 437 58.61 22.06 92.09
C ALA A 437 59.27 21.77 93.43
N THR A 438 58.48 21.27 94.37
CA THR A 438 58.94 21.06 95.75
C THR A 438 58.63 19.63 96.17
N GLY A 439 59.67 18.81 96.28
CA GLY A 439 59.53 17.46 96.79
C GLY A 439 59.71 17.44 98.30
N THR A 440 58.81 16.74 98.99
CA THR A 440 58.76 16.75 100.45
C THR A 440 59.00 15.34 100.99
N GLY A 441 59.84 15.25 102.02
CA GLY A 441 60.16 13.97 102.62
C GLY A 441 59.91 13.97 104.12
N THR A 442 59.85 12.77 104.68
CA THR A 442 59.48 12.55 106.07
C THR A 442 60.66 11.99 106.85
N LEU A 443 60.87 12.52 108.06
CA LEU A 443 61.93 12.07 108.95
C LEU A 443 61.31 11.46 110.20
N LEU A 444 61.58 10.17 110.42
CA LEU A 444 61.09 9.45 111.59
C LEU A 444 62.24 9.36 112.59
N LEU A 445 62.14 10.12 113.68
CA LEU A 445 63.20 10.22 114.69
C LEU A 445 62.76 9.50 115.95
N ILE A 446 63.29 8.30 116.16
CA ILE A 446 63.00 7.53 117.36
C ILE A 446 63.93 8.01 118.48
N LEU A 447 63.34 8.31 119.64
CA LEU A 447 64.08 8.88 120.76
C LEU A 447 64.28 7.80 121.83
N SER A 448 65.55 7.49 122.12
CA SER A 448 65.87 6.49 123.11
C SER A 448 65.67 7.04 124.52
N ASP A 449 64.88 6.34 125.33
CA ASP A 449 64.53 6.84 126.65
C ASP A 449 65.72 6.77 127.59
N VAL A 450 65.95 7.87 128.32
CA VAL A 450 66.94 7.92 129.39
C VAL A 450 66.21 8.29 130.67
N ASN A 451 66.72 7.78 131.80
CA ASN A 451 66.08 7.96 133.09
C ASN A 451 66.25 9.40 133.55
N ASP A 452 65.43 10.30 132.98
CA ASP A 452 65.48 11.71 133.31
C ASP A 452 64.19 12.21 133.97
N ASN A 453 63.30 11.31 134.38
CA ASN A 453 62.10 11.68 135.12
C ASN A 453 62.03 10.90 136.42
N ALA A 454 61.43 11.52 137.43
CA ALA A 454 61.35 10.95 138.76
C ALA A 454 59.89 10.75 139.15
N PRO A 455 59.59 9.74 139.97
CA PRO A 455 58.20 9.38 140.23
C PRO A 455 57.43 10.45 141.01
N ILE A 456 56.13 10.53 140.73
CA ILE A 456 55.23 11.44 141.43
C ILE A 456 53.94 10.72 141.77
N PRO A 457 53.25 11.17 142.81
CA PRO A 457 51.98 10.54 143.17
C PRO A 457 50.83 11.04 142.31
N GLU A 458 49.95 10.12 141.90
CA GLU A 458 48.85 10.51 141.03
C GLU A 458 47.78 11.29 141.78
N PRO A 459 47.27 10.83 142.94
CA PRO A 459 46.40 11.71 143.74
C PRO A 459 47.19 12.45 144.81
N ARG A 460 47.58 13.69 144.52
CA ARG A 460 48.35 14.47 145.48
CA ARG A 460 48.35 14.47 145.48
C ARG A 460 47.48 15.05 146.59
N THR A 461 46.17 15.08 146.41
CA THR A 461 45.23 15.54 147.43
C THR A 461 44.40 14.34 147.88
N ILE A 462 44.53 13.99 149.16
CA ILE A 462 43.86 12.83 149.74
C ILE A 462 42.97 13.31 150.89
N PHE A 463 41.85 12.63 151.08
CA PHE A 463 40.91 12.96 152.14
C PHE A 463 40.66 11.73 153.01
N PHE A 464 40.68 11.93 154.33
CA PHE A 464 40.35 10.89 155.30
C PHE A 464 39.27 11.39 156.23
N CYS A 465 38.36 10.51 156.61
CA CYS A 465 37.38 10.85 157.64
C CYS A 465 38.01 10.77 159.02
N GLU A 466 37.63 11.71 159.89
CA GLU A 466 38.18 11.74 161.24
C GLU A 466 37.89 10.43 161.98
N ARG A 467 36.68 9.92 161.85
CA ARG A 467 36.26 8.70 162.55
C ARG A 467 36.31 7.51 161.59
N ASN A 468 37.05 6.47 161.99
CA ASN A 468 37.17 5.23 161.24
C ASN A 468 37.59 5.52 159.79
N PRO A 469 38.82 6.01 159.59
CA PRO A 469 39.22 6.40 158.22
C PRO A 469 39.39 5.19 157.32
N LYS A 470 39.31 5.46 156.02
CA LYS A 470 39.50 4.46 154.98
C LYS A 470 40.86 4.67 154.33
N PRO A 471 41.71 3.65 154.31
CA PRO A 471 43.02 3.81 153.65
C PRO A 471 42.86 4.16 152.18
N GLN A 472 43.75 5.03 151.69
CA GLN A 472 43.67 5.54 150.33
C GLN A 472 44.88 5.07 149.53
N VAL A 473 44.61 4.49 148.36
CA VAL A 473 45.67 4.06 147.45
C VAL A 473 46.20 5.27 146.69
N ILE A 474 47.51 5.37 146.60
CA ILE A 474 48.18 6.45 145.87
C ILE A 474 49.00 5.81 144.76
N ASN A 475 48.60 6.05 143.51
CA ASN A 475 49.38 5.54 142.39
C ASN A 475 50.68 6.35 142.22
N ILE A 476 51.65 5.73 141.58
CA ILE A 476 52.95 6.34 141.33
C ILE A 476 53.15 6.42 139.83
N ILE A 477 53.48 7.61 139.34
CA ILE A 477 53.58 7.89 137.91
C ILE A 477 55.01 8.28 137.59
N ASP A 478 55.59 7.64 136.58
CA ASP A 478 56.93 7.95 136.10
C ASP A 478 56.90 8.03 134.59
N ALA A 479 57.29 9.19 134.05
CA ALA A 479 57.10 9.47 132.63
C ALA A 479 58.02 8.67 131.72
N ASP A 480 59.03 8.01 132.26
CA ASP A 480 59.98 7.27 131.43
C ASP A 480 59.40 5.90 131.04
N LEU A 481 60.21 5.09 130.39
CA LEU A 481 59.86 3.73 130.03
C LEU A 481 60.72 2.74 130.80
N PRO A 482 60.25 1.51 130.99
CA PRO A 482 61.07 0.52 131.68
C PRO A 482 62.37 0.29 130.94
N PRO A 483 63.45 -0.06 131.66
CA PRO A 483 63.47 -0.31 133.11
C PRO A 483 63.71 0.94 133.97
N ASN A 484 63.23 2.09 133.51
CA ASN A 484 63.34 3.34 134.27
C ASN A 484 62.06 3.66 135.03
N THR A 485 61.14 2.70 135.16
CA THR A 485 59.92 2.86 135.95
C THR A 485 59.69 1.65 136.87
N SER A 486 60.67 0.75 136.97
CA SER A 486 60.53 -0.53 137.63
C SER A 486 60.31 -0.34 139.13
N PRO A 487 59.97 -1.44 139.90
CA PRO A 487 59.45 -1.31 141.26
C PRO A 487 58.87 0.03 141.70
N PHE A 488 59.70 0.92 142.26
CA PHE A 488 59.39 2.18 142.96
C PHE A 488 59.55 2.01 144.46
N THR A 489 60.17 3.00 145.10
CA THR A 489 60.39 2.99 146.54
C THR A 489 59.75 4.23 147.15
N ALA A 490 58.93 4.04 148.17
CA ALA A 490 58.21 5.12 148.82
C ALA A 490 58.72 5.30 150.25
N GLU A 491 58.65 6.54 150.74
CA GLU A 491 59.23 6.91 152.02
C GLU A 491 58.63 8.24 152.45
N LEU A 492 58.25 8.33 153.72
CA LEU A 492 57.68 9.55 154.29
C LEU A 492 58.76 10.32 155.03
N THR A 493 58.98 11.57 154.66
CA THR A 493 60.05 12.39 155.21
C THR A 493 59.48 13.54 156.04
N HIS A 494 60.38 14.34 156.60
CA HIS A 494 60.03 15.47 157.46
C HIS A 494 59.20 15.00 158.65
N GLY A 495 59.68 13.95 159.31
CA GLY A 495 58.89 13.28 160.33
C GLY A 495 57.74 12.54 159.69
N ALA A 496 56.50 12.94 160.03
CA ALA A 496 55.28 12.42 159.43
C ALA A 496 55.08 10.92 159.65
N SER A 497 56.14 10.21 160.07
CA SER A 497 55.98 8.81 160.43
C SER A 497 55.20 8.67 161.73
N ALA A 498 55.22 9.69 162.58
CA ALA A 498 54.52 9.61 163.84
C ALA A 498 53.01 9.58 163.65
N ASN A 499 52.51 10.21 162.58
CA ASN A 499 51.08 10.29 162.31
C ASN A 499 50.63 9.46 161.12
N TRP A 500 51.55 9.05 160.25
CA TRP A 500 51.16 8.41 158.99
C TRP A 500 52.01 7.18 158.72
N THR A 501 51.44 6.25 157.96
CA THR A 501 52.09 5.00 157.61
C THR A 501 51.76 4.65 156.17
N ILE A 502 52.78 4.30 155.40
CA ILE A 502 52.58 3.89 154.01
C ILE A 502 53.13 2.48 153.83
N GLN A 503 52.68 1.84 152.77
CA GLN A 503 52.93 0.42 152.52
C GLN A 503 52.51 0.12 151.10
N TYR A 504 53.28 -0.73 150.42
CA TYR A 504 53.03 -0.98 149.01
C TYR A 504 51.71 -1.73 148.82
N ASN A 505 51.06 -1.45 147.69
CA ASN A 505 49.76 -2.06 147.42
C ASN A 505 49.91 -3.53 147.03
N ASP A 506 50.88 -3.82 146.18
CA ASP A 506 51.16 -5.18 145.70
C ASP A 506 52.68 -5.35 145.59
N PRO A 507 53.17 -6.58 145.46
CA PRO A 507 54.64 -6.75 145.36
C PRO A 507 55.27 -6.07 144.16
N THR A 508 54.51 -5.72 143.12
CA THR A 508 55.08 -4.97 142.01
C THR A 508 55.45 -3.54 142.42
N GLN A 509 54.93 -3.06 143.55
CA GLN A 509 55.30 -1.77 144.12
C GLN A 509 55.00 -0.61 143.18
N GLU A 510 53.99 -0.77 142.32
CA GLU A 510 53.57 0.31 141.44
C GLU A 510 52.75 1.36 142.18
N SER A 511 52.22 1.05 143.36
CA SER A 511 51.40 1.99 144.11
C SER A 511 51.50 1.65 145.60
N ILE A 512 51.11 2.62 146.43
CA ILE A 512 51.22 2.51 147.88
C ILE A 512 49.85 2.76 148.50
N ILE A 513 49.73 2.40 149.78
CA ILE A 513 48.51 2.60 150.55
C ILE A 513 48.85 3.51 151.73
N LEU A 514 48.17 4.65 151.80
CA LEU A 514 48.35 5.61 152.88
C LEU A 514 47.16 5.55 153.82
N LYS A 515 47.43 5.57 155.13
CA LYS A 515 46.37 5.57 156.12
C LYS A 515 46.87 6.26 157.38
N PRO A 516 45.98 6.90 158.13
CA PRO A 516 46.41 7.54 159.38
C PRO A 516 46.89 6.51 160.39
N LYS A 517 47.94 6.85 161.11
CA LYS A 517 48.44 5.95 162.15
C LYS A 517 47.72 6.18 163.46
N MET A 518 47.38 7.43 163.76
CA MET A 518 46.81 7.84 165.02
C MET A 518 45.44 8.47 164.78
N ALA A 519 44.69 8.67 165.87
CA ALA A 519 43.46 9.45 165.80
C ALA A 519 43.80 10.92 165.66
N LEU A 520 43.55 11.48 164.48
CA LEU A 520 43.94 12.84 164.17
C LEU A 520 42.73 13.78 164.17
N GLU A 521 43.01 15.06 164.40
CA GLU A 521 41.98 16.08 164.45
C GLU A 521 41.58 16.55 163.05
N VAL A 522 40.40 17.14 162.96
CA VAL A 522 39.89 17.63 161.68
C VAL A 522 40.70 18.84 161.25
N GLY A 523 41.24 18.77 160.04
CA GLY A 523 42.00 19.88 159.51
C GLY A 523 42.73 19.47 158.24
N ASP A 524 43.62 20.35 157.80
CA ASP A 524 44.47 20.10 156.64
C ASP A 524 45.87 19.74 157.12
N TYR A 525 46.48 18.76 156.47
CA TYR A 525 47.81 18.29 156.81
C TYR A 525 48.68 18.26 155.56
N LYS A 526 49.99 18.35 155.77
CA LYS A 526 50.96 18.30 154.68
C LYS A 526 51.96 17.18 154.97
N ILE A 527 52.06 16.24 154.03
CA ILE A 527 52.95 15.10 154.12
C ILE A 527 53.94 15.18 152.97
N ASN A 528 55.21 14.90 153.25
CA ASN A 528 56.26 14.89 152.23
C ASN A 528 56.52 13.46 151.80
N LEU A 529 56.10 13.11 150.59
CA LEU A 529 56.27 11.77 150.06
C LEU A 529 57.47 11.76 149.12
N LYS A 530 58.41 10.86 149.39
CA LYS A 530 59.64 10.74 148.62
C LYS A 530 59.61 9.45 147.82
N LEU A 531 59.67 9.58 146.49
CA LEU A 531 59.54 8.45 145.59
C LEU A 531 60.81 8.28 144.76
N MET A 532 61.16 7.03 144.49
CA MET A 532 62.37 6.69 143.75
C MET A 532 62.11 5.46 142.90
N ASP A 533 62.57 5.51 141.65
CA ASP A 533 62.40 4.40 140.70
C ASP A 533 63.63 3.51 140.64
N ASN A 534 64.76 4.05 140.19
CA ASN A 534 66.04 3.36 140.15
C ASN A 534 67.13 4.41 140.35
N GLN A 535 67.23 4.89 141.60
CA GLN A 535 68.18 5.88 142.07
C GLN A 535 67.85 7.30 141.62
N ASN A 536 66.63 7.53 141.13
CA ASN A 536 66.16 8.88 140.82
C ASN A 536 65.04 9.21 141.78
N LYS A 537 65.31 10.15 142.70
CA LYS A 537 64.42 10.50 143.79
C LYS A 537 63.69 11.80 143.51
N ASP A 538 62.55 11.98 144.18
CA ASP A 538 61.78 13.21 144.07
C ASP A 538 60.82 13.27 145.25
N GLN A 539 61.00 14.28 146.11
CA GLN A 539 60.07 14.53 147.19
C GLN A 539 58.94 15.41 146.67
N VAL A 540 57.71 14.94 146.80
CA VAL A 540 56.54 15.66 146.32
C VAL A 540 55.85 16.23 147.56
N THR A 541 56.29 17.43 147.94
CA THR A 541 55.79 18.07 149.16
C THR A 541 54.29 18.27 149.13
N THR A 542 53.74 18.52 147.95
CA THR A 542 52.30 18.80 147.83
C THR A 542 51.48 17.52 147.95
N LEU A 543 51.70 16.75 149.01
CA LEU A 543 50.75 15.70 149.40
C LEU A 543 49.79 16.32 150.41
N GLU A 544 48.86 17.13 149.90
CA GLU A 544 47.87 17.79 150.73
C GLU A 544 46.85 16.77 151.20
N VAL A 545 46.79 16.55 152.51
CA VAL A 545 45.92 15.54 153.10
C VAL A 545 45.00 16.23 154.08
N SER A 546 43.69 16.21 153.79
CA SER A 546 42.68 16.79 154.67
C SER A 546 42.01 15.69 155.48
N VAL A 547 41.66 16.01 156.71
CA VAL A 547 40.91 15.11 157.59
C VAL A 547 39.54 15.72 157.78
N CYS A 548 38.53 15.09 157.17
CA CYS A 548 37.18 15.62 157.12
C CYS A 548 36.38 15.19 158.34
N ASP A 549 35.23 15.85 158.54
CA ASP A 549 34.31 15.52 159.64
C ASP A 549 33.27 14.53 159.11
N CYS A 550 33.68 13.26 159.07
CA CYS A 550 32.81 12.19 158.58
C CYS A 550 33.27 10.88 159.20
N GLU A 551 32.57 9.80 158.86
CA GLU A 551 32.91 8.46 159.30
C GLU A 551 32.92 7.54 158.10
N GLY A 552 34.08 6.97 157.79
CA GLY A 552 34.21 6.07 156.66
C GLY A 552 34.84 6.71 155.44
N ALA A 553 34.14 6.64 154.31
CA ALA A 553 34.66 7.17 153.06
C ALA A 553 34.50 8.68 153.02
N ALA A 554 35.56 9.36 152.60
CA ALA A 554 35.62 10.82 152.61
C ALA A 554 35.51 11.34 151.17
N GLY A 555 34.39 11.97 150.85
CA GLY A 555 34.26 12.64 149.57
C GLY A 555 35.08 13.93 149.55
N VAL A 556 34.80 14.84 150.49
CA VAL A 556 35.55 16.08 150.62
C VAL A 556 35.23 16.73 151.96
N GLN B 20 -37.75 3.13 10.17
CA GLN B 20 -37.56 3.71 11.49
C GLN B 20 -36.07 3.83 11.80
N VAL B 21 -35.24 3.46 10.82
CA VAL B 21 -33.79 3.58 10.96
C VAL B 21 -33.40 5.05 10.92
N GLN B 22 -32.78 5.53 11.99
CA GLN B 22 -32.41 6.93 12.11
C GLN B 22 -31.00 7.05 12.71
N LEU B 23 -30.21 7.95 12.14
CA LEU B 23 -28.88 8.24 12.64
C LEU B 23 -28.75 9.75 12.83
N LYS B 24 -27.98 10.13 13.86
CA LYS B 24 -27.85 11.54 14.22
C LYS B 24 -26.42 11.80 14.68
N GLU B 25 -25.74 12.70 13.98
CA GLU B 25 -24.39 13.12 14.37
C GLU B 25 -24.46 14.25 15.38
N SER B 26 -23.59 14.18 16.39
CA SER B 26 -23.50 15.22 17.41
C SER B 26 -22.05 15.37 17.80
N GLY B 27 -21.58 16.61 17.88
CA GLY B 27 -20.22 16.89 18.27
C GLY B 27 -19.95 18.37 18.37
N PRO B 28 -18.70 18.74 18.64
CA PRO B 28 -18.36 20.17 18.71
C PRO B 28 -18.36 20.80 17.33
N GLY B 29 -18.86 22.02 17.25
CA GLY B 29 -18.85 22.73 15.98
C GLY B 29 -17.50 23.32 15.65
N LEU B 30 -16.72 23.67 16.67
CA LEU B 30 -15.44 24.34 16.51
C LEU B 30 -14.35 23.54 17.21
N VAL B 31 -13.22 23.37 16.54
CA VAL B 31 -12.08 22.62 17.08
C VAL B 31 -10.82 23.39 16.77
N ALA B 32 -10.02 23.65 17.79
CA ALA B 32 -8.79 24.42 17.60
C ALA B 32 -7.77 23.61 16.80
N PRO B 33 -6.88 24.28 16.08
CA PRO B 33 -5.83 23.56 15.35
C PRO B 33 -4.96 22.75 16.31
N SER B 34 -4.54 21.57 15.85
CA SER B 34 -3.72 20.65 16.64
CA SER B 34 -3.72 20.64 16.64
C SER B 34 -4.45 20.20 17.90
N GLN B 35 -5.76 19.99 17.79
CA GLN B 35 -6.59 19.48 18.87
C GLN B 35 -7.48 18.38 18.33
N SER B 36 -8.00 17.56 19.25
CA SER B 36 -8.72 16.37 18.84
C SER B 36 -10.19 16.67 18.57
N LEU B 37 -10.81 15.80 17.78
CA LEU B 37 -12.22 15.87 17.45
C LEU B 37 -12.89 14.58 17.90
N SER B 38 -14.05 14.71 18.55
CA SER B 38 -14.81 13.55 19.03
C SER B 38 -16.27 13.74 18.65
N ILE B 39 -16.79 12.82 17.84
CA ILE B 39 -18.17 12.87 17.36
C ILE B 39 -18.90 11.62 17.83
N THR B 40 -20.19 11.78 18.13
CA THR B 40 -21.05 10.68 18.55
C THR B 40 -22.17 10.49 17.54
N CYS B 41 -22.35 9.24 17.10
CA CYS B 41 -23.42 8.87 16.16
C CYS B 41 -24.44 8.05 16.94
N THR B 42 -25.56 8.67 17.29
CA THR B 42 -26.64 7.99 17.98
C THR B 42 -27.62 7.42 16.97
N VAL B 43 -27.96 6.15 17.13
CA VAL B 43 -28.81 5.45 16.18
C VAL B 43 -30.07 4.96 16.90
N SER B 44 -31.08 4.63 16.10
CA SER B 44 -32.29 4.00 16.59
C SER B 44 -32.92 3.22 15.45
N GLY B 45 -33.84 2.32 15.81
CA GLY B 45 -34.53 1.52 14.83
C GLY B 45 -33.79 0.28 14.36
N PHE B 46 -32.57 0.07 14.82
CA PHE B 46 -31.83 -1.16 14.51
C PHE B 46 -30.82 -1.39 15.62
N SER B 47 -30.30 -2.62 15.68
CA SER B 47 -29.30 -3.00 16.65
C SER B 47 -27.91 -2.88 16.03
N LEU B 48 -26.98 -2.27 16.77
CA LEU B 48 -25.64 -2.02 16.24
C LEU B 48 -24.89 -3.32 15.97
N SER B 49 -25.18 -4.38 16.72
CA SER B 49 -24.44 -5.63 16.57
C SER B 49 -24.72 -6.33 15.25
N ARG B 50 -25.78 -5.93 14.54
CA ARG B 50 -26.13 -6.56 13.27
C ARG B 50 -25.79 -5.70 12.05
N TYR B 51 -25.47 -4.43 12.25
CA TYR B 51 -25.23 -3.50 11.15
C TYR B 51 -23.80 -2.97 11.21
N GLY B 52 -23.32 -2.48 10.07
CA GLY B 52 -22.08 -1.74 10.05
C GLY B 52 -22.31 -0.26 9.88
N VAL B 53 -21.75 0.55 10.78
CA VAL B 53 -21.92 2.01 10.76
C VAL B 53 -20.66 2.65 10.21
N HIS B 54 -20.82 3.52 9.21
CA HIS B 54 -19.70 4.16 8.54
C HIS B 54 -19.54 5.61 9.01
N TRP B 55 -18.37 6.16 8.74
CA TRP B 55 -18.08 7.58 8.94
C TRP B 55 -17.58 8.16 7.62
N VAL B 56 -18.29 9.16 7.10
CA VAL B 56 -17.92 9.85 5.87
C VAL B 56 -17.83 11.34 6.17
N ARG B 57 -16.84 12.00 5.57
CA ARG B 57 -16.68 13.44 5.71
C ARG B 57 -16.65 14.10 4.34
N GLN B 58 -16.88 15.41 4.33
CA GLN B 58 -17.00 16.17 3.09
C GLN B 58 -16.58 17.61 3.35
N PRO B 59 -15.39 18.00 2.92
CA PRO B 59 -14.96 19.40 3.07
C PRO B 59 -15.84 20.33 2.26
N PRO B 60 -15.87 21.62 2.58
CA PRO B 60 -16.76 22.55 1.87
C PRO B 60 -16.41 22.64 0.40
N GLY B 61 -17.36 22.21 -0.44
CA GLY B 61 -17.19 22.25 -1.88
C GLY B 61 -16.41 21.09 -2.46
N LYS B 62 -16.00 20.12 -1.65
CA LYS B 62 -15.25 18.97 -2.11
C LYS B 62 -16.17 17.74 -2.17
N GLY B 63 -15.58 16.60 -2.50
CA GLY B 63 -16.31 15.35 -2.60
C GLY B 63 -16.35 14.60 -1.29
N LEU B 64 -16.89 13.40 -1.35
CA LEU B 64 -16.99 12.54 -0.18
C LEU B 64 -15.69 11.79 0.05
N GLU B 65 -15.33 11.63 1.32
CA GLU B 65 -14.14 10.88 1.71
C GLU B 65 -14.53 9.89 2.79
N TRP B 66 -14.39 8.60 2.49
CA TRP B 66 -14.70 7.56 3.46
C TRP B 66 -13.64 7.54 4.55
N LEU B 67 -14.08 7.64 5.81
CA LEU B 67 -13.16 7.71 6.93
C LEU B 67 -12.92 6.34 7.55
N GLY B 68 -13.98 5.57 7.75
CA GLY B 68 -13.86 4.27 8.39
C GLY B 68 -15.24 3.74 8.74
N MET B 69 -15.25 2.51 9.23
CA MET B 69 -16.51 1.89 9.60
C MET B 69 -16.31 0.95 10.77
N MET B 70 -17.39 0.71 11.50
CA MET B 70 -17.42 -0.20 12.63
C MET B 70 -18.44 -1.29 12.34
N TRP B 71 -17.97 -2.53 12.24
CA TRP B 71 -18.86 -3.65 11.97
CA TRP B 71 -18.85 -3.65 11.97
C TRP B 71 -19.64 -4.03 13.23
N GLY B 72 -20.65 -4.87 13.04
CA GLY B 72 -21.47 -5.28 14.16
C GLY B 72 -20.70 -6.08 15.19
N GLY B 73 -19.79 -6.96 14.72
CA GLY B 73 -19.02 -7.79 15.62
C GLY B 73 -17.94 -7.04 16.39
N GLY B 74 -17.71 -5.78 16.06
CA GLY B 74 -16.70 -4.98 16.73
C GLY B 74 -15.46 -4.70 15.91
N ASN B 75 -15.31 -5.35 14.75
CA ASN B 75 -14.15 -5.07 13.91
C ASN B 75 -14.25 -3.69 13.29
N THR B 76 -13.10 -3.11 12.98
CA THR B 76 -13.02 -1.75 12.45
C THR B 76 -12.06 -1.70 11.28
N ASP B 77 -12.40 -0.86 10.30
CA ASP B 77 -11.51 -0.54 9.20
CA ASP B 77 -11.52 -0.54 9.20
C ASP B 77 -11.47 0.97 9.03
N TYR B 78 -10.35 1.48 8.51
CA TYR B 78 -10.15 2.91 8.40
C TYR B 78 -9.64 3.31 7.03
N ASN B 79 -9.80 4.60 6.73
CA ASN B 79 -9.16 5.21 5.58
C ASN B 79 -7.65 5.01 5.65
N SER B 80 -7.06 4.59 4.53
CA SER B 80 -5.64 4.24 4.54
C SER B 80 -4.76 5.45 4.87
N ALA B 81 -5.13 6.62 4.37
CA ALA B 81 -4.30 7.80 4.59
C ALA B 81 -4.47 8.38 5.99
N LEU B 82 -5.66 8.26 6.57
CA LEU B 82 -5.96 8.85 7.87
C LEU B 82 -6.00 7.84 9.00
N LYS B 83 -5.54 6.60 8.76
CA LYS B 83 -5.65 5.55 9.77
C LYS B 83 -4.88 5.91 11.03
N SER B 84 -3.71 6.54 10.88
CA SER B 84 -2.89 6.89 12.04
C SER B 84 -3.53 7.97 12.91
N ARG B 85 -4.53 8.67 12.41
CA ARG B 85 -5.18 9.75 13.15
C ARG B 85 -6.59 9.41 13.58
N LEU B 86 -7.12 8.25 13.22
CA LEU B 86 -8.52 7.93 13.44
C LEU B 86 -8.68 6.82 14.47
N SER B 87 -9.86 6.80 15.09
CA SER B 87 -10.21 5.79 16.08
C SER B 87 -11.73 5.67 16.11
N ILE B 88 -12.25 4.47 15.89
CA ILE B 88 -13.69 4.24 15.83
C ILE B 88 -14.06 3.18 16.87
N SER B 89 -14.92 3.56 17.82
CA SER B 89 -15.44 2.67 18.85
C SER B 89 -16.96 2.83 18.91
N LYS B 90 -17.61 1.97 19.69
CA LYS B 90 -19.06 2.05 19.83
C LYS B 90 -19.49 1.46 21.17
N ASP B 91 -20.79 1.63 21.47
CA ASP B 91 -21.40 1.11 22.69
C ASP B 91 -22.78 0.58 22.30
N ASN B 92 -22.90 -0.75 22.20
CA ASN B 92 -24.15 -1.35 21.74
C ASN B 92 -25.31 -0.97 22.65
N SER B 93 -25.08 -0.98 23.96
CA SER B 93 -26.16 -0.67 24.91
C SER B 93 -26.66 0.76 24.73
N LYS B 94 -25.74 1.70 24.50
CA LYS B 94 -26.13 3.10 24.33
C LYS B 94 -26.55 3.44 22.90
N SER B 95 -26.44 2.50 21.98
CA SER B 95 -26.78 2.73 20.56
C SER B 95 -26.00 3.93 20.02
N GLN B 96 -24.69 3.94 20.27
CA GLN B 96 -23.83 5.06 19.90
C GLN B 96 -22.56 4.55 19.24
N VAL B 97 -22.19 5.16 18.12
CA VAL B 97 -20.92 4.94 17.46
C VAL B 97 -20.08 6.19 17.64
N PHE B 98 -18.79 6.02 17.89
CA PHE B 98 -17.90 7.13 18.21
C PHE B 98 -16.77 7.22 17.18
N LEU B 99 -16.48 8.44 16.75
CA LEU B 99 -15.32 8.74 15.92
C LEU B 99 -14.43 9.72 16.66
N LYS B 100 -13.12 9.51 16.58
CA LYS B 100 -12.17 10.42 17.20
C LYS B 100 -11.00 10.63 16.26
N MET B 101 -10.65 11.89 16.01
CA MET B 101 -9.59 12.26 15.11
C MET B 101 -8.59 13.15 15.85
N ASN B 102 -7.32 13.02 15.47
CA ASN B 102 -6.23 13.68 16.20
C ASN B 102 -5.54 14.71 15.32
N SER B 103 -5.05 15.76 15.98
CA SER B 103 -4.23 16.82 15.36
C SER B 103 -4.91 17.38 14.11
N LEU B 104 -6.07 18.00 14.34
CA LEU B 104 -6.88 18.52 13.25
C LEU B 104 -6.29 19.82 12.71
N GLN B 105 -6.27 19.94 11.39
CA GLN B 105 -5.79 21.13 10.69
C GLN B 105 -6.92 21.68 9.83
N THR B 106 -6.59 22.72 9.05
CA THR B 106 -7.61 23.41 8.27
C THR B 106 -8.25 22.48 7.25
N ASP B 107 -7.46 21.61 6.62
CA ASP B 107 -8.00 20.66 5.65
C ASP B 107 -8.97 19.67 6.27
N ASP B 108 -9.08 19.62 7.60
CA ASP B 108 -10.04 18.76 8.26
C ASP B 108 -11.37 19.45 8.51
N THR B 109 -11.48 20.75 8.23
CA THR B 109 -12.77 21.42 8.27
C THR B 109 -13.69 20.78 7.24
N ALA B 110 -14.73 20.08 7.71
CA ALA B 110 -15.60 19.34 6.81
C ALA B 110 -16.91 19.02 7.53
N MET B 111 -17.89 18.61 6.75
CA MET B 111 -19.13 18.05 7.26
C MET B 111 -18.91 16.57 7.52
N TYR B 112 -19.28 16.10 8.71
CA TYR B 112 -19.04 14.72 9.12
C TYR B 112 -20.36 13.96 9.22
N TYR B 113 -20.47 12.89 8.43
CA TYR B 113 -21.66 12.06 8.38
C TYR B 113 -21.36 10.68 8.95
N CYS B 114 -22.38 10.07 9.56
CA CYS B 114 -22.37 8.64 9.81
C CYS B 114 -23.53 8.01 9.04
N ALA B 115 -23.36 6.74 8.66
CA ALA B 115 -24.35 6.03 7.86
C ALA B 115 -24.40 4.59 8.30
N SER B 116 -25.57 3.97 8.15
CA SER B 116 -25.77 2.57 8.49
C SER B 116 -25.73 1.71 7.22
N SER B 117 -25.43 0.43 7.43
CA SER B 117 -25.35 -0.55 6.34
C SER B 117 -25.40 -1.94 6.94
N ASN B 118 -25.76 -2.91 6.10
CA ASN B 118 -25.80 -4.31 6.54
C ASN B 118 -25.52 -5.20 5.35
N TYR B 119 -25.30 -6.49 5.63
CA TYR B 119 -24.77 -7.41 4.63
C TYR B 119 -25.74 -7.73 3.50
N VAL B 120 -27.03 -7.38 3.64
CA VAL B 120 -27.97 -7.68 2.57
C VAL B 120 -27.67 -6.84 1.34
N LEU B 121 -27.20 -5.60 1.54
CA LEU B 121 -26.87 -4.70 0.45
C LEU B 121 -25.37 -4.60 0.23
N GLY B 122 -24.60 -5.62 0.63
CA GLY B 122 -23.17 -5.56 0.51
C GLY B 122 -22.53 -4.45 1.32
N TYR B 123 -23.20 -4.00 2.38
CA TYR B 123 -22.70 -2.95 3.27
C TYR B 123 -22.56 -1.61 2.55
N ALA B 124 -23.36 -1.39 1.50
CA ALA B 124 -23.51 -0.05 0.97
C ALA B 124 -24.36 0.78 1.93
N MET B 125 -24.10 2.09 1.92
CA MET B 125 -24.67 3.01 2.91
C MET B 125 -26.05 3.45 2.44
N ASP B 126 -27.09 2.83 3.00
CA ASP B 126 -28.46 3.09 2.56
C ASP B 126 -29.24 4.02 3.49
N TYR B 127 -28.70 4.33 4.66
CA TYR B 127 -29.31 5.31 5.57
C TYR B 127 -28.23 6.26 6.04
N TRP B 128 -28.41 7.55 5.80
CA TRP B 128 -27.44 8.57 6.17
C TRP B 128 -28.02 9.49 7.24
N GLY B 129 -27.15 9.96 8.12
CA GLY B 129 -27.51 11.04 9.01
C GLY B 129 -27.48 12.38 8.30
N GLN B 130 -27.95 13.41 9.00
CA GLN B 130 -27.96 14.74 8.40
CA GLN B 130 -27.97 14.76 8.44
C GLN B 130 -26.60 15.43 8.46
N GLY B 131 -25.64 14.87 9.18
CA GLY B 131 -24.30 15.44 9.21
C GLY B 131 -24.11 16.43 10.35
N THR B 132 -22.85 16.57 10.76
CA THR B 132 -22.46 17.56 11.75
C THR B 132 -21.31 18.38 11.19
N SER B 133 -21.33 19.68 11.49
CA SER B 133 -20.30 20.58 10.98
C SER B 133 -19.15 20.67 11.97
N VAL B 134 -17.92 20.58 11.47
CA VAL B 134 -16.72 20.69 12.28
C VAL B 134 -15.79 21.69 11.59
N THR B 135 -15.61 22.85 12.20
CA THR B 135 -14.70 23.87 11.71
C THR B 135 -13.43 23.84 12.54
N VAL B 136 -12.27 23.83 11.87
CA VAL B 136 -10.97 23.82 12.51
C VAL B 136 -10.41 25.23 12.39
N SER B 137 -10.47 25.98 13.49
CA SER B 137 -10.02 27.37 13.51
C SER B 137 -9.82 27.79 14.95
N SER B 138 -8.85 28.68 15.16
CA SER B 138 -8.59 29.24 16.48
C SER B 138 -9.38 30.51 16.75
N ALA B 139 -10.37 30.82 15.90
CA ALA B 139 -11.15 32.04 16.07
C ALA B 139 -12.14 31.87 17.22
N LYS B 140 -12.70 33.01 17.65
CA LYS B 140 -13.62 33.04 18.78
C LYS B 140 -15.06 32.96 18.30
N THR B 141 -15.88 32.21 19.04
CA THR B 141 -17.29 32.07 18.71
C THR B 141 -18.01 33.40 18.92
N THR B 142 -18.75 33.84 17.90
CA THR B 142 -19.44 35.12 17.94
C THR B 142 -20.90 34.92 17.55
N PRO B 143 -21.85 35.48 18.31
CA PRO B 143 -23.26 35.35 17.95
C PRO B 143 -23.63 36.30 16.82
N PRO B 144 -24.64 35.96 16.03
CA PRO B 144 -25.01 36.80 14.89
C PRO B 144 -25.87 37.99 15.30
N SER B 145 -25.84 39.01 14.45
CA SER B 145 -26.72 40.16 14.55
C SER B 145 -27.68 40.12 13.38
N VAL B 146 -28.98 40.05 13.69
CA VAL B 146 -30.02 39.91 12.67
C VAL B 146 -30.68 41.26 12.43
N TYR B 147 -30.70 41.68 11.16
CA TYR B 147 -31.22 42.97 10.78
C TYR B 147 -32.33 42.81 9.73
N PRO B 148 -33.42 43.56 9.85
CA PRO B 148 -34.51 43.44 8.89
C PRO B 148 -34.21 44.19 7.59
N LEU B 149 -34.57 43.56 6.47
CA LEU B 149 -34.42 44.15 5.14
C LEU B 149 -35.80 44.44 4.58
N ALA B 150 -36.20 45.71 4.63
CA ALA B 150 -37.51 46.12 4.14
C ALA B 150 -37.36 47.18 3.05
N PRO B 151 -38.13 47.05 1.94
CA PRO B 151 -38.05 48.00 0.83
C PRO B 151 -38.63 49.37 1.18
N ALA B 155 -41.78 52.09 -2.97
CA ALA B 155 -42.95 51.28 -2.70
C ALA B 155 -43.43 50.53 -3.94
N GLN B 156 -43.80 49.27 -3.77
CA GLN B 156 -44.27 48.42 -4.86
C GLN B 156 -45.78 48.56 -5.03
N THR B 157 -46.24 48.33 -6.26
CA THR B 157 -47.65 48.49 -6.61
C THR B 157 -48.12 47.24 -7.36
N ASN B 158 -48.92 46.41 -6.67
CA ASN B 158 -49.57 45.23 -7.27
C ASN B 158 -48.54 44.27 -7.87
N SER B 159 -47.39 44.16 -7.22
CA SER B 159 -46.36 43.19 -7.60
C SER B 159 -45.81 42.55 -6.35
N MET B 160 -45.48 41.26 -6.44
CA MET B 160 -45.00 40.52 -5.28
C MET B 160 -43.73 41.17 -4.76
N VAL B 161 -43.75 41.55 -3.48
CA VAL B 161 -42.68 42.30 -2.86
C VAL B 161 -41.68 41.34 -2.23
N THR B 162 -40.40 41.66 -2.37
CA THR B 162 -39.32 40.86 -1.81
C THR B 162 -38.83 41.51 -0.52
N LEU B 163 -38.91 40.76 0.57
CA LEU B 163 -38.38 41.16 1.86
C LEU B 163 -37.16 40.29 2.19
N GLY B 164 -36.65 40.43 3.40
CA GLY B 164 -35.52 39.63 3.82
C GLY B 164 -34.99 40.10 5.16
N CYS B 165 -34.06 39.32 5.70
CA CYS B 165 -33.35 39.71 6.90
C CYS B 165 -31.90 39.28 6.76
N LEU B 166 -31.02 40.04 7.42
CA LEU B 166 -29.57 39.93 7.23
C LEU B 166 -28.92 39.39 8.51
N VAL B 167 -28.21 38.28 8.37
CA VAL B 167 -27.49 37.64 9.48
C VAL B 167 -26.02 37.94 9.28
N LYS B 168 -25.45 38.80 10.13
CA LYS B 168 -24.09 39.29 9.93
CA LYS B 168 -24.10 39.29 9.93
C LYS B 168 -23.28 39.11 11.19
N GLY B 169 -21.99 38.84 11.01
CA GLY B 169 -21.00 38.81 12.08
C GLY B 169 -21.10 37.66 13.07
N TYR B 170 -21.15 36.42 12.58
CA TYR B 170 -21.18 35.26 13.45
C TYR B 170 -20.04 34.32 13.10
N PHE B 171 -19.80 33.37 14.01
CA PHE B 171 -18.80 32.32 13.86
C PHE B 171 -19.01 31.29 14.95
N PRO B 172 -18.91 29.98 14.64
CA PRO B 172 -18.65 29.46 13.30
C PRO B 172 -19.94 29.06 12.60
N GLU B 173 -19.82 28.31 11.51
CA GLU B 173 -20.98 27.75 10.86
C GLU B 173 -21.59 26.65 11.71
N PRO B 174 -22.88 26.34 11.53
CA PRO B 174 -23.83 27.04 10.66
C PRO B 174 -24.87 27.84 11.43
N VAL B 175 -25.75 28.53 10.70
CA VAL B 175 -26.97 29.08 11.26
C VAL B 175 -28.13 28.53 10.45
N THR B 176 -29.31 28.47 11.07
CA THR B 176 -30.53 28.04 10.41
C THR B 176 -31.50 29.20 10.33
N VAL B 177 -32.11 29.38 9.15
CA VAL B 177 -33.02 30.48 8.90
C VAL B 177 -34.34 29.92 8.39
N THR B 178 -35.43 30.22 9.07
CA THR B 178 -36.77 29.90 8.61
C THR B 178 -37.61 31.17 8.62
N TRP B 179 -38.73 31.12 7.90
CA TRP B 179 -39.63 32.27 7.78
C TRP B 179 -41.00 31.88 8.34
N ASN B 180 -41.47 32.67 9.30
CA ASN B 180 -42.74 32.42 9.98
C ASN B 180 -42.79 31.00 10.55
N SER B 181 -41.69 30.59 11.19
CA SER B 181 -41.59 29.30 11.86
C SER B 181 -41.83 28.13 10.90
N GLY B 182 -41.45 28.29 9.64
CA GLY B 182 -41.64 27.26 8.64
C GLY B 182 -42.89 27.39 7.81
N SER B 183 -43.83 28.25 8.19
CA SER B 183 -45.05 28.44 7.39
C SER B 183 -44.72 29.00 6.02
N LEU B 184 -43.80 29.96 5.95
CA LEU B 184 -43.34 30.50 4.68
C LEU B 184 -42.20 29.64 4.17
N SER B 185 -42.43 28.96 3.06
CA SER B 185 -41.40 28.15 2.43
C SER B 185 -41.23 28.48 0.96
N SER B 186 -42.31 28.69 0.23
CA SER B 186 -42.23 28.99 -1.19
C SER B 186 -41.74 30.42 -1.42
N GLY B 187 -40.84 30.59 -2.38
CA GLY B 187 -40.30 31.90 -2.68
C GLY B 187 -39.23 32.38 -1.74
N VAL B 188 -38.46 31.47 -1.14
CA VAL B 188 -37.42 31.80 -0.19
C VAL B 188 -36.07 31.45 -0.81
N HIS B 189 -35.14 32.41 -0.77
CA HIS B 189 -33.76 32.21 -1.18
C HIS B 189 -32.87 32.54 0.01
N THR B 190 -32.27 31.52 0.61
CA THR B 190 -31.27 31.71 1.65
C THR B 190 -29.89 31.54 1.02
N PHE B 191 -29.08 32.58 1.09
CA PHE B 191 -27.80 32.61 0.41
C PHE B 191 -26.69 32.06 1.29
N PRO B 192 -25.72 31.38 0.69
CA PRO B 192 -24.60 30.85 1.47
C PRO B 192 -23.83 31.96 2.19
N ALA B 193 -23.21 31.59 3.30
CA ALA B 193 -22.47 32.55 4.10
C ALA B 193 -21.13 32.87 3.46
N VAL B 194 -20.73 34.14 3.54
CA VAL B 194 -19.46 34.61 3.03
C VAL B 194 -18.57 34.95 4.21
N LEU B 195 -17.34 34.44 4.19
CA LEU B 195 -16.40 34.65 5.28
C LEU B 195 -15.55 35.88 5.02
N GLN B 196 -15.35 36.69 6.05
CA GLN B 196 -14.44 37.83 5.98
C GLN B 196 -14.02 38.20 7.39
N SER B 197 -12.71 38.23 7.63
CA SER B 197 -12.15 38.62 8.92
C SER B 197 -12.72 37.76 10.05
N ASP B 198 -12.79 36.45 9.81
CA ASP B 198 -13.23 35.47 10.80
C ASP B 198 -14.65 35.75 11.30
N LEU B 199 -15.50 36.28 10.42
CA LEU B 199 -16.91 36.47 10.73
C LEU B 199 -17.74 36.19 9.49
N TYR B 200 -18.80 35.41 9.65
CA TYR B 200 -19.66 35.03 8.54
C TYR B 200 -20.80 36.02 8.36
N THR B 201 -21.30 36.11 7.13
CA THR B 201 -22.45 36.96 6.81
C THR B 201 -23.28 36.26 5.75
N LEU B 202 -24.56 36.04 6.03
CA LEU B 202 -25.47 35.53 5.03
C LEU B 202 -26.78 36.30 5.11
N SER B 203 -27.59 36.16 4.07
CA SER B 203 -28.89 36.80 4.01
C SER B 203 -29.89 35.82 3.43
N SER B 204 -31.17 36.13 3.62
CA SER B 204 -32.27 35.32 3.12
C SER B 204 -33.37 36.25 2.63
N SER B 205 -33.92 35.94 1.46
CA SER B 205 -35.00 36.74 0.86
C SER B 205 -36.26 35.89 0.73
N VAL B 206 -37.40 36.52 0.97
CA VAL B 206 -38.70 35.89 0.79
C VAL B 206 -39.59 36.85 0.00
N THR B 207 -40.29 36.30 -0.99
CA THR B 207 -41.16 37.07 -1.87
C THR B 207 -42.60 36.78 -1.49
N VAL B 208 -43.29 37.80 -0.95
CA VAL B 208 -44.65 37.65 -0.45
C VAL B 208 -45.52 38.63 -1.21
N PRO B 209 -46.83 38.37 -1.29
CA PRO B 209 -47.72 39.28 -2.02
C PRO B 209 -47.82 40.64 -1.34
N SER B 210 -47.95 41.68 -2.17
CA SER B 210 -47.90 43.06 -1.72
C SER B 210 -49.21 43.56 -1.14
N SER B 211 -50.20 42.69 -0.95
CA SER B 211 -51.49 43.06 -0.36
C SER B 211 -51.65 42.28 0.94
N PRO B 212 -50.97 42.70 2.01
CA PRO B 212 -50.99 41.93 3.25
C PRO B 212 -52.14 42.31 4.17
N ARG B 213 -52.70 41.30 4.82
CA ARG B 213 -53.68 41.52 5.87
C ARG B 213 -52.96 41.86 7.18
N PRO B 214 -53.67 42.41 8.16
CA PRO B 214 -53.03 42.67 9.46
C PRO B 214 -52.40 41.42 10.07
N SER B 215 -53.00 40.24 9.87
CA SER B 215 -52.40 39.01 10.36
C SER B 215 -51.25 38.55 9.48
N GLU B 216 -51.26 38.92 8.19
CA GLU B 216 -50.23 38.51 7.24
C GLU B 216 -48.95 39.27 7.54
N THR B 217 -48.18 38.76 8.51
CA THR B 217 -46.92 39.35 8.92
C THR B 217 -45.78 38.38 8.63
N VAL B 218 -44.62 38.94 8.30
CA VAL B 218 -43.45 38.17 7.89
C VAL B 218 -42.38 38.31 8.96
N THR B 219 -41.95 37.18 9.52
CA THR B 219 -40.93 37.14 10.56
C THR B 219 -39.93 36.04 10.24
N CYS B 220 -38.64 36.39 10.21
CA CYS B 220 -37.58 35.42 9.98
C CYS B 220 -37.03 34.94 11.31
N ASN B 221 -36.80 33.62 11.40
CA ASN B 221 -36.32 32.98 12.61
C ASN B 221 -34.90 32.48 12.37
N VAL B 222 -33.94 33.10 13.06
CA VAL B 222 -32.52 32.78 12.90
C VAL B 222 -32.05 32.08 14.16
N ALA B 223 -31.33 30.97 13.98
CA ALA B 223 -30.79 30.21 15.09
C ALA B 223 -29.31 29.95 14.84
N HIS B 224 -28.49 30.16 15.87
CA HIS B 224 -27.06 29.90 15.83
C HIS B 224 -26.71 29.07 17.06
N PRO B 225 -26.76 27.74 16.95
CA PRO B 225 -26.56 26.90 18.14
C PRO B 225 -25.20 27.04 18.78
N ALA B 226 -24.18 27.48 18.03
CA ALA B 226 -22.84 27.60 18.61
C ALA B 226 -22.82 28.62 19.73
N SER B 227 -23.53 29.74 19.57
CA SER B 227 -23.60 30.77 20.59
C SER B 227 -24.91 30.73 21.36
N SER B 228 -25.74 29.70 21.15
CA SER B 228 -27.05 29.58 21.78
C SER B 228 -27.92 30.81 21.50
N THR B 229 -27.99 31.18 20.22
CA THR B 229 -28.71 32.36 19.78
C THR B 229 -29.97 31.95 19.04
N LYS B 230 -31.11 32.50 19.47
CA LYS B 230 -32.39 32.30 18.79
C LYS B 230 -33.14 33.62 18.84
N VAL B 231 -33.24 34.30 17.69
CA VAL B 231 -33.87 35.60 17.61
C VAL B 231 -34.88 35.62 16.48
N ASP B 232 -35.97 36.37 16.68
CA ASP B 232 -37.00 36.56 15.67
C ASP B 232 -37.07 38.05 15.32
N LYS B 233 -37.11 38.35 14.03
CA LYS B 233 -37.16 39.73 13.54
C LYS B 233 -38.36 39.89 12.62
N LYS B 234 -39.34 40.67 13.05
CA LYS B 234 -40.49 40.97 12.21
C LYS B 234 -40.12 42.05 11.20
N ILE B 235 -40.49 41.83 9.95
CA ILE B 235 -40.17 42.77 8.87
C ILE B 235 -41.33 43.76 8.76
N VAL B 236 -41.10 44.99 9.19
CA VAL B 236 -42.10 46.05 9.17
C VAL B 236 -41.72 47.04 8.06
N PRO B 237 -42.42 47.03 6.93
CA PRO B 237 -42.06 47.95 5.83
C PRO B 237 -42.39 49.39 6.18
N ARG B 238 -41.43 50.28 5.95
CA ARG B 238 -41.63 51.72 6.15
C ARG B 238 -42.08 52.31 4.83
N ASP B 239 -43.41 52.48 4.66
CA ASP B 239 -43.99 52.96 3.40
C ASP B 239 -45.08 53.98 3.73
N CYS B 240 -44.66 55.20 4.10
CA CYS B 240 -45.56 56.31 4.36
C CYS B 240 -46.65 55.96 5.36
N HIS B 241 -47.87 56.42 5.10
CA HIS B 241 -49.00 56.16 5.98
C HIS B 241 -50.32 56.17 5.20
N ASP C 21 -5.30 0.97 -2.13
CA ASP C 21 -6.75 1.08 -2.15
C ASP C 21 -7.29 1.00 -3.58
N ILE C 22 -8.55 0.60 -3.71
CA ILE C 22 -9.20 0.59 -5.02
C ILE C 22 -9.47 2.02 -5.44
N VAL C 23 -9.06 2.36 -6.66
CA VAL C 23 -9.17 3.71 -7.19
C VAL C 23 -10.41 3.78 -8.06
N MET C 24 -11.32 4.70 -7.74
CA MET C 24 -12.53 4.94 -8.52
C MET C 24 -12.35 6.22 -9.32
N THR C 25 -12.35 6.10 -10.65
CA THR C 25 -12.15 7.21 -11.55
C THR C 25 -13.46 7.55 -12.24
N GLN C 26 -13.97 8.74 -11.99
CA GLN C 26 -15.30 9.15 -12.44
C GLN C 26 -15.17 10.23 -13.51
N SER C 27 -15.91 10.06 -14.61
CA SER C 27 -15.91 11.01 -15.69
C SER C 27 -17.30 11.13 -16.29
N PRO C 28 -17.72 12.32 -16.72
CA PRO C 28 -16.94 13.56 -16.61
C PRO C 28 -17.11 14.21 -15.25
N SER C 29 -16.33 15.26 -14.99
CA SER C 29 -16.45 15.95 -13.71
C SER C 29 -17.70 16.82 -13.63
N SER C 30 -18.26 17.20 -14.78
CA SER C 30 -19.40 18.11 -14.81
C SER C 30 -20.15 17.92 -16.12
N LEU C 31 -21.47 18.09 -16.06
CA LEU C 31 -22.29 18.07 -17.27
CA LEU C 31 -22.32 18.01 -17.24
C LEU C 31 -23.47 18.99 -17.07
N ALA C 32 -23.98 19.51 -18.19
CA ALA C 32 -25.11 20.44 -18.18
C ALA C 32 -26.08 20.01 -19.28
N MET C 33 -27.27 19.59 -18.89
CA MET C 33 -28.29 19.14 -19.83
C MET C 33 -29.59 19.90 -19.58
N SER C 34 -30.38 20.05 -20.65
CA SER C 34 -31.73 20.58 -20.51
C SER C 34 -32.70 19.47 -20.15
N VAL C 35 -33.81 19.84 -19.51
CA VAL C 35 -34.78 18.85 -19.06
C VAL C 35 -35.28 18.05 -20.25
N GLY C 36 -35.24 16.73 -20.13
CA GLY C 36 -35.63 15.83 -21.18
C GLY C 36 -34.49 15.11 -21.86
N GLN C 37 -33.25 15.56 -21.66
CA GLN C 37 -32.09 14.95 -22.28
C GLN C 37 -31.58 13.77 -21.45
N LYS C 38 -30.72 12.96 -22.07
CA LYS C 38 -30.15 11.80 -21.43
C LYS C 38 -28.80 12.14 -20.80
N VAL C 39 -28.64 11.80 -19.53
CA VAL C 39 -27.39 12.03 -18.80
C VAL C 39 -26.64 10.71 -18.69
N THR C 40 -25.33 10.75 -18.94
CA THR C 40 -24.47 9.57 -18.89
C THR C 40 -23.23 9.87 -18.07
N MET C 41 -23.04 9.11 -16.98
CA MET C 41 -21.86 9.20 -16.14
C MET C 41 -21.11 7.88 -16.14
N ASN C 42 -19.79 7.94 -16.18
CA ASN C 42 -18.96 6.74 -16.20
C ASN C 42 -18.09 6.67 -14.96
N CYS C 43 -17.83 5.44 -14.51
CA CYS C 43 -17.02 5.18 -13.31
C CYS C 43 -16.17 3.97 -13.59
N LYS C 44 -14.85 4.14 -13.46
CA LYS C 44 -13.87 3.08 -13.70
C LYS C 44 -13.27 2.63 -12.38
N SER C 45 -13.15 1.32 -12.20
CA SER C 45 -12.55 0.76 -10.99
C SER C 45 -11.19 0.17 -11.33
N SER C 46 -10.25 0.27 -10.37
CA SER C 46 -8.89 -0.19 -10.62
C SER C 46 -8.81 -1.71 -10.69
N GLN C 47 -9.74 -2.42 -10.05
CA GLN C 47 -9.78 -3.87 -10.09
C GLN C 47 -11.23 -4.32 -10.11
N SER C 48 -11.42 -5.62 -10.32
CA SER C 48 -12.75 -6.20 -10.38
C SER C 48 -13.48 -6.02 -9.06
N LEU C 49 -14.80 -5.81 -9.14
CA LEU C 49 -15.65 -5.71 -7.97
C LEU C 49 -16.66 -6.85 -7.89
N LEU C 50 -16.38 -7.96 -8.57
CA LEU C 50 -17.31 -9.09 -8.66
C LEU C 50 -17.12 -10.03 -7.48
N ASN C 51 -18.19 -10.28 -6.72
CA ASN C 51 -18.17 -11.24 -5.63
C ASN C 51 -18.59 -12.60 -6.17
N SER C 52 -17.66 -13.54 -6.19
CA SER C 52 -17.95 -14.87 -6.72
C SER C 52 -19.00 -15.62 -5.91
N SER C 53 -19.28 -15.18 -4.69
CA SER C 53 -20.25 -15.88 -3.86
C SER C 53 -21.69 -15.61 -4.28
N ASN C 54 -21.98 -14.39 -4.77
CA ASN C 54 -23.32 -14.06 -5.21
C ASN C 54 -23.38 -13.48 -6.63
N GLN C 55 -22.25 -13.40 -7.33
CA GLN C 55 -22.20 -12.96 -8.72
C GLN C 55 -22.73 -11.53 -8.90
N LYS C 56 -22.46 -10.68 -7.91
CA LYS C 56 -22.90 -9.29 -7.93
C LYS C 56 -21.69 -8.37 -7.85
N ASN C 57 -21.65 -7.37 -8.72
CA ASN C 57 -20.58 -6.38 -8.71
C ASN C 57 -20.89 -5.30 -7.68
N TYR C 58 -20.01 -5.16 -6.69
CA TYR C 58 -20.24 -4.26 -5.57
C TYR C 58 -19.91 -2.82 -5.95
N LEU C 59 -20.77 -2.24 -6.79
CA LEU C 59 -20.66 -0.87 -7.22
C LEU C 59 -21.90 -0.11 -6.78
N ALA C 60 -21.70 1.07 -6.20
CA ALA C 60 -22.81 1.87 -5.71
C ALA C 60 -22.73 3.29 -6.26
N TRP C 61 -23.90 3.91 -6.41
CA TRP C 61 -24.03 5.30 -6.84
C TRP C 61 -24.78 6.07 -5.77
N TYR C 62 -24.28 7.26 -5.43
CA TYR C 62 -24.92 8.12 -4.46
C TYR C 62 -25.28 9.45 -5.10
N GLN C 63 -26.44 9.99 -4.72
CA GLN C 63 -26.92 11.27 -5.21
C GLN C 63 -26.96 12.26 -4.04
N GLN C 64 -26.35 13.42 -4.25
CA GLN C 64 -26.29 14.45 -3.21
C GLN C 64 -26.82 15.76 -3.80
N LYS C 65 -28.11 16.01 -3.59
CA LYS C 65 -28.68 17.30 -3.98
C LYS C 65 -28.13 18.39 -3.07
N PRO C 66 -28.06 19.64 -3.56
CA PRO C 66 -27.42 20.71 -2.79
C PRO C 66 -28.07 20.89 -1.43
N GLY C 67 -27.25 20.91 -0.39
CA GLY C 67 -27.72 21.10 0.96
C GLY C 67 -28.25 19.87 1.64
N GLN C 68 -28.14 18.69 1.02
CA GLN C 68 -28.67 17.47 1.59
C GLN C 68 -27.57 16.45 1.80
N SER C 69 -27.89 15.44 2.61
CA SER C 69 -27.00 14.31 2.78
C SER C 69 -27.05 13.42 1.54
N PRO C 70 -26.00 12.62 1.31
CA PRO C 70 -26.04 11.69 0.17
C PRO C 70 -27.19 10.69 0.32
N LYS C 71 -27.68 10.22 -0.81
CA LYS C 71 -28.75 9.22 -0.87
C LYS C 71 -28.27 8.03 -1.68
N LEU C 72 -28.52 6.83 -1.17
CA LEU C 72 -28.14 5.63 -1.92
C LEU C 72 -29.04 5.53 -3.15
N LEU C 73 -28.46 5.82 -4.31
CA LEU C 73 -29.21 5.81 -5.57
C LEU C 73 -29.19 4.41 -6.20
N ILE C 74 -28.01 3.82 -6.32
CA ILE C 74 -27.83 2.50 -6.90
C ILE C 74 -26.88 1.71 -6.00
N TYR C 75 -27.13 0.42 -5.86
CA TYR C 75 -26.17 -0.48 -5.25
C TYR C 75 -26.18 -1.79 -6.05
N PHE C 76 -25.12 -2.57 -5.88
CA PHE C 76 -24.93 -3.79 -6.67
C PHE C 76 -25.03 -3.50 -8.16
N THR C 77 -24.47 -2.34 -8.56
CA THR C 77 -24.32 -1.92 -9.96
C THR C 77 -25.64 -1.51 -10.62
N SER C 78 -26.69 -2.31 -10.46
CA SER C 78 -27.91 -2.10 -11.20
C SER C 78 -29.18 -2.09 -10.36
N THR C 79 -29.09 -2.29 -9.06
CA THR C 79 -30.26 -2.31 -8.20
C THR C 79 -30.57 -0.91 -7.68
N ARG C 80 -31.81 -0.46 -7.88
CA ARG C 80 -32.20 0.87 -7.45
C ARG C 80 -32.51 0.88 -5.96
N GLY C 81 -32.18 2.00 -5.31
CA GLY C 81 -32.52 2.17 -3.91
C GLY C 81 -33.99 2.54 -3.74
N SER C 82 -34.42 2.58 -2.48
CA SER C 82 -35.79 2.92 -2.18
C SER C 82 -36.11 4.35 -2.61
N GLY C 83 -37.26 4.53 -3.25
CA GLY C 83 -37.68 5.85 -3.67
C GLY C 83 -36.88 6.43 -4.82
N VAL C 84 -36.33 5.59 -5.68
CA VAL C 84 -35.53 6.01 -6.83
C VAL C 84 -36.35 5.76 -8.09
N PRO C 85 -36.62 6.78 -8.90
CA PRO C 85 -37.43 6.58 -10.12
C PRO C 85 -36.71 5.71 -11.13
N ASP C 86 -37.48 5.28 -12.13
CA ASP C 86 -36.96 4.37 -13.14
C ASP C 86 -36.00 5.03 -14.12
N ARG C 87 -35.95 6.37 -14.16
CA ARG C 87 -35.03 7.02 -15.09
C ARG C 87 -33.58 6.86 -14.66
N PHE C 88 -33.32 6.51 -13.40
CA PHE C 88 -31.96 6.26 -12.93
C PHE C 88 -31.62 4.80 -13.21
N ILE C 89 -30.65 4.58 -14.09
CA ILE C 89 -30.26 3.25 -14.54
C ILE C 89 -28.78 3.06 -14.24
N GLY C 90 -28.48 2.03 -13.45
CA GLY C 90 -27.10 1.62 -13.23
C GLY C 90 -26.78 0.44 -14.12
N SER C 91 -25.62 0.49 -14.76
CA SER C 91 -25.18 -0.57 -15.67
C SER C 91 -23.68 -0.72 -15.56
N GLY C 92 -23.17 -1.78 -16.16
CA GLY C 92 -21.74 -2.04 -16.23
C GLY C 92 -21.39 -3.40 -15.65
N SER C 93 -20.13 -3.76 -15.89
CA SER C 93 -19.55 -5.01 -15.38
C SER C 93 -18.04 -4.91 -15.50
N GLY C 94 -17.36 -5.87 -14.90
CA GLY C 94 -15.91 -5.85 -14.88
C GLY C 94 -15.36 -4.66 -14.11
N THR C 95 -14.73 -3.73 -14.83
CA THR C 95 -14.19 -2.51 -14.21
C THR C 95 -14.76 -1.24 -14.83
N ASP C 96 -15.81 -1.34 -15.65
CA ASP C 96 -16.43 -0.19 -16.29
C ASP C 96 -17.89 -0.13 -15.88
N PHE C 97 -18.29 1.00 -15.29
CA PHE C 97 -19.65 1.17 -14.78
C PHE C 97 -20.22 2.50 -15.27
N THR C 98 -21.54 2.55 -15.37
CA THR C 98 -22.23 3.70 -15.95
C THR C 98 -23.52 3.95 -15.18
N LEU C 99 -23.78 5.22 -14.87
CA LEU C 99 -25.06 5.68 -14.36
C LEU C 99 -25.71 6.54 -15.44
N THR C 100 -26.93 6.18 -15.82
CA THR C 100 -27.67 6.88 -16.86
C THR C 100 -28.94 7.47 -16.26
N ILE C 101 -29.23 8.73 -16.57
CA ILE C 101 -30.55 9.30 -16.35
C ILE C 101 -31.22 9.39 -17.71
N SER C 102 -32.17 8.48 -17.96
CA SER C 102 -32.75 8.35 -19.30
C SER C 102 -33.33 9.66 -19.79
N SER C 103 -34.12 10.33 -18.96
CA SER C 103 -34.63 11.66 -19.25
C SER C 103 -34.52 12.49 -17.98
N VAL C 104 -33.58 13.43 -17.97
CA VAL C 104 -33.28 14.16 -16.74
C VAL C 104 -34.38 15.15 -16.45
N GLU C 105 -34.75 15.26 -15.18
CA GLU C 105 -35.73 16.23 -14.70
C GLU C 105 -35.01 17.35 -13.96
N ALA C 106 -35.73 18.45 -13.75
CA ALA C 106 -35.12 19.63 -13.14
C ALA C 106 -34.63 19.34 -11.72
N GLU C 107 -35.32 18.45 -11.01
CA GLU C 107 -34.96 18.12 -9.64
C GLU C 107 -33.70 17.28 -9.55
N ASP C 108 -33.24 16.71 -10.65
CA ASP C 108 -32.11 15.78 -10.62
C ASP C 108 -30.76 16.48 -10.52
N LEU C 109 -30.72 17.80 -10.40
CA LEU C 109 -29.44 18.49 -10.27
C LEU C 109 -28.82 18.14 -8.93
N ALA C 110 -27.59 17.62 -8.96
CA ALA C 110 -26.93 17.14 -7.77
C ALA C 110 -25.50 16.75 -8.13
N ASP C 111 -24.73 16.39 -7.11
CA ASP C 111 -23.48 15.69 -7.29
C ASP C 111 -23.74 14.19 -7.21
N TYR C 112 -23.15 13.44 -8.13
CA TYR C 112 -23.30 11.99 -8.16
C TYR C 112 -21.94 11.35 -7.92
N PHE C 113 -21.87 10.50 -6.91
CA PHE C 113 -20.64 9.82 -6.52
C PHE C 113 -20.80 8.32 -6.73
N CYS C 114 -19.83 7.70 -7.40
CA CYS C 114 -19.76 6.25 -7.44
C CYS C 114 -18.85 5.77 -6.33
N GLN C 115 -19.17 4.59 -5.80
CA GLN C 115 -18.42 4.04 -4.68
C GLN C 115 -18.37 2.53 -4.80
N GLN C 116 -17.18 1.95 -4.59
CA GLN C 116 -17.07 0.51 -4.47
C GLN C 116 -17.27 0.14 -3.00
N HIS C 117 -18.20 -0.78 -2.75
CA HIS C 117 -18.38 -1.38 -1.44
C HIS C 117 -17.92 -2.83 -1.45
N TYR C 118 -16.89 -3.11 -2.24
CA TYR C 118 -16.39 -4.47 -2.44
C TYR C 118 -15.43 -4.88 -1.33
N ARG C 119 -14.38 -4.09 -1.12
CA ARG C 119 -13.37 -4.41 -0.11
CA ARG C 119 -13.35 -4.40 -0.12
C ARG C 119 -13.01 -3.14 0.66
N THR C 120 -12.97 -3.25 1.98
CA THR C 120 -12.56 -2.11 2.79
C THR C 120 -11.06 -1.89 2.66
N PRO C 121 -10.59 -0.63 2.67
CA PRO C 121 -11.39 0.59 2.85
C PRO C 121 -12.25 0.95 1.63
N HIS C 122 -13.54 1.20 1.87
CA HIS C 122 -14.41 1.68 0.82
C HIS C 122 -13.93 3.02 0.28
N THR C 123 -14.12 3.22 -1.02
CA THR C 123 -13.56 4.39 -1.70
C THR C 123 -14.58 5.01 -2.63
N PHE C 124 -14.64 6.33 -2.64
CA PHE C 124 -15.55 7.07 -3.51
C PHE C 124 -14.84 7.53 -4.78
N GLY C 125 -15.65 7.83 -5.80
CA GLY C 125 -15.15 8.49 -6.99
C GLY C 125 -15.10 10.00 -6.83
N GLY C 126 -14.52 10.66 -7.83
CA GLY C 126 -14.40 12.10 -7.78
C GLY C 126 -15.72 12.84 -7.81
N GLY C 127 -16.75 12.22 -8.33
CA GLY C 127 -18.06 12.84 -8.39
C GLY C 127 -18.32 13.51 -9.73
N THR C 128 -19.58 13.50 -10.14
CA THR C 128 -20.03 14.19 -11.35
C THR C 128 -21.13 15.17 -10.95
N LYS C 129 -20.88 16.46 -11.16
CA LYS C 129 -21.88 17.48 -10.88
C LYS C 129 -22.81 17.62 -12.09
N VAL C 130 -24.10 17.44 -11.87
CA VAL C 130 -25.11 17.54 -12.93
C VAL C 130 -25.81 18.89 -12.80
N GLU C 131 -25.75 19.70 -13.86
CA GLU C 131 -26.41 20.99 -13.92
C GLU C 131 -27.49 20.98 -15.01
N ILE C 132 -28.46 21.87 -14.86
CA ILE C 132 -29.60 21.96 -15.76
C ILE C 132 -29.45 23.19 -16.65
N LYS C 133 -29.50 22.97 -17.96
CA LYS C 133 -29.60 24.07 -18.93
C LYS C 133 -31.05 24.51 -19.05
N ARG C 134 -31.24 25.83 -19.15
CA ARG C 134 -32.57 26.37 -19.39
C ARG C 134 -32.43 27.61 -20.27
N ALA C 135 -33.58 28.15 -20.68
CA ALA C 135 -33.56 29.40 -21.44
C ALA C 135 -33.03 30.53 -20.58
N ASP C 136 -32.49 31.55 -21.25
CA ASP C 136 -31.94 32.69 -20.54
C ASP C 136 -33.04 33.42 -19.78
N ALA C 137 -32.67 33.98 -18.63
CA ALA C 137 -33.62 34.67 -17.76
C ALA C 137 -32.94 35.87 -17.13
N ALA C 138 -33.58 37.02 -17.23
CA ALA C 138 -33.06 38.24 -16.62
C ALA C 138 -33.34 38.25 -15.12
N PRO C 139 -32.46 38.85 -14.33
CA PRO C 139 -32.68 38.91 -12.88
C PRO C 139 -33.67 40.00 -12.49
N THR C 140 -34.35 39.76 -11.37
CA THR C 140 -35.20 40.76 -10.73
C THR C 140 -34.43 41.31 -9.54
N VAL C 141 -34.10 42.60 -9.59
CA VAL C 141 -33.18 43.23 -8.65
C VAL C 141 -33.98 43.97 -7.59
N SER C 142 -33.62 43.78 -6.33
CA SER C 142 -34.24 44.47 -5.21
C SER C 142 -33.12 45.05 -4.34
N ILE C 143 -33.27 46.33 -3.97
CA ILE C 143 -32.27 47.01 -3.16
C ILE C 143 -32.86 47.28 -1.79
N PHE C 144 -32.00 47.30 -0.77
CA PHE C 144 -32.44 47.49 0.61
C PHE C 144 -31.48 48.42 1.35
N PRO C 145 -31.97 49.51 1.92
CA PRO C 145 -31.11 50.39 2.71
C PRO C 145 -30.75 49.75 4.04
N PRO C 146 -29.79 50.31 4.76
CA PRO C 146 -29.47 49.78 6.09
C PRO C 146 -30.66 49.87 7.03
N SER C 147 -30.70 48.99 8.01
CA SER C 147 -31.77 48.98 8.99
C SER C 147 -31.47 49.98 10.12
N SER C 148 -32.54 50.34 10.84
CA SER C 148 -32.38 51.21 11.99
C SER C 148 -31.59 50.53 13.10
N GLU C 149 -31.76 49.21 13.25
CA GLU C 149 -31.04 48.49 14.29
C GLU C 149 -29.55 48.46 14.02
N GLN C 150 -29.16 48.32 12.75
CA GLN C 150 -27.74 48.26 12.42
C GLN C 150 -27.07 49.63 12.59
N LEU C 151 -27.76 50.69 12.17
CA LEU C 151 -27.16 52.02 12.27
C LEU C 151 -26.86 52.41 13.72
N THR C 152 -27.64 51.88 14.68
CA THR C 152 -27.34 52.17 16.08
C THR C 152 -26.03 51.52 16.52
N SER C 153 -25.72 50.34 15.99
CA SER C 153 -24.49 49.64 16.33
C SER C 153 -23.27 50.25 15.64
N GLY C 154 -23.46 51.24 14.77
CA GLY C 154 -22.37 51.90 14.10
C GLY C 154 -22.08 51.42 12.69
N GLY C 155 -22.75 50.35 12.24
CA GLY C 155 -22.55 49.82 10.91
C GLY C 155 -23.69 50.20 9.97
N ALA C 156 -23.45 49.95 8.69
CA ALA C 156 -24.45 50.23 7.66
C ALA C 156 -24.20 49.30 6.49
N SER C 157 -25.08 48.32 6.30
CA SER C 157 -24.97 47.36 5.22
C SER C 157 -26.10 47.62 4.22
N VAL C 158 -25.74 47.68 2.94
CA VAL C 158 -26.69 47.89 1.86
C VAL C 158 -26.73 46.58 1.06
N VAL C 159 -27.90 45.97 0.99
CA VAL C 159 -28.07 44.65 0.39
C VAL C 159 -28.76 44.80 -0.97
N CYS C 160 -28.38 43.95 -1.90
CA CYS C 160 -28.94 43.94 -3.26
C CYS C 160 -29.22 42.49 -3.64
N PHE C 161 -30.50 42.14 -3.76
CA PHE C 161 -30.90 40.80 -4.17
C PHE C 161 -31.10 40.77 -5.67
N LEU C 162 -30.55 39.74 -6.32
CA LEU C 162 -30.70 39.52 -7.76
C LEU C 162 -31.23 38.10 -7.92
N ASN C 163 -32.53 37.96 -8.16
CA ASN C 163 -33.21 36.68 -8.05
C ASN C 163 -33.67 36.17 -9.41
N ASN C 164 -33.59 34.85 -9.58
CA ASN C 164 -34.23 34.12 -10.68
C ASN C 164 -33.66 34.52 -12.04
N PHE C 165 -32.36 34.28 -12.22
CA PHE C 165 -31.69 34.54 -13.49
C PHE C 165 -30.94 33.32 -13.97
N TYR C 166 -30.66 33.29 -15.27
CA TYR C 166 -29.86 32.26 -15.93
C TYR C 166 -29.27 32.86 -17.18
N PRO C 167 -27.97 32.61 -17.48
CA PRO C 167 -27.05 31.76 -16.74
C PRO C 167 -26.43 32.41 -15.49
N LYS C 168 -25.59 31.63 -14.79
CA LYS C 168 -25.09 32.04 -13.48
C LYS C 168 -24.16 33.24 -13.58
N ASP C 169 -23.49 33.43 -14.72
CA ASP C 169 -22.52 34.51 -14.86
C ASP C 169 -23.23 35.86 -14.80
N ILE C 170 -22.92 36.64 -13.77
CA ILE C 170 -23.55 37.94 -13.56
C ILE C 170 -22.57 38.84 -12.83
N ASN C 171 -22.72 40.15 -13.03
CA ASN C 171 -21.83 41.14 -12.45
C ASN C 171 -22.65 42.25 -11.78
N VAL C 172 -22.16 42.72 -10.64
CA VAL C 172 -22.83 43.77 -9.87
C VAL C 172 -21.84 44.90 -9.62
N LYS C 173 -22.22 46.11 -10.02
CA LYS C 173 -21.44 47.32 -9.74
C LYS C 173 -22.24 48.22 -8.81
N TRP C 174 -21.59 48.69 -7.75
CA TRP C 174 -22.18 49.61 -6.80
C TRP C 174 -21.77 51.04 -7.14
N LYS C 175 -22.73 51.96 -7.07
CA LYS C 175 -22.48 53.37 -7.31
C LYS C 175 -22.92 54.13 -6.06
N ILE C 176 -22.05 55.03 -5.59
CA ILE C 176 -22.37 55.91 -4.47
C ILE C 176 -22.18 57.34 -4.94
N ASP C 177 -23.30 58.04 -5.17
CA ASP C 177 -23.28 59.41 -5.69
C ASP C 177 -22.50 59.50 -6.99
N GLY C 178 -22.77 58.55 -7.90
CA GLY C 178 -22.17 58.56 -9.21
C GLY C 178 -20.76 58.03 -9.29
N SER C 179 -20.15 57.63 -8.18
CA SER C 179 -18.81 57.07 -8.17
C SER C 179 -18.87 55.59 -7.81
N GLU C 180 -18.11 54.78 -8.55
CA GLU C 180 -18.13 53.33 -8.33
C GLU C 180 -17.40 52.99 -7.04
N ARG C 181 -17.97 52.08 -6.26
CA ARG C 181 -17.40 51.63 -5.00
C ARG C 181 -17.08 50.15 -5.10
N GLN C 182 -15.80 49.81 -4.93
CA GLN C 182 -15.34 48.43 -5.04
C GLN C 182 -15.05 47.78 -3.69
N ASN C 183 -14.75 48.57 -2.66
CA ASN C 183 -14.38 48.03 -1.36
C ASN C 183 -15.61 47.78 -0.50
N GLY C 184 -15.58 46.68 0.26
CA GLY C 184 -16.65 46.36 1.17
C GLY C 184 -17.82 45.63 0.56
N VAL C 185 -17.63 44.96 -0.58
CA VAL C 185 -18.69 44.24 -1.26
C VAL C 185 -18.44 42.76 -1.13
N LEU C 186 -19.46 42.03 -0.66
CA LEU C 186 -19.42 40.57 -0.57
C LEU C 186 -20.59 40.00 -1.36
N ASN C 187 -20.31 39.01 -2.21
CA ASN C 187 -21.31 38.40 -3.06
C ASN C 187 -21.48 36.93 -2.71
N SER C 188 -22.68 36.41 -2.94
CA SER C 188 -22.99 35.01 -2.69
C SER C 188 -24.03 34.56 -3.70
N TRP C 189 -23.83 33.37 -4.26
CA TRP C 189 -24.76 32.76 -5.19
C TRP C 189 -25.46 31.58 -4.53
N THR C 190 -26.74 31.40 -4.84
CA THR C 190 -27.43 30.19 -4.44
C THR C 190 -27.08 29.04 -5.38
N ASP C 191 -27.47 27.84 -4.97
CA ASP C 191 -27.39 26.70 -5.88
C ASP C 191 -28.52 26.80 -6.91
N GLN C 192 -28.34 26.08 -8.01
CA GLN C 192 -29.36 26.07 -9.05
C GLN C 192 -30.68 25.55 -8.49
N ASP C 193 -31.77 26.25 -8.79
CA ASP C 193 -33.06 25.92 -8.22
C ASP C 193 -33.57 24.59 -8.77
N SER C 194 -34.08 23.74 -7.88
CA SER C 194 -34.56 22.41 -8.28
C SER C 194 -35.85 22.46 -9.09
N LYS C 195 -36.54 23.59 -9.13
CA LYS C 195 -37.80 23.70 -9.86
C LYS C 195 -37.64 24.43 -11.20
N ASP C 196 -37.11 25.65 -11.20
CA ASP C 196 -37.01 26.45 -12.41
C ASP C 196 -35.59 26.56 -12.96
N SER C 197 -34.60 25.97 -12.28
CA SER C 197 -33.23 25.89 -12.78
C SER C 197 -32.55 27.25 -12.87
N THR C 198 -32.94 28.21 -12.02
CA THR C 198 -32.36 29.54 -12.04
C THR C 198 -31.44 29.73 -10.84
N TYR C 199 -30.63 30.78 -10.93
CA TYR C 199 -29.74 31.18 -9.84
C TYR C 199 -30.20 32.50 -9.24
N SER C 200 -29.71 32.77 -8.04
CA SER C 200 -29.97 34.04 -7.37
C SER C 200 -28.70 34.48 -6.64
N MET C 201 -28.50 35.79 -6.58
CA MET C 201 -27.29 36.38 -6.07
C MET C 201 -27.60 37.40 -4.99
N SER C 202 -26.74 37.47 -3.99
CA SER C 202 -26.86 38.44 -2.91
C SER C 202 -25.57 39.27 -2.86
N SER C 203 -25.70 40.57 -3.01
CA SER C 203 -24.57 41.50 -2.94
C SER C 203 -24.76 42.42 -1.75
N THR C 204 -23.73 42.52 -0.90
CA THR C 204 -23.82 43.30 0.32
C THR C 204 -22.69 44.31 0.34
N LEU C 205 -23.04 45.59 0.46
CA LEU C 205 -22.08 46.68 0.60
C LEU C 205 -22.07 47.13 2.05
N THR C 206 -20.93 46.97 2.73
CA THR C 206 -20.83 47.27 4.15
C THR C 206 -19.94 48.50 4.35
N LEU C 207 -20.51 49.55 4.93
CA LEU C 207 -19.78 50.75 5.33
C LEU C 207 -19.99 51.02 6.80
N THR C 208 -19.22 51.97 7.32
CA THR C 208 -19.48 52.56 8.61
C THR C 208 -20.67 53.52 8.51
N LYS C 209 -21.28 53.80 9.66
CA LYS C 209 -22.42 54.72 9.67
C LYS C 209 -22.03 56.11 9.20
N ASP C 210 -20.87 56.60 9.67
CA ASP C 210 -20.43 57.94 9.26
C ASP C 210 -20.21 58.02 7.76
N GLU C 211 -19.62 56.97 7.16
CA GLU C 211 -19.44 56.96 5.72
C GLU C 211 -20.79 56.91 5.00
N TYR C 212 -21.74 56.14 5.53
CA TYR C 212 -23.05 56.04 4.91
C TYR C 212 -23.79 57.37 4.95
N GLU C 213 -23.70 58.10 6.06
CA GLU C 213 -24.40 59.38 6.18
C GLU C 213 -23.76 60.48 5.36
N ARG C 214 -22.52 60.30 4.91
CA ARG C 214 -21.84 61.32 4.11
C ARG C 214 -22.21 61.27 2.64
N HIS C 215 -23.05 60.32 2.23
CA HIS C 215 -23.50 60.22 0.85
C HIS C 215 -25.02 60.06 0.82
N ASN C 216 -25.59 60.18 -0.38
CA ASN C 216 -27.04 60.24 -0.53
C ASN C 216 -27.59 59.14 -1.43
N SER C 217 -27.03 58.96 -2.62
CA SER C 217 -27.58 58.05 -3.61
C SER C 217 -26.77 56.76 -3.66
N TYR C 218 -27.45 55.63 -3.51
CA TYR C 218 -26.83 54.31 -3.53
C TYR C 218 -27.49 53.47 -4.60
N THR C 219 -26.67 52.79 -5.39
CA THR C 219 -27.14 52.07 -6.57
C THR C 219 -26.38 50.76 -6.72
N CYS C 220 -27.10 49.68 -7.01
CA CYS C 220 -26.48 48.46 -7.53
C CYS C 220 -26.93 48.26 -8.96
N GLU C 221 -25.97 48.05 -9.86
CA GLU C 221 -26.22 47.87 -11.28
C GLU C 221 -25.94 46.42 -11.67
N ALA C 222 -26.93 45.78 -12.27
CA ALA C 222 -26.83 44.39 -12.67
C ALA C 222 -26.62 44.31 -14.18
N THR C 223 -25.47 43.78 -14.58
CA THR C 223 -25.15 43.52 -15.98
C THR C 223 -25.24 42.02 -16.22
N HIS C 224 -26.14 41.62 -17.11
CA HIS C 224 -26.37 40.22 -17.41
C HIS C 224 -26.36 40.01 -18.91
N LYS C 225 -26.15 38.75 -19.32
CA LYS C 225 -26.12 38.41 -20.73
C LYS C 225 -27.43 38.75 -21.43
N THR C 226 -28.53 38.82 -20.67
CA THR C 226 -29.84 39.04 -21.27
C THR C 226 -29.99 40.45 -21.85
N SER C 227 -29.30 41.44 -21.29
CA SER C 227 -29.46 42.81 -21.74
C SER C 227 -28.11 43.53 -21.74
N THR C 228 -27.85 44.30 -22.81
CA THR C 228 -26.68 45.17 -22.82
C THR C 228 -26.85 46.31 -21.84
N SER C 229 -28.06 46.84 -21.72
CA SER C 229 -28.33 47.86 -20.72
C SER C 229 -28.38 47.23 -19.34
N PRO C 230 -27.64 47.76 -18.36
CA PRO C 230 -27.68 47.16 -17.02
C PRO C 230 -29.00 47.43 -16.32
N ILE C 231 -29.37 46.50 -15.45
CA ILE C 231 -30.57 46.65 -14.63
C ILE C 231 -30.17 47.46 -13.39
N VAL C 232 -30.83 48.59 -13.19
CA VAL C 232 -30.43 49.55 -12.17
C VAL C 232 -31.52 49.65 -11.12
N LYS C 233 -31.15 49.50 -9.85
CA LYS C 233 -32.04 49.74 -8.73
C LYS C 233 -31.31 50.63 -7.73
N SER C 234 -31.96 51.71 -7.30
CA SER C 234 -31.30 52.70 -6.46
C SER C 234 -32.28 53.26 -5.44
N PHE C 235 -31.71 53.85 -4.39
CA PHE C 235 -32.48 54.61 -3.41
C PHE C 235 -31.68 55.82 -2.96
N ASN C 236 -32.40 56.83 -2.49
CA ASN C 236 -31.80 58.04 -1.95
C ASN C 236 -32.06 58.11 -0.45
N ARG C 237 -31.02 58.46 0.31
CA ARG C 237 -31.15 58.54 1.76
C ARG C 237 -32.19 59.58 2.18
N ASN C 238 -32.31 60.66 1.42
CA ASN C 238 -33.22 61.75 1.75
C ASN C 238 -34.65 61.49 1.29
N GLU C 239 -34.96 60.27 0.85
CA GLU C 239 -36.31 59.90 0.44
C GLU C 239 -36.99 59.16 1.59
N CYS C 240 -38.06 58.43 1.28
CA CYS C 240 -38.80 57.68 2.30
C CYS C 240 -37.94 56.61 2.96
N ASP D 17 -27.81 -39.21 4.06
CA ASP D 17 -26.40 -39.01 4.39
C ASP D 17 -25.89 -37.66 3.91
N TRP D 18 -25.23 -36.93 4.80
CA TRP D 18 -24.48 -35.77 4.37
C TRP D 18 -23.33 -36.21 3.47
N VAL D 19 -23.23 -35.59 2.30
CA VAL D 19 -22.22 -35.96 1.31
C VAL D 19 -21.53 -34.69 0.83
N ILE D 20 -20.48 -34.89 0.03
CA ILE D 20 -19.78 -33.75 -0.58
C ILE D 20 -20.56 -33.29 -1.80
N PRO D 21 -20.82 -32.00 -1.95
CA PRO D 21 -21.57 -31.52 -3.10
C PRO D 21 -20.70 -31.53 -4.35
N PRO D 22 -21.28 -31.24 -5.52
CA PRO D 22 -20.44 -31.00 -6.70
C PRO D 22 -19.54 -29.80 -6.49
N ILE D 23 -18.28 -29.96 -6.88
CA ILE D 23 -17.29 -28.89 -6.75
C ILE D 23 -17.29 -28.10 -8.06
N SER D 24 -17.69 -26.83 -7.97
CA SER D 24 -17.79 -25.98 -9.14
C SER D 24 -16.51 -25.14 -9.28
N CYS D 25 -15.99 -25.08 -10.51
CA CYS D 25 -14.86 -24.22 -10.81
C CYS D 25 -15.16 -23.50 -12.12
N PRO D 26 -15.08 -22.17 -12.15
CA PRO D 26 -15.37 -21.44 -13.39
C PRO D 26 -14.28 -21.65 -14.42
N GLU D 27 -14.69 -21.65 -15.70
CA GLU D 27 -13.73 -21.72 -16.77
C GLU D 27 -13.04 -20.37 -16.95
N ASN D 28 -11.88 -20.40 -17.61
CA ASN D 28 -11.15 -19.20 -18.01
C ASN D 28 -10.65 -18.42 -16.80
N GLU D 29 -10.29 -19.13 -15.72
CA GLU D 29 -9.75 -18.44 -14.56
C GLU D 29 -8.37 -17.85 -14.87
N LYS D 30 -8.01 -16.82 -14.12
CA LYS D 30 -6.80 -16.04 -14.39
C LYS D 30 -5.69 -16.29 -13.39
N GLY D 31 -5.96 -16.97 -12.28
CA GLY D 31 -4.99 -17.15 -11.23
C GLY D 31 -5.39 -16.46 -9.95
N PRO D 32 -4.59 -16.60 -8.89
CA PRO D 32 -3.32 -17.34 -8.83
C PRO D 32 -3.50 -18.86 -8.78
N PHE D 33 -2.55 -19.58 -9.37
CA PHE D 33 -2.55 -21.03 -9.35
C PHE D 33 -1.38 -21.55 -8.55
N PRO D 34 -1.55 -22.66 -7.80
CA PRO D 34 -2.82 -23.40 -7.68
C PRO D 34 -3.83 -22.71 -6.76
N LYS D 35 -5.10 -23.04 -6.93
CA LYS D 35 -6.18 -22.47 -6.12
C LYS D 35 -6.92 -23.60 -5.42
N ASN D 36 -7.19 -23.41 -4.13
CA ASN D 36 -7.98 -24.39 -3.39
C ASN D 36 -9.38 -24.49 -3.96
N LEU D 37 -9.91 -25.71 -4.00
CA LEU D 37 -11.31 -25.95 -4.34
C LEU D 37 -12.12 -26.40 -3.12
N VAL D 38 -11.62 -27.40 -2.40
CA VAL D 38 -12.30 -27.94 -1.23
C VAL D 38 -11.31 -28.81 -0.46
N GLN D 39 -11.51 -28.95 0.84
CA GLN D 39 -10.65 -29.77 1.68
C GLN D 39 -11.40 -31.03 2.11
N ILE D 40 -10.71 -32.16 2.09
CA ILE D 40 -11.27 -33.43 2.50
C ILE D 40 -10.55 -33.90 3.76
N LYS D 41 -11.21 -34.78 4.52
CA LYS D 41 -10.68 -35.23 5.79
C LYS D 41 -11.18 -36.62 6.12
N SER D 42 -10.30 -37.46 6.65
CA SER D 42 -10.67 -38.75 7.22
C SER D 42 -10.64 -38.64 8.74
N ASN D 43 -11.74 -38.98 9.39
CA ASN D 43 -11.81 -38.89 10.84
C ASN D 43 -10.88 -39.88 11.54
N LYS D 44 -10.18 -40.72 10.79
CA LYS D 44 -9.14 -41.57 11.34
C LYS D 44 -7.82 -40.83 11.54
N ASP D 45 -7.75 -39.54 11.23
CA ASP D 45 -6.52 -38.79 11.32
C ASP D 45 -6.14 -38.42 12.75
N LYS D 46 -6.96 -38.77 13.73
CA LYS D 46 -6.58 -38.64 15.13
C LYS D 46 -5.91 -39.90 15.67
N GLU D 47 -6.18 -41.06 15.07
CA GLU D 47 -5.48 -42.28 15.44
C GLU D 47 -4.07 -42.33 14.90
N GLY D 48 -3.85 -41.72 13.73
CA GLY D 48 -2.53 -41.68 13.13
C GLY D 48 -2.55 -40.72 11.96
N LYS D 49 -1.41 -40.63 11.28
CA LYS D 49 -1.31 -39.75 10.13
C LYS D 49 -2.03 -40.36 8.94
N VAL D 50 -2.83 -39.55 8.25
CA VAL D 50 -3.54 -39.97 7.05
C VAL D 50 -3.02 -39.15 5.88
N PHE D 51 -2.71 -39.83 4.78
CA PHE D 51 -2.21 -39.19 3.57
C PHE D 51 -3.24 -39.31 2.45
N TYR D 52 -3.50 -38.20 1.77
CA TYR D 52 -4.58 -38.10 0.81
C TYR D 52 -4.05 -38.07 -0.61
N SER D 53 -4.79 -38.72 -1.51
CA SER D 53 -4.41 -38.85 -2.90
C SER D 53 -5.66 -38.73 -3.76
N ILE D 54 -5.48 -38.35 -5.03
CA ILE D 54 -6.59 -38.28 -5.97
C ILE D 54 -6.21 -38.96 -7.27
N THR D 55 -7.19 -39.59 -7.90
CA THR D 55 -7.04 -40.25 -9.19
C THR D 55 -8.18 -39.83 -10.10
N GLY D 56 -8.09 -40.25 -11.36
CA GLY D 56 -9.13 -39.99 -12.34
C GLY D 56 -8.65 -39.07 -13.45
N GLN D 57 -9.48 -38.99 -14.49
CA GLN D 57 -9.20 -38.10 -15.61
C GLN D 57 -9.18 -36.65 -15.14
N GLY D 58 -8.04 -36.00 -15.31
CA GLY D 58 -7.77 -34.71 -14.72
C GLY D 58 -6.80 -34.75 -13.57
N ALA D 59 -6.49 -35.95 -13.05
CA ALA D 59 -5.58 -36.10 -11.93
C ALA D 59 -4.36 -36.92 -12.32
N ASP D 60 -4.46 -38.25 -12.25
CA ASP D 60 -3.33 -39.11 -12.58
C ASP D 60 -3.35 -39.59 -14.03
N THR D 61 -4.49 -39.49 -14.70
CA THR D 61 -4.66 -39.86 -16.10
C THR D 61 -5.00 -38.60 -16.90
N PRO D 62 -4.80 -38.63 -18.23
CA PRO D 62 -4.99 -37.41 -19.04
C PRO D 62 -6.37 -36.81 -18.86
N PRO D 63 -6.48 -35.47 -18.73
CA PRO D 63 -5.36 -34.51 -18.71
C PRO D 63 -4.65 -34.46 -17.36
N VAL D 64 -3.40 -34.94 -17.34
CA VAL D 64 -2.69 -35.14 -16.08
C VAL D 64 -2.40 -33.80 -15.42
N GLY D 65 -2.56 -33.76 -14.10
CA GLY D 65 -2.07 -32.66 -13.29
C GLY D 65 -3.00 -31.49 -13.13
N VAL D 66 -4.12 -31.46 -13.85
CA VAL D 66 -5.03 -30.31 -13.75
C VAL D 66 -5.50 -30.15 -12.31
N PHE D 67 -5.80 -31.25 -11.63
CA PHE D 67 -6.21 -31.23 -10.24
C PHE D 67 -5.21 -32.01 -9.41
N ILE D 68 -4.76 -31.40 -8.32
CA ILE D 68 -3.81 -32.02 -7.39
C ILE D 68 -4.40 -31.97 -6.00
N ILE D 69 -3.77 -32.68 -5.07
CA ILE D 69 -4.16 -32.66 -3.68
C ILE D 69 -2.90 -32.60 -2.82
N GLU D 70 -3.02 -31.90 -1.68
CA GLU D 70 -1.94 -31.83 -0.71
C GLU D 70 -2.07 -33.04 0.21
N ARG D 71 -1.04 -33.90 0.22
CA ARG D 71 -1.17 -35.23 0.82
C ARG D 71 -1.38 -35.16 2.33
N GLU D 72 -0.90 -34.11 3.00
CA GLU D 72 -0.96 -34.05 4.45
C GLU D 72 -2.13 -33.23 4.98
N THR D 73 -2.60 -32.24 4.22
CA THR D 73 -3.73 -31.42 4.65
C THR D 73 -5.06 -31.89 4.08
N GLY D 74 -5.08 -32.29 2.81
CA GLY D 74 -6.31 -32.70 2.16
C GLY D 74 -6.95 -31.66 1.27
N TRP D 75 -6.22 -30.61 0.90
CA TRP D 75 -6.77 -29.55 0.06
C TRP D 75 -6.71 -29.96 -1.40
N LEU D 76 -7.87 -29.96 -2.05
CA LEU D 76 -7.95 -30.21 -3.48
C LEU D 76 -7.73 -28.90 -4.22
N LYS D 77 -6.74 -28.87 -5.09
CA LYS D 77 -6.35 -27.65 -5.78
C LYS D 77 -6.45 -27.85 -7.30
N VAL D 78 -6.66 -26.74 -8.00
CA VAL D 78 -6.63 -26.70 -9.46
C VAL D 78 -5.40 -25.89 -9.87
N THR D 79 -4.69 -26.37 -10.88
CA THR D 79 -3.37 -25.82 -11.21
C THR D 79 -3.35 -24.98 -12.49
N GLU D 80 -4.45 -24.88 -13.22
CA GLU D 80 -4.48 -24.14 -14.47
C GLU D 80 -5.93 -23.78 -14.78
N PRO D 81 -6.15 -22.89 -15.75
CA PRO D 81 -7.52 -22.58 -16.14
C PRO D 81 -8.21 -23.76 -16.82
N LEU D 82 -9.54 -23.68 -16.88
CA LEU D 82 -10.37 -24.71 -17.47
C LEU D 82 -11.15 -24.15 -18.65
N ASP D 83 -11.64 -25.05 -19.49
CA ASP D 83 -12.48 -24.69 -20.64
C ASP D 83 -13.68 -25.62 -20.67
N ARG D 84 -14.86 -25.08 -20.35
CA ARG D 84 -16.07 -25.90 -20.33
C ARG D 84 -16.41 -26.42 -21.73
N GLU D 85 -16.04 -25.67 -22.77
CA GLU D 85 -16.30 -26.11 -24.14
C GLU D 85 -15.37 -27.22 -24.58
N ARG D 86 -14.39 -27.60 -23.75
CA ARG D 86 -13.49 -28.71 -24.03
C ARG D 86 -13.71 -29.89 -23.10
N ILE D 87 -13.84 -29.63 -21.81
CA ILE D 87 -14.17 -30.65 -20.80
C ILE D 87 -15.08 -29.97 -19.80
N ALA D 88 -16.37 -30.33 -19.83
CA ALA D 88 -17.36 -29.66 -18.99
C ALA D 88 -17.47 -30.26 -17.61
N THR D 89 -16.98 -31.48 -17.41
CA THR D 89 -17.09 -32.15 -16.12
C THR D 89 -15.86 -33.03 -15.91
N TYR D 90 -15.39 -33.08 -14.66
CA TYR D 90 -14.34 -33.98 -14.24
C TYR D 90 -14.85 -34.87 -13.11
N THR D 91 -14.36 -36.11 -13.08
CA THR D 91 -14.72 -37.05 -12.03
C THR D 91 -13.45 -37.61 -11.41
N LEU D 92 -13.23 -37.32 -10.14
CA LEU D 92 -12.04 -37.75 -9.42
C LEU D 92 -12.43 -38.69 -8.29
N PHE D 93 -11.43 -39.39 -7.77
CA PHE D 93 -11.60 -40.26 -6.61
C PHE D 93 -10.52 -39.91 -5.60
N SER D 94 -10.92 -39.58 -4.38
CA SER D 94 -9.98 -39.24 -3.32
C SER D 94 -9.69 -40.47 -2.47
N HIS D 95 -8.45 -40.58 -2.01
CA HIS D 95 -7.96 -41.75 -1.31
C HIS D 95 -7.34 -41.35 0.02
N ALA D 96 -7.56 -42.17 1.03
CA ALA D 96 -6.99 -41.97 2.35
C ALA D 96 -6.14 -43.18 2.69
N VAL D 97 -4.91 -42.94 3.13
CA VAL D 97 -3.92 -44.00 3.26
C VAL D 97 -3.03 -43.70 4.46
N SER D 98 -2.68 -44.76 5.20
CA SER D 98 -1.87 -44.61 6.41
C SER D 98 -0.40 -44.55 6.05
N SER D 99 0.47 -44.62 7.06
CA SER D 99 1.90 -44.52 6.81
C SER D 99 2.41 -45.71 6.01
N ASN D 100 1.85 -46.90 6.24
CA ASN D 100 2.30 -48.10 5.54
C ASN D 100 1.75 -48.20 4.12
N GLY D 101 0.80 -47.35 3.74
CA GLY D 101 0.20 -47.40 2.43
C GLY D 101 -1.18 -48.01 2.38
N ASN D 102 -1.63 -48.65 3.46
CA ASN D 102 -2.94 -49.28 3.47
C ASN D 102 -4.04 -48.23 3.43
N ALA D 103 -5.06 -48.48 2.62
CA ALA D 103 -6.21 -47.59 2.56
C ALA D 103 -7.00 -47.66 3.86
N VAL D 104 -7.33 -46.49 4.41
CA VAL D 104 -8.14 -46.41 5.62
C VAL D 104 -9.54 -45.90 5.33
N GLU D 105 -9.85 -45.55 4.10
CA GLU D 105 -11.19 -45.17 3.70
C GLU D 105 -11.50 -45.75 2.32
N ASP D 106 -12.78 -45.82 2.00
CA ASP D 106 -13.15 -46.17 0.65
C ASP D 106 -12.95 -44.97 -0.27
N PRO D 107 -12.55 -45.21 -1.52
CA PRO D 107 -12.37 -44.09 -2.47
C PRO D 107 -13.64 -43.27 -2.59
N MET D 108 -13.52 -41.98 -2.32
CA MET D 108 -14.65 -41.05 -2.35
C MET D 108 -14.72 -40.38 -3.71
N GLU D 109 -15.87 -40.50 -4.37
CA GLU D 109 -16.05 -39.88 -5.67
C GLU D 109 -16.24 -38.38 -5.51
N ILE D 110 -15.58 -37.60 -6.37
CA ILE D 110 -15.69 -36.15 -6.37
C ILE D 110 -15.98 -35.70 -7.80
N LEU D 111 -17.01 -34.88 -7.95
CA LEU D 111 -17.40 -34.33 -9.25
C LEU D 111 -16.98 -32.87 -9.33
N ILE D 112 -16.23 -32.54 -10.38
CA ILE D 112 -15.85 -31.16 -10.68
C ILE D 112 -16.69 -30.70 -11.88
N THR D 113 -17.49 -29.67 -11.68
CA THR D 113 -18.28 -29.08 -12.75
C THR D 113 -17.66 -27.74 -13.15
N VAL D 114 -17.46 -27.55 -14.44
CA VAL D 114 -16.86 -26.32 -14.97
C VAL D 114 -17.97 -25.31 -15.20
N THR D 115 -18.03 -24.28 -14.36
CA THR D 115 -19.05 -23.25 -14.51
C THR D 115 -18.83 -22.49 -15.82
N ASP D 116 -19.90 -22.38 -16.61
CA ASP D 116 -19.79 -21.81 -17.95
C ASP D 116 -19.60 -20.29 -17.89
N GLN D 117 -18.88 -19.78 -18.88
CA GLN D 117 -18.77 -18.34 -19.11
C GLN D 117 -19.11 -18.05 -20.57
N ASN D 118 -19.70 -16.87 -20.79
CA ASN D 118 -20.12 -16.48 -22.13
C ASN D 118 -18.91 -15.98 -22.91
N ASP D 119 -18.07 -16.93 -23.31
CA ASP D 119 -16.81 -16.62 -24.00
C ASP D 119 -16.83 -17.03 -25.47
N ASN D 120 -17.99 -17.44 -26.00
CA ASN D 120 -18.11 -17.83 -27.40
C ASN D 120 -19.18 -16.97 -28.06
N LYS D 121 -18.77 -16.16 -29.04
CA LYS D 121 -19.73 -15.42 -29.83
C LYS D 121 -20.49 -16.37 -30.75
N PRO D 122 -21.75 -16.05 -31.08
CA PRO D 122 -22.48 -16.87 -32.03
C PRO D 122 -21.87 -16.76 -33.43
N GLU D 123 -21.94 -17.86 -34.17
CA GLU D 123 -21.37 -17.94 -35.50
C GLU D 123 -22.42 -18.44 -36.48
N PHE D 124 -22.62 -17.69 -37.56
CA PHE D 124 -23.47 -18.14 -38.64
C PHE D 124 -22.79 -19.27 -39.42
N THR D 125 -23.60 -20.19 -39.93
CA THR D 125 -23.06 -21.31 -40.69
C THR D 125 -22.36 -20.87 -41.97
N GLN D 126 -22.67 -19.68 -42.46
CA GLN D 126 -22.00 -19.13 -43.64
C GLN D 126 -22.15 -17.62 -43.62
N GLU D 127 -21.34 -16.95 -44.45
CA GLU D 127 -21.33 -15.50 -44.44
C GLU D 127 -22.47 -14.91 -45.27
N VAL D 128 -22.74 -15.49 -46.44
CA VAL D 128 -23.76 -14.99 -47.35
C VAL D 128 -24.87 -16.03 -47.44
N PHE D 129 -26.07 -15.64 -47.01
CA PHE D 129 -27.27 -16.45 -47.16
C PHE D 129 -28.07 -15.93 -48.35
N LYS D 130 -28.46 -16.84 -49.24
CA LYS D 130 -29.21 -16.47 -50.43
C LYS D 130 -30.64 -16.99 -50.33
N GLY D 131 -31.56 -16.28 -50.99
CA GLY D 131 -32.96 -16.64 -50.97
C GLY D 131 -33.70 -16.00 -52.11
N SER D 132 -34.97 -16.41 -52.27
CA SER D 132 -35.81 -15.90 -53.34
C SER D 132 -37.24 -15.79 -52.85
N VAL D 133 -37.98 -14.86 -53.45
CA VAL D 133 -39.38 -14.61 -53.11
C VAL D 133 -40.12 -14.22 -54.37
N MET D 134 -41.38 -14.62 -54.46
CA MET D 134 -42.20 -14.33 -55.63
C MET D 134 -42.62 -12.86 -55.64
N GLU D 135 -42.88 -12.36 -56.85
CA GLU D 135 -43.29 -10.96 -57.01
C GLU D 135 -44.62 -10.71 -56.31
N GLY D 136 -44.71 -9.58 -55.62
CA GLY D 136 -45.94 -9.20 -54.94
C GLY D 136 -46.42 -10.21 -53.93
N ALA D 137 -45.50 -10.88 -53.24
CA ALA D 137 -45.89 -11.91 -52.28
C ALA D 137 -46.63 -11.30 -51.10
N LEU D 138 -47.65 -12.02 -50.62
CA LEU D 138 -48.45 -11.55 -49.50
C LEU D 138 -47.63 -11.54 -48.22
N PRO D 139 -48.00 -10.71 -47.25
CA PRO D 139 -47.31 -10.73 -45.95
C PRO D 139 -47.43 -12.09 -45.27
N GLY D 140 -46.35 -12.52 -44.66
CA GLY D 140 -46.30 -13.83 -44.03
C GLY D 140 -45.72 -14.93 -44.90
N THR D 141 -45.16 -14.59 -46.06
CA THR D 141 -44.55 -15.58 -46.94
C THR D 141 -43.12 -15.84 -46.49
N SER D 142 -42.83 -17.07 -46.09
CA SER D 142 -41.48 -17.42 -45.64
C SER D 142 -40.53 -17.37 -46.82
N VAL D 143 -39.55 -16.47 -46.76
CA VAL D 143 -38.62 -16.28 -47.87
C VAL D 143 -37.41 -17.19 -47.74
N MET D 144 -36.73 -17.15 -46.60
CA MET D 144 -35.52 -17.93 -46.39
C MET D 144 -35.30 -18.12 -44.91
N GLU D 145 -34.24 -18.83 -44.55
CA GLU D 145 -33.93 -19.12 -43.16
C GLU D 145 -32.42 -19.06 -42.93
N VAL D 146 -32.01 -18.24 -41.97
CA VAL D 146 -30.62 -18.15 -41.54
C VAL D 146 -30.47 -18.88 -40.21
N THR D 147 -29.32 -19.52 -40.03
CA THR D 147 -29.06 -20.32 -38.83
C THR D 147 -27.67 -20.02 -38.27
N ALA D 148 -27.60 -19.85 -36.96
CA ALA D 148 -26.35 -19.61 -36.26
C ALA D 148 -26.23 -20.53 -35.06
N THR D 149 -25.00 -20.73 -34.60
CA THR D 149 -24.72 -21.64 -33.50
C THR D 149 -23.92 -20.92 -32.42
N ASP D 150 -23.96 -21.47 -31.21
CA ASP D 150 -23.23 -20.92 -30.07
C ASP D 150 -22.75 -22.07 -29.20
N ALA D 151 -21.45 -22.13 -28.95
CA ALA D 151 -20.84 -23.26 -28.29
C ALA D 151 -20.95 -23.24 -26.76
N ASP D 152 -21.57 -22.20 -26.19
CA ASP D 152 -21.64 -22.10 -24.74
C ASP D 152 -22.72 -23.04 -24.19
N ASP D 153 -22.85 -23.05 -22.86
CA ASP D 153 -23.74 -23.98 -22.16
C ASP D 153 -25.19 -23.60 -22.43
N ASP D 154 -25.86 -24.39 -23.26
CA ASP D 154 -27.26 -24.16 -23.59
C ASP D 154 -28.22 -24.82 -22.62
N VAL D 155 -27.71 -25.49 -21.59
CA VAL D 155 -28.54 -26.21 -20.63
C VAL D 155 -28.78 -25.37 -19.37
N ASN D 156 -27.73 -24.75 -18.83
CA ASN D 156 -27.83 -24.07 -17.55
C ASN D 156 -27.81 -22.55 -17.65
N THR D 157 -27.55 -21.99 -18.82
CA THR D 157 -27.48 -20.54 -18.97
C THR D 157 -28.12 -20.13 -20.29
N TYR D 158 -28.30 -18.81 -20.44
CA TYR D 158 -28.70 -18.22 -21.71
C TYR D 158 -27.51 -17.75 -22.54
N ASN D 159 -26.31 -18.27 -22.24
CA ASN D 159 -25.13 -17.88 -22.99
C ASN D 159 -25.11 -18.43 -24.42
N ALA D 160 -26.07 -19.28 -24.77
CA ALA D 160 -26.18 -19.82 -26.12
C ALA D 160 -27.56 -19.58 -26.71
N ALA D 161 -28.41 -18.80 -26.04
CA ALA D 161 -29.74 -18.47 -26.53
C ALA D 161 -29.62 -17.38 -27.58
N ILE D 162 -29.75 -17.75 -28.85
CA ILE D 162 -29.54 -16.83 -29.97
C ILE D 162 -30.84 -16.13 -30.32
N ALA D 163 -30.76 -14.83 -30.53
CA ALA D 163 -31.90 -14.01 -30.95
C ALA D 163 -31.56 -13.32 -32.26
N TYR D 164 -32.35 -13.58 -33.29
CA TYR D 164 -32.08 -13.06 -34.63
C TYR D 164 -32.83 -11.75 -34.85
N THR D 165 -32.12 -10.76 -35.39
CA THR D 165 -32.72 -9.47 -35.71
C THR D 165 -32.23 -9.03 -37.09
N ILE D 166 -32.99 -8.11 -37.70
CA ILE D 166 -32.62 -7.50 -38.97
C ILE D 166 -32.08 -6.11 -38.69
N LEU D 167 -30.90 -5.81 -39.24
CA LEU D 167 -30.25 -4.52 -39.04
C LEU D 167 -30.47 -3.58 -40.23
N SER D 168 -30.05 -4.00 -41.42
CA SER D 168 -30.12 -3.17 -42.61
C SER D 168 -31.01 -3.81 -43.65
N GLN D 169 -31.42 -2.99 -44.63
CA GLN D 169 -32.17 -3.46 -45.78
C GLN D 169 -31.87 -2.52 -46.94
N ASP D 170 -31.33 -3.07 -48.02
CA ASP D 170 -30.93 -2.27 -49.18
C ASP D 170 -31.60 -2.86 -50.42
N PRO D 171 -32.46 -2.10 -51.11
CA PRO D 171 -32.83 -0.73 -50.75
C PRO D 171 -33.94 -0.68 -49.71
N GLU D 172 -34.28 0.52 -49.25
CA GLU D 172 -35.35 0.72 -48.27
C GLU D 172 -36.38 1.72 -48.79
N LEU D 173 -36.58 1.76 -50.10
CA LEU D 173 -37.43 2.77 -50.73
C LEU D 173 -38.91 2.38 -50.71
N PRO D 174 -39.30 1.15 -51.07
CA PRO D 174 -40.73 0.81 -50.93
C PRO D 174 -41.17 0.78 -49.47
N ASP D 175 -40.30 0.32 -48.58
CA ASP D 175 -40.53 0.39 -47.14
C ASP D 175 -39.19 0.17 -46.45
N LYS D 176 -39.04 0.79 -45.27
CA LYS D 176 -37.78 0.69 -44.54
C LYS D 176 -37.51 -0.74 -44.09
N ASN D 177 -38.55 -1.52 -43.80
CA ASN D 177 -38.41 -2.91 -43.36
C ASN D 177 -39.51 -3.73 -44.03
N MET D 178 -39.27 -4.09 -45.29
CA MET D 178 -40.25 -4.90 -46.02
C MET D 178 -40.28 -6.33 -45.50
N PHE D 179 -39.16 -6.85 -45.02
CA PHE D 179 -39.07 -8.18 -44.46
C PHE D 179 -38.94 -8.10 -42.94
N THR D 180 -39.31 -9.20 -42.29
CA THR D 180 -39.13 -9.33 -40.85
C THR D 180 -38.57 -10.71 -40.56
N ILE D 181 -37.71 -10.79 -39.54
CA ILE D 181 -37.08 -12.04 -39.15
C ILE D 181 -37.66 -12.47 -37.81
N ASN D 182 -37.59 -13.76 -37.55
CA ASN D 182 -38.05 -14.32 -36.28
C ASN D 182 -36.90 -14.35 -35.29
N ARG D 183 -37.20 -14.02 -34.02
CA ARG D 183 -36.17 -13.99 -33.00
C ARG D 183 -35.63 -15.39 -32.72
N ASN D 184 -36.49 -16.40 -32.75
CA ASN D 184 -36.08 -17.76 -32.37
C ASN D 184 -35.57 -18.54 -33.59
N THR D 185 -36.47 -18.95 -34.48
CA THR D 185 -36.07 -19.80 -35.59
C THR D 185 -35.23 -19.05 -36.61
N GLY D 186 -35.37 -17.73 -36.68
CA GLY D 186 -34.60 -16.95 -37.62
C GLY D 186 -35.05 -17.05 -39.06
N VAL D 187 -36.35 -17.25 -39.30
CA VAL D 187 -36.87 -17.25 -40.66
C VAL D 187 -37.22 -15.83 -41.06
N ILE D 188 -37.05 -15.52 -42.34
CA ILE D 188 -37.30 -14.19 -42.89
C ILE D 188 -38.59 -14.25 -43.69
N SER D 189 -39.56 -13.42 -43.30
CA SER D 189 -40.88 -13.42 -43.92
C SER D 189 -41.23 -12.02 -44.42
N VAL D 190 -42.14 -11.97 -45.38
CA VAL D 190 -42.62 -10.70 -45.90
C VAL D 190 -43.58 -10.08 -44.88
N VAL D 191 -43.46 -8.77 -44.68
CA VAL D 191 -44.31 -8.06 -43.74
C VAL D 191 -45.05 -6.88 -44.38
N THR D 192 -44.77 -6.55 -45.64
CA THR D 192 -45.46 -5.48 -46.34
C THR D 192 -46.29 -6.05 -47.48
N THR D 193 -47.04 -5.17 -48.15
CA THR D 193 -47.99 -5.59 -49.16
C THR D 193 -47.32 -6.20 -50.39
N GLY D 194 -46.03 -5.93 -50.61
CA GLY D 194 -45.29 -6.55 -51.69
C GLY D 194 -44.52 -5.53 -52.51
N LEU D 195 -43.71 -6.07 -53.42
CA LEU D 195 -42.88 -5.27 -54.31
C LEU D 195 -42.83 -5.91 -55.68
N ASP D 196 -42.42 -5.12 -56.67
CA ASP D 196 -42.28 -5.58 -58.04
C ASP D 196 -40.81 -5.80 -58.38
N ARG D 197 -40.55 -6.73 -59.29
CA ARG D 197 -39.19 -6.91 -59.79
C ARG D 197 -38.80 -5.77 -60.72
N GLU D 198 -39.77 -5.13 -61.36
CA GLU D 198 -39.50 -4.02 -62.25
C GLU D 198 -39.06 -2.76 -61.51
N SER D 199 -39.40 -2.66 -60.22
CA SER D 199 -38.96 -1.52 -59.42
C SER D 199 -37.67 -1.83 -58.65
N PHE D 200 -37.65 -2.96 -57.93
CA PHE D 200 -36.46 -3.35 -57.17
C PHE D 200 -36.30 -4.87 -57.19
N PRO D 201 -35.29 -5.38 -57.90
CA PRO D 201 -35.17 -6.84 -58.05
C PRO D 201 -34.43 -7.52 -56.90
N THR D 202 -33.48 -6.81 -56.30
CA THR D 202 -32.61 -7.39 -55.28
C THR D 202 -32.76 -6.64 -53.97
N TYR D 203 -32.80 -7.39 -52.87
CA TYR D 203 -32.83 -6.83 -51.53
C TYR D 203 -31.72 -7.48 -50.71
N THR D 204 -30.84 -6.66 -50.15
CA THR D 204 -29.77 -7.12 -49.28
C THR D 204 -30.12 -6.77 -47.84
N LEU D 205 -30.01 -7.76 -46.95
CA LEU D 205 -30.33 -7.58 -45.54
C LEU D 205 -29.14 -7.98 -44.69
N VAL D 206 -28.95 -7.28 -43.58
CA VAL D 206 -27.91 -7.58 -42.61
C VAL D 206 -28.59 -8.14 -41.38
N VAL D 207 -28.41 -9.44 -41.14
CA VAL D 207 -28.99 -10.12 -40.00
C VAL D 207 -27.96 -10.19 -38.89
N GLN D 208 -28.43 -10.25 -37.64
CA GLN D 208 -27.57 -10.27 -36.47
C GLN D 208 -28.00 -11.38 -35.54
N ALA D 209 -27.05 -12.19 -35.09
CA ALA D 209 -27.27 -13.21 -34.08
C ALA D 209 -26.56 -12.80 -32.81
N ALA D 210 -27.28 -12.77 -31.69
CA ALA D 210 -26.72 -12.37 -30.41
C ALA D 210 -27.20 -13.30 -29.33
N ASP D 211 -26.29 -13.70 -28.44
CA ASP D 211 -26.63 -14.57 -27.32
C ASP D 211 -27.26 -13.72 -26.22
N LEU D 212 -27.51 -14.34 -25.06
CA LEU D 212 -28.21 -13.69 -23.96
C LEU D 212 -29.57 -13.15 -24.40
N GLN D 213 -30.23 -13.91 -25.28
CA GLN D 213 -31.54 -13.53 -25.83
C GLN D 213 -31.48 -12.19 -26.56
N GLY D 214 -30.35 -11.90 -27.20
CA GLY D 214 -30.18 -10.70 -27.98
C GLY D 214 -29.38 -9.61 -27.31
N GLU D 215 -29.15 -9.70 -25.99
CA GLU D 215 -28.44 -8.68 -25.25
C GLU D 215 -26.99 -9.08 -24.95
N GLY D 216 -26.41 -9.97 -25.75
CA GLY D 216 -25.05 -10.42 -25.52
C GLY D 216 -24.12 -10.21 -26.70
N LEU D 217 -23.21 -11.16 -26.91
CA LEU D 217 -22.24 -11.06 -28.00
C LEU D 217 -22.93 -11.21 -29.35
N SER D 218 -22.55 -10.36 -30.30
CA SER D 218 -23.24 -10.24 -31.58
C SER D 218 -22.38 -10.76 -32.72
N THR D 219 -23.05 -11.05 -33.84
CA THR D 219 -22.40 -11.46 -35.09
C THR D 219 -23.36 -11.17 -36.22
N THR D 220 -22.86 -10.58 -37.30
CA THR D 220 -23.68 -10.20 -38.43
C THR D 220 -23.45 -11.15 -39.61
N ALA D 221 -24.48 -11.23 -40.47
CA ALA D 221 -24.38 -11.97 -41.72
C ALA D 221 -25.23 -11.27 -42.76
N THR D 222 -24.89 -11.49 -44.02
CA THR D 222 -25.60 -10.89 -45.15
C THR D 222 -26.59 -11.88 -45.73
N ALA D 223 -27.81 -11.41 -45.98
CA ALA D 223 -28.87 -12.23 -46.58
C ALA D 223 -29.39 -11.51 -47.82
N VAL D 224 -29.08 -12.05 -49.00
CA VAL D 224 -29.49 -11.47 -50.27
C VAL D 224 -30.77 -12.16 -50.72
N ILE D 225 -31.79 -11.36 -51.04
CA ILE D 225 -33.11 -11.87 -51.45
C ILE D 225 -33.40 -11.33 -52.85
N THR D 226 -33.57 -12.24 -53.80
CA THR D 226 -33.93 -11.88 -55.17
C THR D 226 -35.43 -12.05 -55.36
N VAL D 227 -36.04 -11.09 -56.06
CA VAL D 227 -37.47 -11.11 -56.33
C VAL D 227 -37.72 -11.90 -57.60
N THR D 228 -38.54 -12.96 -57.49
CA THR D 228 -38.86 -13.77 -58.65
C THR D 228 -39.83 -13.04 -59.56
N ASP D 229 -39.51 -13.00 -60.86
CA ASP D 229 -40.32 -12.26 -61.83
C ASP D 229 -41.58 -13.02 -62.18
N THR D 230 -42.71 -12.30 -62.19
CA THR D 230 -43.98 -12.82 -62.69
C THR D 230 -44.31 -12.11 -64.00
N ASN D 231 -45.52 -12.35 -64.50
CA ASN D 231 -45.99 -11.74 -65.74
C ASN D 231 -47.09 -10.74 -65.42
N ASP D 232 -46.70 -9.64 -64.79
CA ASP D 232 -47.63 -8.59 -64.39
C ASP D 232 -47.57 -7.37 -65.30
N ASN D 233 -46.86 -7.46 -66.42
CA ASN D 233 -46.76 -6.36 -67.39
C ASN D 233 -47.04 -6.93 -68.77
N PRO D 234 -48.08 -6.48 -69.46
CA PRO D 234 -48.39 -7.04 -70.78
C PRO D 234 -47.53 -6.41 -71.86
N PRO D 235 -47.25 -7.14 -72.93
CA PRO D 235 -46.48 -6.57 -74.04
C PRO D 235 -47.29 -5.46 -74.73
N ILE D 236 -46.62 -4.34 -74.99
CA ILE D 236 -47.25 -3.15 -75.55
C ILE D 236 -46.56 -2.79 -76.85
N PHE D 237 -47.35 -2.63 -77.92
CA PHE D 237 -46.80 -2.22 -79.20
C PHE D 237 -46.31 -0.77 -79.13
N ASN D 238 -45.07 -0.55 -79.56
CA ASN D 238 -44.55 0.82 -79.58
C ASN D 238 -45.26 1.66 -80.63
N PRO D 239 -45.36 1.24 -81.92
CA PRO D 239 -46.30 1.91 -82.82
C PRO D 239 -47.58 1.12 -82.95
N THR D 240 -48.73 1.74 -82.70
CA THR D 240 -49.99 1.03 -82.77
C THR D 240 -50.54 0.88 -84.17
N THR D 241 -49.95 1.57 -85.16
CA THR D 241 -50.39 1.49 -86.54
C THR D 241 -49.20 1.16 -87.43
N TYR D 242 -49.47 0.39 -88.49
CA TYR D 242 -48.45 -0.03 -89.44
C TYR D 242 -48.99 0.07 -90.85
N LYS D 243 -48.09 -0.05 -91.82
CA LYS D 243 -48.45 -0.01 -93.23
C LYS D 243 -47.35 -0.67 -94.04
N GLY D 244 -47.74 -1.41 -95.07
CA GLY D 244 -46.77 -2.10 -95.90
C GLY D 244 -47.42 -2.61 -97.17
N GLN D 245 -46.57 -2.91 -98.15
CA GLN D 245 -47.02 -3.38 -99.45
C GLN D 245 -46.27 -4.65 -99.84
N VAL D 246 -46.96 -5.51 -100.58
CA VAL D 246 -46.38 -6.78 -101.05
C VAL D 246 -47.00 -7.12 -102.39
N PRO D 247 -46.28 -7.82 -103.27
CA PRO D 247 -46.87 -8.19 -104.56
C PRO D 247 -48.00 -9.20 -104.38
N GLU D 248 -48.73 -9.44 -105.49
CA GLU D 248 -49.91 -10.28 -105.46
C GLU D 248 -49.55 -11.73 -105.15
N ASN D 249 -49.04 -12.46 -106.14
CA ASN D 249 -48.77 -13.89 -106.00
C ASN D 249 -47.35 -14.07 -105.50
N GLU D 250 -47.18 -13.95 -104.18
CA GLU D 250 -45.88 -14.16 -103.55
C GLU D 250 -46.10 -14.56 -102.10
N ALA D 251 -45.42 -15.63 -101.67
CA ALA D 251 -45.50 -16.12 -100.31
C ALA D 251 -44.21 -15.83 -99.57
N ASN D 252 -44.27 -15.94 -98.24
CA ASN D 252 -43.17 -15.66 -97.31
C ASN D 252 -42.37 -14.43 -97.72
N VAL D 253 -43.10 -13.35 -98.02
CA VAL D 253 -42.52 -12.05 -98.34
C VAL D 253 -42.79 -11.12 -97.16
N VAL D 254 -41.74 -10.44 -96.69
CA VAL D 254 -41.87 -9.57 -95.52
C VAL D 254 -42.77 -8.40 -95.86
N ILE D 255 -43.79 -8.18 -95.03
CA ILE D 255 -44.71 -7.05 -95.19
C ILE D 255 -44.32 -5.89 -94.29
N THR D 256 -44.10 -6.17 -93.00
CA THR D 256 -43.68 -5.15 -92.03
C THR D 256 -43.11 -5.87 -90.82
N THR D 257 -42.64 -5.07 -89.85
CA THR D 257 -42.10 -5.59 -88.60
C THR D 257 -42.76 -4.88 -87.43
N LEU D 258 -43.28 -5.65 -86.48
CA LEU D 258 -43.92 -5.10 -85.30
C LEU D 258 -42.89 -4.81 -84.22
N LYS D 259 -43.16 -3.80 -83.40
CA LYS D 259 -42.27 -3.39 -82.32
C LYS D 259 -43.05 -3.41 -81.01
N VAL D 260 -42.56 -4.20 -80.05
CA VAL D 260 -43.20 -4.31 -78.74
C VAL D 260 -42.16 -4.01 -77.67
N THR D 261 -42.66 -3.71 -76.47
CA THR D 261 -41.83 -3.45 -75.30
C THR D 261 -42.47 -4.09 -74.09
N ASP D 262 -41.77 -5.02 -73.45
CA ASP D 262 -42.26 -5.73 -72.29
C ASP D 262 -41.34 -5.43 -71.11
N ALA D 263 -41.92 -4.95 -70.01
CA ALA D 263 -41.15 -4.55 -68.85
C ALA D 263 -40.70 -5.71 -67.98
N ASP D 264 -41.18 -6.93 -68.24
CA ASP D 264 -40.81 -8.08 -67.43
C ASP D 264 -39.35 -8.47 -67.68
N ALA D 265 -38.89 -9.47 -66.95
CA ALA D 265 -37.51 -9.92 -67.04
C ALA D 265 -37.19 -10.40 -68.45
N PRO D 266 -36.24 -9.77 -69.15
CA PRO D 266 -35.97 -10.14 -70.54
C PRO D 266 -35.48 -11.57 -70.68
N ASN D 267 -35.59 -12.08 -71.91
CA ASN D 267 -35.15 -13.42 -72.29
C ASN D 267 -35.82 -14.52 -71.46
N THR D 268 -36.97 -14.21 -70.87
CA THR D 268 -37.78 -15.15 -70.11
C THR D 268 -39.12 -15.33 -70.80
N PRO D 269 -39.84 -16.43 -70.51
CA PRO D 269 -41.14 -16.62 -71.16
C PRO D 269 -42.14 -15.51 -70.90
N ALA D 270 -42.04 -14.80 -69.77
CA ALA D 270 -42.90 -13.66 -69.52
C ALA D 270 -42.54 -12.44 -70.37
N TRP D 271 -41.38 -12.46 -71.03
CA TRP D 271 -40.95 -11.40 -71.93
C TRP D 271 -41.03 -11.78 -73.39
N GLU D 272 -40.85 -13.06 -73.72
CA GLU D 272 -40.98 -13.51 -75.09
C GLU D 272 -42.41 -13.32 -75.58
N ALA D 273 -42.56 -12.70 -76.74
CA ALA D 273 -43.87 -12.39 -77.31
C ALA D 273 -44.28 -13.46 -78.31
N VAL D 274 -45.59 -13.71 -78.36
CA VAL D 274 -46.18 -14.62 -79.33
C VAL D 274 -47.35 -13.89 -79.98
N TYR D 275 -47.22 -13.60 -81.27
CA TYR D 275 -48.21 -12.82 -82.00
C TYR D 275 -49.23 -13.74 -82.66
N THR D 276 -50.51 -13.49 -82.42
CA THR D 276 -51.59 -14.26 -83.01
C THR D 276 -52.48 -13.33 -83.82
N ILE D 277 -52.54 -13.57 -85.13
CA ILE D 277 -53.39 -12.77 -86.00
C ILE D 277 -54.84 -13.14 -85.75
N LEU D 278 -55.65 -12.16 -85.37
CA LEU D 278 -57.03 -12.44 -84.99
C LEU D 278 -57.93 -12.65 -86.20
N ASN D 279 -57.92 -11.71 -87.15
CA ASN D 279 -58.83 -11.75 -88.29
C ASN D 279 -58.11 -12.31 -89.52
N ASP D 280 -57.85 -13.63 -89.46
CA ASP D 280 -57.24 -14.34 -90.59
C ASP D 280 -57.84 -15.75 -90.61
N ASP D 281 -59.05 -15.85 -91.15
CA ASP D 281 -59.74 -17.13 -91.21
C ASP D 281 -59.06 -18.08 -92.19
N GLY D 282 -58.70 -17.57 -93.37
CA GLY D 282 -58.07 -18.40 -94.37
C GLY D 282 -56.61 -18.73 -94.12
N GLY D 283 -55.99 -18.08 -93.16
CA GLY D 283 -54.59 -18.33 -92.86
C GLY D 283 -53.63 -17.88 -93.95
N GLN D 284 -53.88 -16.69 -94.52
CA GLN D 284 -53.01 -16.18 -95.57
C GLN D 284 -51.76 -15.50 -95.03
N PHE D 285 -51.73 -15.16 -93.74
CA PHE D 285 -50.59 -14.47 -93.15
C PHE D 285 -50.10 -15.24 -91.92
N VAL D 286 -48.82 -15.08 -91.63
CA VAL D 286 -48.20 -15.70 -90.47
C VAL D 286 -47.13 -14.75 -89.94
N VAL D 287 -47.10 -14.58 -88.62
CA VAL D 287 -46.14 -13.69 -87.96
C VAL D 287 -45.25 -14.54 -87.06
N THR D 288 -43.94 -14.48 -87.31
CA THR D 288 -42.96 -15.19 -86.51
C THR D 288 -42.24 -14.20 -85.61
N THR D 289 -41.88 -14.64 -84.41
CA THR D 289 -41.25 -13.77 -83.43
C THR D 289 -39.74 -13.92 -83.50
N ASN D 290 -39.05 -12.84 -83.79
CA ASN D 290 -37.60 -12.83 -83.78
C ASN D 290 -37.12 -12.82 -82.33
N PRO D 291 -36.42 -13.87 -81.86
CA PRO D 291 -36.11 -13.95 -80.43
C PRO D 291 -35.13 -12.89 -79.94
N VAL D 292 -34.30 -12.33 -80.81
CA VAL D 292 -33.32 -11.34 -80.37
C VAL D 292 -33.98 -10.00 -80.11
N ASN D 293 -34.65 -9.45 -81.13
CA ASN D 293 -35.32 -8.16 -81.01
C ASN D 293 -36.67 -8.24 -80.32
N ASN D 294 -37.21 -9.46 -80.14
CA ASN D 294 -38.58 -9.66 -79.66
C ASN D 294 -39.59 -8.95 -80.56
N ASP D 295 -39.27 -8.85 -81.84
CA ASP D 295 -40.11 -8.19 -82.83
C ASP D 295 -40.88 -9.21 -83.64
N GLY D 296 -42.03 -8.78 -84.17
CA GLY D 296 -42.86 -9.64 -84.98
C GLY D 296 -42.63 -9.43 -86.46
N ILE D 297 -42.05 -10.44 -87.12
CA ILE D 297 -41.79 -10.39 -88.56
C ILE D 297 -43.03 -10.92 -89.27
N LEU D 298 -43.74 -10.04 -89.97
CA LEU D 298 -44.99 -10.38 -90.64
C LEU D 298 -44.69 -10.72 -92.10
N LYS D 299 -44.87 -11.98 -92.47
CA LYS D 299 -44.72 -12.44 -93.84
C LYS D 299 -46.00 -13.14 -94.29
N THR D 300 -46.24 -13.12 -95.59
CA THR D 300 -47.42 -13.75 -96.14
C THR D 300 -47.28 -15.27 -96.09
N ALA D 301 -48.27 -15.94 -95.49
CA ALA D 301 -48.23 -17.40 -95.42
C ALA D 301 -48.44 -18.02 -96.78
N LYS D 302 -49.61 -17.78 -97.39
CA LYS D 302 -49.93 -18.27 -98.72
C LYS D 302 -49.89 -17.11 -99.70
N GLY D 303 -50.04 -17.44 -100.99
CA GLY D 303 -50.06 -16.42 -102.01
C GLY D 303 -51.35 -15.63 -102.00
N LEU D 304 -51.21 -14.31 -102.11
CA LEU D 304 -52.37 -13.43 -102.11
C LEU D 304 -52.91 -13.25 -103.53
N ASP D 305 -54.10 -12.67 -103.62
CA ASP D 305 -54.77 -12.41 -104.88
C ASP D 305 -55.29 -10.98 -104.87
N PHE D 306 -54.85 -10.17 -105.85
CA PHE D 306 -55.26 -8.77 -105.89
C PHE D 306 -56.73 -8.63 -106.25
N GLU D 307 -57.23 -9.50 -107.14
CA GLU D 307 -58.63 -9.42 -107.56
C GLU D 307 -59.58 -9.96 -106.51
N ALA D 308 -59.09 -10.67 -105.50
CA ALA D 308 -59.96 -11.17 -104.45
C ALA D 308 -60.18 -10.12 -103.36
N LYS D 309 -59.10 -9.49 -102.90
CA LYS D 309 -59.20 -8.44 -101.90
C LYS D 309 -57.98 -7.55 -102.02
N GLN D 310 -58.21 -6.25 -102.27
CA GLN D 310 -57.13 -5.33 -102.58
C GLN D 310 -56.42 -4.79 -101.34
N GLN D 311 -57.07 -4.84 -100.17
CA GLN D 311 -56.50 -4.28 -98.96
C GLN D 311 -56.97 -5.08 -97.76
N TYR D 312 -56.04 -5.47 -96.90
CA TYR D 312 -56.34 -6.24 -95.69
C TYR D 312 -56.07 -5.37 -94.47
N ILE D 313 -57.00 -5.38 -93.52
CA ILE D 313 -56.83 -4.67 -92.26
C ILE D 313 -56.64 -5.71 -91.15
N LEU D 314 -55.40 -6.11 -90.91
CA LEU D 314 -55.09 -7.17 -89.96
C LEU D 314 -54.97 -6.63 -88.55
N HIS D 315 -55.54 -7.36 -87.59
CA HIS D 315 -55.42 -7.06 -86.17
C HIS D 315 -54.55 -8.14 -85.53
N VAL D 316 -53.46 -7.73 -84.90
CA VAL D 316 -52.48 -8.64 -84.31
C VAL D 316 -52.46 -8.40 -82.81
N ALA D 317 -52.82 -9.43 -82.04
CA ALA D 317 -52.79 -9.39 -80.59
C ALA D 317 -51.52 -10.06 -80.08
N VAL D 318 -50.78 -9.35 -79.23
CA VAL D 318 -49.50 -9.83 -78.71
C VAL D 318 -49.73 -10.38 -77.31
N THR D 319 -49.15 -11.54 -77.04
CA THR D 319 -49.23 -12.16 -75.72
C THR D 319 -47.82 -12.65 -75.35
N ASN D 320 -47.74 -13.52 -74.35
CA ASN D 320 -46.47 -14.08 -73.92
C ASN D 320 -46.56 -15.60 -73.90
N VAL D 321 -45.39 -16.24 -73.86
CA VAL D 321 -45.34 -17.69 -73.79
C VAL D 321 -45.92 -18.18 -72.47
N VAL D 322 -45.86 -17.36 -71.43
CA VAL D 322 -46.43 -17.70 -70.13
C VAL D 322 -47.73 -16.91 -69.95
N PRO D 323 -48.78 -17.52 -69.40
CA PRO D 323 -50.04 -16.78 -69.21
C PRO D 323 -49.88 -15.63 -68.23
N PHE D 324 -50.80 -14.68 -68.32
CA PHE D 324 -50.76 -13.52 -67.44
C PHE D 324 -51.12 -13.91 -66.01
N GLU D 325 -50.43 -13.29 -65.06
CA GLU D 325 -50.65 -13.58 -63.64
C GLU D 325 -51.66 -12.62 -63.02
N THR D 329 -54.91 -6.31 -69.86
CA THR D 329 -55.15 -5.45 -71.01
C THR D 329 -54.20 -5.81 -72.14
N THR D 330 -54.62 -6.74 -73.00
CA THR D 330 -53.80 -7.16 -74.12
C THR D 330 -53.80 -6.07 -75.20
N SER D 331 -52.62 -5.72 -75.69
CA SER D 331 -52.49 -4.71 -76.72
C SER D 331 -52.67 -5.35 -78.10
N THR D 332 -53.65 -4.86 -78.84
CA THR D 332 -53.92 -5.34 -80.19
C THR D 332 -53.62 -4.21 -81.18
N ALA D 333 -52.76 -4.49 -82.15
CA ALA D 333 -52.29 -3.50 -83.10
C ALA D 333 -53.13 -3.53 -84.39
N THR D 334 -52.86 -2.54 -85.24
CA THR D 334 -53.53 -2.41 -86.53
C THR D 334 -52.47 -2.25 -87.61
N VAL D 335 -52.51 -3.14 -88.61
CA VAL D 335 -51.55 -3.12 -89.71
C VAL D 335 -52.31 -3.28 -91.03
N THR D 336 -52.10 -2.35 -91.94
CA THR D 336 -52.76 -2.37 -93.25
C THR D 336 -51.82 -2.98 -94.28
N VAL D 337 -52.35 -3.91 -95.08
CA VAL D 337 -51.57 -4.61 -96.09
C VAL D 337 -52.19 -4.30 -97.44
N ASP D 338 -51.44 -3.58 -98.28
CA ASP D 338 -51.89 -3.24 -99.63
C ASP D 338 -51.31 -4.25 -100.62
N VAL D 339 -52.19 -4.89 -101.38
CA VAL D 339 -51.79 -5.86 -102.38
C VAL D 339 -51.47 -5.14 -103.68
N LEU D 340 -50.39 -5.55 -104.33
CA LEU D 340 -49.97 -4.94 -105.59
C LEU D 340 -50.59 -5.68 -106.78
N ASP D 341 -51.02 -4.91 -107.77
CA ASP D 341 -51.62 -5.48 -108.98
C ASP D 341 -50.52 -6.08 -109.84
N VAL D 342 -50.59 -7.39 -110.07
CA VAL D 342 -49.60 -8.11 -110.86
C VAL D 342 -50.30 -8.72 -112.07
N ASN D 343 -49.64 -8.67 -113.22
CA ASN D 343 -50.18 -9.28 -114.42
C ASN D 343 -50.12 -10.80 -114.31
N GLU D 344 -51.13 -11.47 -114.87
CA GLU D 344 -51.24 -12.92 -114.81
C GLU D 344 -51.64 -13.45 -116.17
N ALA D 345 -51.10 -14.62 -116.52
CA ALA D 345 -51.34 -15.18 -117.83
C ALA D 345 -52.79 -15.65 -117.96
N PRO D 346 -53.39 -15.52 -119.15
CA PRO D 346 -54.77 -15.99 -119.34
C PRO D 346 -54.86 -17.50 -119.19
N ILE D 347 -55.73 -17.94 -118.29
CA ILE D 347 -55.93 -19.36 -118.02
C ILE D 347 -57.01 -19.89 -118.97
N PHE D 348 -56.65 -20.87 -119.79
CA PHE D 348 -57.62 -21.49 -120.68
C PHE D 348 -58.66 -22.26 -119.88
N VAL D 349 -59.88 -22.29 -120.40
CA VAL D 349 -61.01 -22.94 -119.75
C VAL D 349 -61.61 -23.94 -120.74
N PRO D 350 -61.31 -25.25 -120.58
CA PRO D 350 -60.43 -25.81 -119.56
C PRO D 350 -58.96 -25.83 -120.02
N PRO D 351 -58.02 -26.05 -119.08
CA PRO D 351 -56.61 -26.13 -119.49
C PRO D 351 -56.32 -27.24 -120.47
N GLU D 352 -57.12 -28.31 -120.46
CA GLU D 352 -56.98 -29.44 -121.38
C GLU D 352 -58.33 -29.65 -122.06
N LYS D 353 -58.56 -28.93 -123.16
CA LYS D 353 -59.84 -28.99 -123.86
C LYS D 353 -59.96 -30.31 -124.62
N ARG D 354 -61.03 -31.05 -124.34
CA ARG D 354 -61.29 -32.33 -124.98
C ARG D 354 -62.64 -32.27 -125.69
N VAL D 355 -62.62 -32.51 -127.00
CA VAL D 355 -63.83 -32.51 -127.82
C VAL D 355 -63.75 -33.68 -128.79
N GLU D 356 -64.68 -34.63 -128.67
CA GLU D 356 -64.67 -35.78 -129.56
C GLU D 356 -65.18 -35.40 -130.94
N VAL D 357 -64.62 -36.04 -131.96
CA VAL D 357 -64.94 -35.72 -133.35
C VAL D 357 -64.58 -36.92 -134.20
N SER D 358 -65.29 -37.07 -135.32
CA SER D 358 -64.98 -38.08 -136.32
C SER D 358 -64.13 -37.48 -137.43
N GLU D 359 -63.65 -38.33 -138.32
CA GLU D 359 -62.80 -37.89 -139.42
C GLU D 359 -63.58 -37.27 -140.57
N ASP D 360 -64.91 -37.20 -140.48
CA ASP D 360 -65.74 -36.60 -141.51
C ASP D 360 -65.75 -35.07 -141.46
N PHE D 361 -64.90 -34.47 -140.62
CA PHE D 361 -64.93 -33.03 -140.44
C PHE D 361 -64.38 -32.32 -141.69
N GLY D 362 -65.04 -31.23 -142.08
CA GLY D 362 -64.64 -30.52 -143.27
C GLY D 362 -63.28 -29.87 -143.14
N VAL D 363 -62.69 -29.55 -144.30
CA VAL D 363 -61.37 -28.95 -144.35
C VAL D 363 -61.37 -27.49 -143.90
N GLY D 364 -62.54 -26.86 -143.81
CA GLY D 364 -62.62 -25.47 -143.39
C GLY D 364 -63.51 -25.25 -142.19
N GLN D 365 -64.21 -26.30 -141.74
CA GLN D 365 -65.11 -26.18 -140.62
C GLN D 365 -64.34 -25.93 -139.32
N GLU D 366 -64.96 -25.17 -138.41
CA GLU D 366 -64.35 -24.85 -137.13
C GLU D 366 -64.66 -25.95 -136.12
N ILE D 367 -63.63 -26.44 -135.44
CA ILE D 367 -63.81 -27.57 -134.52
C ILE D 367 -64.39 -27.10 -133.20
N THR D 368 -63.81 -26.05 -132.61
CA THR D 368 -64.23 -25.57 -131.30
C THR D 368 -63.78 -24.12 -131.13
N SER D 369 -64.02 -23.59 -129.94
CA SER D 369 -63.62 -22.22 -129.59
C SER D 369 -63.13 -22.25 -128.14
N TYR D 370 -61.82 -22.35 -127.97
CA TYR D 370 -61.20 -22.38 -126.63
C TYR D 370 -61.01 -20.95 -126.16
N THR D 371 -61.93 -20.47 -125.34
CA THR D 371 -61.87 -19.11 -124.80
C THR D 371 -61.11 -19.12 -123.49
N ALA D 372 -60.05 -18.32 -123.41
CA ALA D 372 -59.25 -18.18 -122.21
C ALA D 372 -59.71 -16.95 -121.43
N GLN D 373 -59.77 -17.09 -120.11
CA GLN D 373 -60.21 -16.00 -119.25
C GLN D 373 -59.01 -15.20 -118.76
N GLU D 374 -59.16 -13.87 -118.75
CA GLU D 374 -58.09 -12.99 -118.31
C GLU D 374 -58.25 -12.72 -116.82
N PRO D 375 -57.29 -13.11 -115.98
CA PRO D 375 -57.46 -12.90 -114.53
C PRO D 375 -57.38 -11.43 -114.12
N ASP D 376 -56.66 -10.61 -114.86
CA ASP D 376 -56.46 -9.21 -114.47
C ASP D 376 -57.72 -8.40 -114.72
N THR D 377 -58.25 -7.78 -113.67
CA THR D 377 -59.39 -6.88 -113.77
C THR D 377 -58.92 -5.43 -113.77
N PHE D 378 -58.10 -5.11 -114.76
CA PHE D 378 -57.54 -3.77 -114.90
C PHE D 378 -57.77 -3.22 -116.30
N GLN D 381 -55.90 -4.41 -121.89
CA GLN D 381 -56.01 -5.86 -121.84
C GLN D 381 -56.82 -6.41 -123.02
N LYS D 382 -56.14 -6.99 -123.99
CA LYS D 382 -56.78 -7.58 -125.16
C LYS D 382 -56.04 -8.87 -125.50
N ILE D 383 -56.77 -9.99 -125.45
CA ILE D 383 -56.18 -11.31 -125.67
C ILE D 383 -56.21 -11.63 -127.16
N THR D 384 -55.11 -12.17 -127.65
CA THR D 384 -54.99 -12.62 -129.04
C THR D 384 -54.48 -14.05 -129.03
N TYR D 385 -55.23 -14.94 -129.67
CA TYR D 385 -54.92 -16.37 -129.66
C TYR D 385 -54.03 -16.74 -130.85
N ARG D 386 -53.19 -17.76 -130.64
CA ARG D 386 -52.28 -18.23 -131.67
C ARG D 386 -51.97 -19.70 -131.42
N ILE D 387 -51.57 -20.38 -132.49
CA ILE D 387 -51.22 -21.80 -132.41
C ILE D 387 -49.73 -21.92 -132.14
N TRP D 388 -49.38 -22.70 -131.11
CA TRP D 388 -47.98 -22.86 -130.71
C TRP D 388 -47.33 -24.05 -131.41
N ARG D 389 -47.95 -25.23 -131.34
CA ARG D 389 -47.35 -26.43 -131.90
C ARG D 389 -48.44 -27.37 -132.41
N ASP D 390 -48.32 -27.77 -133.67
CA ASP D 390 -49.21 -28.76 -134.26
C ASP D 390 -48.38 -29.64 -135.19
N THR D 391 -48.34 -30.95 -134.89
CA THR D 391 -47.49 -31.85 -135.67
C THR D 391 -47.94 -31.94 -137.12
N ALA D 392 -49.26 -32.02 -137.35
CA ALA D 392 -49.78 -32.11 -138.71
C ALA D 392 -49.92 -30.75 -139.38
N ASN D 393 -49.82 -29.65 -138.62
CA ASN D 393 -49.98 -28.29 -139.15
C ASN D 393 -51.30 -28.11 -139.89
N TRP D 394 -52.34 -28.81 -139.42
CA TRP D 394 -53.66 -28.76 -140.05
C TRP D 394 -54.69 -28.11 -139.13
N LEU D 395 -54.25 -27.18 -138.28
CA LEU D 395 -55.13 -26.48 -137.35
C LEU D 395 -54.91 -24.98 -137.49
N GLU D 396 -56.00 -24.25 -137.70
CA GLU D 396 -55.97 -22.80 -137.82
C GLU D 396 -56.79 -22.17 -136.70
N ILE D 397 -56.34 -21.02 -136.21
CA ILE D 397 -56.98 -20.34 -135.09
C ILE D 397 -57.32 -18.91 -135.51
N ASN D 398 -58.38 -18.37 -134.92
CA ASN D 398 -58.74 -16.98 -135.12
C ASN D 398 -58.28 -16.16 -133.92
N PRO D 399 -57.45 -15.13 -134.11
CA PRO D 399 -56.91 -14.40 -132.96
C PRO D 399 -57.97 -13.63 -132.16
N ASP D 400 -59.11 -13.28 -132.77
CA ASP D 400 -60.08 -12.45 -132.09
C ASP D 400 -60.98 -13.27 -131.17
N THR D 401 -61.56 -14.34 -131.67
CA THR D 401 -62.53 -15.14 -130.92
C THR D 401 -61.97 -16.48 -130.45
N GLY D 402 -60.76 -16.84 -130.85
CA GLY D 402 -60.20 -18.12 -130.45
C GLY D 402 -60.87 -19.32 -131.08
N ALA D 403 -61.50 -19.14 -132.25
CA ALA D 403 -62.19 -20.24 -132.91
C ALA D 403 -61.18 -21.15 -133.59
N ILE D 404 -61.12 -22.40 -133.13
CA ILE D 404 -60.22 -23.39 -133.72
C ILE D 404 -60.87 -23.95 -134.98
N SER D 405 -60.16 -23.84 -136.10
CA SER D 405 -60.66 -24.34 -137.38
C SER D 405 -59.59 -25.21 -138.04
N THR D 406 -60.05 -26.09 -138.92
CA THR D 406 -59.15 -26.98 -139.64
C THR D 406 -58.50 -26.25 -140.81
N ARG D 407 -57.23 -26.56 -141.04
CA ARG D 407 -56.47 -25.93 -142.13
C ARG D 407 -56.44 -26.82 -143.36
N ARG D 412 -57.36 -40.62 -138.87
CA ARG D 412 -56.62 -41.27 -137.80
C ARG D 412 -55.64 -42.29 -138.35
N GLU D 413 -55.51 -42.33 -139.68
CA GLU D 413 -54.55 -43.22 -140.33
C GLU D 413 -53.11 -42.76 -140.17
N ASP D 414 -52.88 -41.47 -139.96
CA ASP D 414 -51.53 -40.96 -139.78
C ASP D 414 -50.99 -41.40 -138.42
N PHE D 415 -50.02 -42.31 -138.42
CA PHE D 415 -49.41 -42.79 -137.20
C PHE D 415 -48.16 -42.01 -136.80
N GLU D 416 -47.47 -41.40 -137.77
CA GLU D 416 -46.28 -40.63 -137.45
C GLU D 416 -46.62 -39.27 -136.88
N HIS D 417 -47.71 -38.65 -137.35
CA HIS D 417 -48.12 -37.37 -136.80
C HIS D 417 -48.58 -37.51 -135.35
N VAL D 418 -49.35 -38.56 -135.05
CA VAL D 418 -49.77 -38.84 -133.68
C VAL D 418 -50.04 -40.33 -133.53
N LYS D 419 -49.22 -41.01 -132.73
CA LYS D 419 -49.40 -42.44 -132.53
C LYS D 419 -50.61 -42.72 -131.65
N ASN D 420 -50.87 -41.86 -130.67
CA ASN D 420 -52.06 -42.00 -129.84
C ASN D 420 -53.31 -41.77 -130.68
N SER D 421 -54.44 -42.28 -130.18
CA SER D 421 -55.70 -42.14 -130.89
C SER D 421 -56.24 -40.72 -130.89
N THR D 422 -55.61 -39.81 -130.16
CA THR D 422 -56.06 -38.43 -130.05
C THR D 422 -54.91 -37.49 -130.35
N TYR D 423 -55.11 -36.58 -131.31
CA TYR D 423 -54.11 -35.60 -131.65
C TYR D 423 -54.06 -34.50 -130.60
N THR D 424 -52.85 -34.18 -130.14
CA THR D 424 -52.65 -33.15 -129.13
C THR D 424 -52.27 -31.84 -129.78
N ALA D 425 -52.95 -30.76 -129.40
CA ALA D 425 -52.69 -29.43 -129.93
C ALA D 425 -52.28 -28.49 -128.80
N LEU D 426 -51.53 -27.45 -129.15
CA LEU D 426 -51.05 -26.45 -128.20
C LEU D 426 -51.57 -25.09 -128.62
N ILE D 427 -52.26 -24.42 -127.71
CA ILE D 427 -52.85 -23.10 -127.96
C ILE D 427 -52.30 -22.12 -126.94
N ILE D 428 -51.73 -21.03 -127.42
CA ILE D 428 -51.27 -19.95 -126.56
C ILE D 428 -52.19 -18.76 -126.73
N ALA D 429 -52.10 -17.81 -125.78
CA ALA D 429 -52.98 -16.64 -125.80
C ALA D 429 -52.26 -15.51 -125.06
N THR D 430 -51.50 -14.72 -125.81
CA THR D 430 -50.84 -13.55 -125.24
C THR D 430 -51.85 -12.41 -125.09
N ASP D 431 -51.55 -11.51 -124.16
CA ASP D 431 -52.44 -10.40 -123.83
C ASP D 431 -51.71 -9.07 -124.05
N ASN D 432 -52.43 -7.98 -123.79
CA ASN D 432 -51.90 -6.64 -124.03
C ASN D 432 -51.28 -6.07 -122.75
N VAL D 436 -47.13 -8.39 -120.52
CA VAL D 436 -47.33 -9.40 -121.55
C VAL D 436 -47.02 -10.79 -121.00
N ALA D 437 -48.04 -11.63 -120.92
CA ALA D 437 -47.90 -13.00 -120.43
C ALA D 437 -48.52 -13.95 -121.45
N THR D 438 -47.79 -15.00 -121.78
CA THR D 438 -48.20 -15.92 -122.87
C THR D 438 -49.16 -16.98 -122.36
N GLY D 439 -48.68 -17.89 -121.52
CA GLY D 439 -49.48 -19.01 -121.08
C GLY D 439 -49.59 -20.08 -122.15
N THR D 440 -50.28 -21.17 -121.81
CA THR D 440 -50.40 -22.30 -122.71
C THR D 440 -51.70 -23.04 -122.45
N GLY D 441 -52.33 -23.51 -123.54
CA GLY D 441 -53.50 -24.35 -123.43
C GLY D 441 -53.39 -25.54 -124.35
N THR D 442 -54.16 -26.58 -124.03
CA THR D 442 -54.10 -27.85 -124.75
C THR D 442 -55.46 -28.18 -125.35
N LEU D 443 -55.43 -28.78 -126.54
CA LEU D 443 -56.64 -29.23 -127.23
C LEU D 443 -56.46 -30.69 -127.63
N LEU D 444 -57.38 -31.54 -127.19
CA LEU D 444 -57.35 -32.96 -127.49
C LEU D 444 -58.60 -33.32 -128.28
N LEU D 445 -58.41 -33.81 -129.51
CA LEU D 445 -59.50 -34.17 -130.40
C LEU D 445 -59.57 -35.70 -130.50
N ILE D 446 -60.71 -36.26 -130.11
CA ILE D 446 -60.91 -37.70 -130.17
C ILE D 446 -61.68 -38.08 -131.44
N VAL D 450 -62.37 -45.00 -137.65
CA VAL D 450 -62.78 -45.21 -139.04
C VAL D 450 -61.61 -45.80 -139.84
N ASN D 451 -61.91 -46.74 -140.72
CA ASN D 451 -60.92 -47.38 -141.58
C ASN D 451 -61.11 -46.89 -143.01
N ASP D 452 -60.74 -45.62 -143.23
CA ASP D 452 -60.90 -45.02 -144.56
C ASP D 452 -59.95 -45.64 -145.57
N ASN D 453 -58.75 -46.01 -145.14
CA ASN D 453 -57.75 -46.58 -146.03
C ASN D 453 -58.17 -47.97 -146.52
N GLN E 20 16.74 -31.42 -19.63
CA GLN E 20 17.16 -30.02 -19.76
C GLN E 20 16.11 -29.21 -20.51
N VAL E 21 15.43 -28.33 -19.77
CA VAL E 21 14.43 -27.46 -20.36
C VAL E 21 15.11 -26.49 -21.32
N GLN E 22 14.68 -26.49 -22.58
CA GLN E 22 15.25 -25.61 -23.58
C GLN E 22 14.13 -25.03 -24.44
N LEU E 23 14.28 -23.75 -24.78
CA LEU E 23 13.35 -23.07 -25.68
C LEU E 23 14.16 -22.28 -26.70
N LYS E 24 13.68 -22.27 -27.95
CA LYS E 24 14.32 -21.51 -29.02
C LYS E 24 13.24 -20.88 -29.89
N GLU E 25 13.31 -19.56 -30.04
CA GLU E 25 12.38 -18.85 -30.91
C GLU E 25 12.87 -18.89 -32.35
N SER E 26 11.93 -18.97 -33.27
CA SER E 26 12.22 -18.91 -34.70
C SER E 26 11.13 -18.11 -35.39
N GLY E 27 11.54 -17.32 -36.38
CA GLY E 27 10.58 -16.55 -37.14
C GLY E 27 11.25 -15.78 -38.25
N PRO E 28 10.49 -14.92 -38.92
CA PRO E 28 11.09 -14.03 -39.90
C PRO E 28 11.84 -12.91 -39.19
N GLY E 29 12.92 -12.46 -39.81
CA GLY E 29 13.63 -11.34 -39.25
C GLY E 29 13.01 -10.04 -39.69
N LEU E 30 12.54 -10.03 -40.94
CA LEU E 30 11.98 -8.85 -41.57
C LEU E 30 10.61 -9.19 -42.10
N VAL E 31 9.63 -8.34 -41.81
CA VAL E 31 8.26 -8.50 -42.30
C VAL E 31 7.70 -7.12 -42.61
N ALA E 32 6.96 -7.01 -43.71
CA ALA E 32 6.45 -5.73 -44.14
C ALA E 32 5.30 -5.26 -43.24
N PRO E 33 5.11 -3.95 -43.11
CA PRO E 33 4.02 -3.44 -42.27
C PRO E 33 2.67 -3.88 -42.79
N SER E 34 1.71 -3.96 -41.85
CA SER E 34 0.32 -4.29 -42.19
C SER E 34 0.20 -5.76 -42.56
N GLN E 35 1.31 -6.48 -42.56
CA GLN E 35 1.29 -7.91 -42.81
C GLN E 35 1.05 -8.63 -41.50
N SER E 36 1.05 -9.96 -41.56
CA SER E 36 0.94 -10.79 -40.38
C SER E 36 2.29 -11.39 -40.02
N LEU E 37 2.48 -11.62 -38.73
CA LEU E 37 3.71 -12.18 -38.17
C LEU E 37 3.40 -13.51 -37.52
N SER E 38 4.27 -14.50 -37.75
CA SER E 38 4.11 -15.81 -37.12
C SER E 38 5.47 -16.25 -36.58
N ILE E 39 5.55 -16.45 -35.28
CA ILE E 39 6.76 -16.89 -34.60
C ILE E 39 6.49 -18.25 -33.97
N THR E 40 7.46 -19.15 -34.06
CA THR E 40 7.37 -20.49 -33.50
C THR E 40 8.36 -20.65 -32.36
N CYS E 41 7.89 -21.25 -31.26
CA CYS E 41 8.72 -21.53 -30.08
C CYS E 41 8.85 -23.05 -29.97
N THR E 42 10.03 -23.56 -30.29
CA THR E 42 10.29 -25.00 -30.21
C THR E 42 10.92 -25.31 -28.86
N VAL E 43 10.31 -26.25 -28.13
CA VAL E 43 10.73 -26.56 -26.78
C VAL E 43 11.21 -28.01 -26.71
N SER E 44 11.94 -28.30 -25.64
CA SER E 44 12.41 -29.64 -25.34
C SER E 44 12.73 -29.72 -23.86
N GLY E 45 12.74 -30.94 -23.34
CA GLY E 45 13.03 -31.16 -21.93
C GLY E 45 11.84 -31.13 -21.02
N PHE E 46 10.64 -30.86 -21.54
CA PHE E 46 9.43 -30.89 -20.74
C PHE E 46 8.25 -31.14 -21.66
N SER E 47 7.14 -31.53 -21.06
CA SER E 47 5.91 -31.82 -21.80
C SER E 47 5.07 -30.55 -21.87
N LEU E 48 4.73 -30.13 -23.10
CA LEU E 48 4.01 -28.89 -23.31
C LEU E 48 2.63 -28.89 -22.66
N SER E 49 2.06 -30.07 -22.40
CA SER E 49 0.73 -30.14 -21.80
C SER E 49 0.72 -29.91 -20.30
N ARG E 50 1.89 -29.94 -19.65
CA ARG E 50 1.98 -29.71 -18.22
CA ARG E 50 1.98 -29.70 -18.22
C ARG E 50 2.50 -28.31 -17.87
N TYR E 51 2.99 -27.56 -18.85
CA TYR E 51 3.61 -26.26 -18.62
C TYR E 51 2.86 -25.15 -19.35
N GLY E 52 3.05 -23.93 -18.85
CA GLY E 52 2.58 -22.74 -19.52
C GLY E 52 3.74 -22.01 -20.18
N VAL E 53 3.59 -21.73 -21.47
CA VAL E 53 4.62 -21.06 -22.26
C VAL E 53 4.15 -19.64 -22.55
N HIS E 54 4.99 -18.66 -22.20
CA HIS E 54 4.67 -17.25 -22.35
C HIS E 54 5.35 -16.67 -23.58
N TRP E 55 4.80 -15.55 -24.05
CA TRP E 55 5.42 -14.73 -25.08
C TRP E 55 5.68 -13.35 -24.51
N VAL E 56 6.95 -12.94 -24.51
CA VAL E 56 7.37 -11.62 -24.05
C VAL E 56 8.14 -10.96 -25.16
N ARG E 57 7.93 -9.65 -25.35
CA ARG E 57 8.66 -8.90 -26.35
C ARG E 57 9.31 -7.68 -25.72
N GLN E 58 10.35 -7.19 -26.37
CA GLN E 58 11.10 -6.04 -25.88
C GLN E 58 11.53 -5.16 -27.05
N PRO E 59 10.90 -4.01 -27.23
CA PRO E 59 11.30 -3.09 -28.31
C PRO E 59 12.68 -2.52 -28.04
N PRO E 60 13.37 -2.03 -29.07
CA PRO E 60 14.76 -1.60 -28.90
C PRO E 60 14.90 -0.51 -27.85
N GLY E 61 15.64 -0.83 -26.78
CA GLY E 61 15.90 0.12 -25.73
C GLY E 61 14.78 0.31 -24.73
N LYS E 62 13.68 -0.42 -24.87
CA LYS E 62 12.54 -0.33 -23.96
C LYS E 62 12.52 -1.54 -23.05
N GLY E 63 11.58 -1.54 -22.11
CA GLY E 63 11.46 -2.61 -21.14
C GLY E 63 10.74 -3.83 -21.70
N LEU E 64 10.47 -4.77 -20.81
CA LEU E 64 9.80 -6.01 -21.18
C LEU E 64 8.29 -5.80 -21.28
N GLU E 65 7.66 -6.55 -22.18
CA GLU E 65 6.24 -6.41 -22.47
C GLU E 65 5.62 -7.79 -22.60
N TRP E 66 4.72 -8.13 -21.67
CA TRP E 66 4.07 -9.43 -21.68
C TRP E 66 3.01 -9.47 -22.76
N LEU E 67 3.13 -10.42 -23.68
CA LEU E 67 2.18 -10.52 -24.80
C LEU E 67 1.05 -11.50 -24.50
N GLY E 68 1.37 -12.65 -23.94
CA GLY E 68 0.37 -13.65 -23.63
C GLY E 68 1.03 -14.94 -23.20
N MET E 69 0.19 -15.95 -23.02
CA MET E 69 0.70 -17.26 -22.65
C MET E 69 -0.28 -18.33 -23.10
N MET E 70 0.24 -19.54 -23.24
CA MET E 70 -0.54 -20.72 -23.59
C MET E 70 -0.36 -21.73 -22.46
N TRP E 71 -1.45 -22.02 -21.75
CA TRP E 71 -1.38 -22.99 -20.67
CA TRP E 71 -1.40 -22.98 -20.67
C TRP E 71 -1.32 -24.40 -21.23
N GLY E 72 -1.05 -25.36 -20.33
CA GLY E 72 -0.95 -26.74 -20.75
C GLY E 72 -2.27 -27.31 -21.23
N GLY E 73 -3.35 -27.03 -20.50
CA GLY E 73 -4.66 -27.50 -20.90
C GLY E 73 -5.17 -26.93 -22.21
N GLY E 74 -4.54 -25.88 -22.73
CA GLY E 74 -4.92 -25.26 -23.98
C GLY E 74 -5.56 -23.90 -23.85
N ASN E 75 -5.80 -23.43 -22.63
CA ASN E 75 -6.33 -22.08 -22.44
C ASN E 75 -5.27 -21.04 -22.80
N THR E 76 -5.72 -19.85 -23.17
CA THR E 76 -4.83 -18.78 -23.57
C THR E 76 -5.28 -17.47 -22.95
N ASP E 77 -4.31 -16.66 -22.53
CA ASP E 77 -4.55 -15.31 -22.06
CA ASP E 77 -4.56 -15.31 -22.06
C ASP E 77 -3.63 -14.37 -22.82
N TYR E 78 -4.11 -13.14 -23.04
CA TYR E 78 -3.37 -12.19 -23.85
C TYR E 78 -3.22 -10.85 -23.15
N ASN E 79 -2.21 -10.11 -23.61
CA ASN E 79 -2.05 -8.71 -23.27
C ASN E 79 -3.32 -7.93 -23.59
N SER E 80 -3.79 -7.12 -22.64
CA SER E 80 -5.06 -6.43 -22.82
C SER E 80 -5.02 -5.45 -23.98
N ALA E 81 -3.91 -4.74 -24.16
CA ALA E 81 -3.83 -3.74 -25.21
C ALA E 81 -3.64 -4.36 -26.59
N LEU E 82 -3.03 -5.55 -26.68
CA LEU E 82 -2.73 -6.18 -27.95
C LEU E 82 -3.59 -7.40 -28.24
N LYS E 83 -4.57 -7.71 -27.40
CA LYS E 83 -5.35 -8.94 -27.54
C LYS E 83 -5.99 -9.05 -28.91
N SER E 84 -6.54 -7.94 -29.41
CA SER E 84 -7.27 -8.00 -30.68
C SER E 84 -6.36 -8.27 -31.88
N ARG E 85 -5.05 -8.16 -31.71
CA ARG E 85 -4.10 -8.41 -32.79
C ARG E 85 -3.28 -9.68 -32.58
N LEU E 86 -3.48 -10.39 -31.48
CA LEU E 86 -2.67 -11.54 -31.11
C LEU E 86 -3.44 -12.83 -31.25
N SER E 87 -2.70 -13.93 -31.43
CA SER E 87 -3.28 -15.27 -31.48
C SER E 87 -2.19 -16.26 -31.10
N ILE E 88 -2.44 -17.07 -30.08
CA ILE E 88 -1.47 -18.04 -29.58
C ILE E 88 -2.09 -19.42 -29.66
N SER E 89 -1.38 -20.34 -30.32
CA SER E 89 -1.75 -21.74 -30.43
C SER E 89 -0.53 -22.60 -30.17
N LYS E 90 -0.70 -23.92 -30.21
CA LYS E 90 0.42 -24.83 -29.98
C LYS E 90 0.09 -26.19 -30.57
N ASP E 91 1.12 -27.03 -30.65
CA ASP E 91 1.01 -28.41 -31.13
C ASP E 91 1.83 -29.27 -30.17
N ASN E 92 1.15 -29.90 -29.22
CA ASN E 92 1.85 -30.74 -28.24
C ASN E 92 2.71 -31.80 -28.92
N SER E 93 2.17 -32.42 -29.97
CA SER E 93 2.89 -33.49 -30.66
C SER E 93 4.22 -32.98 -31.24
N LYS E 94 4.18 -31.84 -31.93
CA LYS E 94 5.40 -31.28 -32.50
C LYS E 94 6.23 -30.50 -31.48
N SER E 95 5.73 -30.34 -30.25
CA SER E 95 6.43 -29.60 -29.20
C SER E 95 6.73 -28.17 -29.64
N GLN E 96 5.69 -27.47 -30.10
CA GLN E 96 5.85 -26.12 -30.61
C GLN E 96 4.70 -25.24 -30.12
N VAL E 97 5.03 -24.02 -29.74
CA VAL E 97 4.06 -22.98 -29.40
C VAL E 97 4.16 -21.88 -30.44
N PHE E 98 3.02 -21.36 -30.89
CA PHE E 98 2.98 -20.39 -31.97
C PHE E 98 2.42 -19.07 -31.48
N LEU E 99 3.00 -17.97 -31.98
CA LEU E 99 2.45 -16.63 -31.81
C LEU E 99 2.16 -16.06 -33.19
N LYS E 100 0.98 -15.46 -33.33
CA LYS E 100 0.60 -14.79 -34.58
C LYS E 100 0.12 -13.39 -34.26
N MET E 101 0.61 -12.41 -35.02
CA MET E 101 0.28 -11.01 -34.82
C MET E 101 -0.15 -10.43 -36.16
N ASN E 102 -1.33 -9.82 -36.19
CA ASN E 102 -1.91 -9.25 -37.41
CA ASN E 102 -1.87 -9.25 -37.42
C ASN E 102 -1.78 -7.73 -37.41
N SER E 103 -1.89 -7.15 -38.60
CA SER E 103 -1.87 -5.70 -38.78
C SER E 103 -0.61 -5.07 -38.16
N LEU E 104 0.54 -5.56 -38.61
CA LEU E 104 1.80 -5.17 -37.99
C LEU E 104 2.09 -3.69 -38.19
N GLN E 105 2.65 -3.08 -37.16
CA GLN E 105 3.07 -1.69 -37.16
C GLN E 105 4.58 -1.64 -36.98
N THR E 106 5.18 -0.50 -37.33
CA THR E 106 6.63 -0.36 -37.13
C THR E 106 6.97 -0.42 -35.64
N ASP E 107 6.08 0.05 -34.78
CA ASP E 107 6.38 -0.04 -33.36
CA ASP E 107 6.26 -0.02 -33.33
C ASP E 107 6.29 -1.46 -32.82
N ASP E 108 6.00 -2.45 -33.67
CA ASP E 108 6.07 -3.85 -33.29
C ASP E 108 7.46 -4.44 -33.46
N THR E 109 8.38 -3.70 -34.06
CA THR E 109 9.77 -4.13 -34.12
C THR E 109 10.29 -4.32 -32.71
N ALA E 110 10.72 -5.54 -32.40
CA ALA E 110 11.18 -5.87 -31.06
C ALA E 110 11.91 -7.21 -31.09
N MET E 111 12.52 -7.53 -29.95
CA MET E 111 13.03 -8.86 -29.68
C MET E 111 11.91 -9.67 -29.05
N TYR E 112 11.63 -10.85 -29.60
CA TYR E 112 10.50 -11.66 -29.16
C TYR E 112 11.03 -12.90 -28.43
N TYR E 113 10.62 -13.05 -27.17
CA TYR E 113 11.02 -14.17 -26.33
C TYR E 113 9.83 -15.11 -26.09
N CYS E 114 10.13 -16.40 -25.95
CA CYS E 114 9.21 -17.33 -25.33
C CYS E 114 9.87 -17.93 -24.09
N ALA E 115 9.05 -18.24 -23.08
CA ALA E 115 9.55 -18.71 -21.80
C ALA E 115 8.62 -19.78 -21.28
N SER E 116 9.17 -20.67 -20.45
CA SER E 116 8.39 -21.72 -19.83
C SER E 116 8.05 -21.36 -18.39
N SER E 117 6.99 -21.97 -17.88
CA SER E 117 6.58 -21.79 -16.50
C SER E 117 5.71 -22.98 -16.11
N ASN E 118 5.59 -23.20 -14.80
CA ASN E 118 4.72 -24.25 -14.29
C ASN E 118 4.19 -23.83 -12.93
N TYR E 119 3.14 -24.54 -12.48
CA TYR E 119 2.40 -24.11 -11.29
C TYR E 119 3.21 -24.17 -10.00
N VAL E 120 4.31 -24.93 -9.97
CA VAL E 120 5.08 -25.00 -8.73
C VAL E 120 5.72 -23.66 -8.41
N LEU E 121 6.05 -22.87 -9.43
CA LEU E 121 6.55 -21.52 -9.24
C LEU E 121 5.48 -20.46 -9.47
N GLY E 122 4.20 -20.83 -9.36
CA GLY E 122 3.14 -19.89 -9.63
C GLY E 122 3.10 -19.38 -11.05
N TYR E 123 3.69 -20.14 -11.98
CA TYR E 123 3.81 -19.78 -13.40
C TYR E 123 4.69 -18.55 -13.61
N ALA E 124 5.65 -18.31 -12.73
CA ALA E 124 6.72 -17.39 -13.06
C ALA E 124 7.63 -18.00 -14.12
N MET E 125 8.29 -17.15 -14.88
CA MET E 125 9.05 -17.60 -16.06
C MET E 125 10.49 -17.91 -15.63
N ASP E 126 10.79 -19.19 -15.47
CA ASP E 126 12.10 -19.61 -14.97
C ASP E 126 13.05 -20.10 -16.06
N TYR E 127 12.56 -20.34 -17.28
CA TYR E 127 13.40 -20.70 -18.41
C TYR E 127 12.99 -19.84 -19.61
N TRP E 128 13.95 -19.08 -20.14
CA TRP E 128 13.70 -18.19 -21.27
C TRP E 128 14.48 -18.66 -22.50
N GLY E 129 13.91 -18.36 -23.67
CA GLY E 129 14.63 -18.58 -24.91
C GLY E 129 15.62 -17.46 -25.19
N GLN E 130 16.43 -17.67 -26.22
CA GLN E 130 17.44 -16.68 -26.57
CA GLN E 130 17.44 -16.69 -26.61
C GLN E 130 16.84 -15.48 -27.27
N GLY E 131 15.61 -15.57 -27.77
CA GLY E 131 14.98 -14.45 -28.43
C GLY E 131 15.26 -14.42 -29.93
N THR E 132 14.27 -13.93 -30.68
CA THR E 132 14.38 -13.73 -32.11
C THR E 132 14.10 -12.26 -32.44
N SER E 133 14.80 -11.74 -33.43
CA SER E 133 14.64 -10.34 -33.83
C SER E 133 13.58 -10.24 -34.93
N VAL E 134 12.61 -9.36 -34.72
CA VAL E 134 11.55 -9.10 -35.69
C VAL E 134 11.55 -7.61 -36.01
N THR E 135 11.84 -7.27 -37.26
CA THR E 135 11.83 -5.89 -37.73
C THR E 135 10.66 -5.68 -38.68
N VAL E 136 9.80 -4.73 -38.36
CA VAL E 136 8.68 -4.36 -39.22
C VAL E 136 9.10 -3.13 -40.02
N SER E 137 9.35 -3.31 -41.31
CA SER E 137 9.80 -2.22 -42.16
C SER E 137 9.57 -2.61 -43.62
N SER E 138 9.30 -1.59 -44.43
CA SER E 138 9.17 -1.77 -45.87
C SER E 138 10.51 -1.71 -46.60
N ALA E 139 11.60 -1.51 -45.88
CA ALA E 139 12.92 -1.52 -46.50
C ALA E 139 13.32 -2.95 -46.85
N LYS E 140 14.25 -3.07 -47.80
CA LYS E 140 14.61 -4.36 -48.35
C LYS E 140 15.91 -4.87 -47.72
N THR E 141 16.02 -6.20 -47.67
CA THR E 141 17.22 -6.84 -47.13
C THR E 141 18.44 -6.48 -47.97
N THR E 142 19.50 -6.04 -47.31
CA THR E 142 20.75 -5.66 -47.95
C THR E 142 21.90 -6.33 -47.22
N PRO E 143 22.84 -6.95 -47.93
CA PRO E 143 23.96 -7.61 -47.26
C PRO E 143 25.00 -6.59 -46.79
N PRO E 144 25.81 -6.95 -45.80
CA PRO E 144 26.78 -6.00 -45.26
C PRO E 144 28.07 -5.98 -46.07
N SER E 145 28.76 -4.84 -45.98
CA SER E 145 30.10 -4.68 -46.52
C SER E 145 31.08 -4.63 -45.35
N VAL E 146 32.01 -5.56 -45.30
CA VAL E 146 32.95 -5.70 -44.19
C VAL E 146 34.28 -5.10 -44.61
N TYR E 147 34.76 -4.13 -43.85
CA TYR E 147 36.00 -3.45 -44.16
C TYR E 147 36.99 -3.57 -43.00
N PRO E 148 38.27 -3.80 -43.28
CA PRO E 148 39.25 -3.94 -42.19
C PRO E 148 39.71 -2.59 -41.67
N LEU E 149 39.86 -2.52 -40.35
CA LEU E 149 40.40 -1.34 -39.67
C LEU E 149 41.81 -1.67 -39.19
N ALA E 150 42.81 -1.15 -39.89
CA ALA E 150 44.20 -1.36 -39.54
C ALA E 150 44.88 -0.03 -39.25
N PRO E 151 45.84 0.00 -38.32
CA PRO E 151 46.53 1.25 -37.94
C PRO E 151 47.35 1.84 -39.09
N GLN E 156 52.94 1.93 -33.39
CA GLN E 156 54.27 1.39 -33.10
C GLN E 156 54.75 1.83 -31.72
N THR E 157 53.89 1.70 -30.72
CA THR E 157 54.23 2.07 -29.35
C THR E 157 54.91 0.94 -28.59
N ASN E 158 55.13 -0.21 -29.24
CA ASN E 158 55.77 -1.38 -28.61
C ASN E 158 54.96 -1.86 -27.41
N SER E 159 53.64 -1.80 -27.52
CA SER E 159 52.73 -2.29 -26.49
C SER E 159 51.64 -3.16 -27.11
N MET E 160 50.39 -2.78 -26.91
CA MET E 160 49.25 -3.50 -27.47
C MET E 160 48.61 -2.65 -28.56
N VAL E 161 48.30 -3.29 -29.69
CA VAL E 161 47.74 -2.60 -30.85
C VAL E 161 46.25 -2.92 -30.94
N THR E 162 45.46 -1.91 -31.31
CA THR E 162 44.02 -2.04 -31.42
C THR E 162 43.64 -2.11 -32.90
N LEU E 163 43.04 -3.22 -33.30
CA LEU E 163 42.52 -3.43 -34.66
C LEU E 163 40.99 -3.43 -34.62
N GLY E 164 40.39 -3.72 -35.76
CA GLY E 164 38.95 -3.82 -35.83
C GLY E 164 38.48 -4.02 -37.25
N CYS E 165 37.19 -4.24 -37.39
CA CYS E 165 36.57 -4.30 -38.71
C CYS E 165 35.22 -3.59 -38.67
N LEU E 166 34.81 -3.08 -39.83
CA LEU E 166 33.68 -2.17 -39.96
C LEU E 166 32.61 -2.85 -40.82
N VAL E 167 31.44 -3.06 -40.23
CA VAL E 167 30.30 -3.69 -40.91
C VAL E 167 29.34 -2.58 -41.31
N LYS E 168 29.29 -2.26 -42.60
CA LYS E 168 28.58 -1.07 -43.06
C LYS E 168 27.53 -1.41 -44.10
N GLY E 169 26.36 -0.77 -43.96
CA GLY E 169 25.38 -0.71 -45.03
C GLY E 169 24.47 -1.92 -45.18
N TYR E 170 24.02 -2.50 -44.07
CA TYR E 170 23.20 -3.70 -44.11
C TYR E 170 21.82 -3.44 -43.51
N PHE E 171 20.89 -4.32 -43.85
CA PHE E 171 19.53 -4.28 -43.32
C PHE E 171 18.90 -5.64 -43.54
N PRO E 172 18.14 -6.18 -42.57
CA PRO E 172 17.89 -5.59 -41.26
C PRO E 172 18.82 -6.14 -40.20
N GLU E 173 18.52 -5.84 -38.94
CA GLU E 173 19.23 -6.47 -37.84
C GLU E 173 18.88 -7.95 -37.75
N PRO E 174 19.73 -8.76 -37.13
CA PRO E 174 21.04 -8.39 -36.60
C PRO E 174 22.19 -8.98 -37.42
N VAL E 175 23.42 -8.70 -36.98
CA VAL E 175 24.60 -9.40 -37.47
C VAL E 175 25.37 -9.89 -36.26
N THR E 176 26.15 -10.96 -36.47
CA THR E 176 27.00 -11.51 -35.42
C THR E 176 28.45 -11.32 -35.80
N VAL E 177 29.26 -10.87 -34.84
CA VAL E 177 30.68 -10.57 -35.07
C VAL E 177 31.51 -11.33 -34.05
N THR E 178 32.45 -12.13 -34.54
CA THR E 178 33.42 -12.84 -33.71
C THR E 178 34.81 -12.62 -34.26
N TRP E 179 35.81 -12.94 -33.44
CA TRP E 179 37.22 -12.77 -33.82
C TRP E 179 37.93 -14.10 -33.75
N ASN E 180 38.55 -14.50 -34.85
CA ASN E 180 39.25 -15.78 -34.96
C ASN E 180 38.32 -16.94 -34.62
N SER E 181 37.09 -16.89 -35.15
CA SER E 181 36.09 -17.93 -34.96
C SER E 181 35.81 -18.20 -33.48
N GLY E 182 35.83 -17.17 -32.65
CA GLY E 182 35.54 -17.32 -31.24
C GLY E 182 36.75 -17.47 -30.34
N SER E 183 37.93 -17.78 -30.90
CA SER E 183 39.12 -17.93 -30.08
C SER E 183 39.47 -16.62 -29.38
N LEU E 184 39.30 -15.49 -30.06
CA LEU E 184 39.65 -14.19 -29.53
C LEU E 184 38.44 -13.60 -28.81
N SER E 185 38.48 -13.62 -27.47
CA SER E 185 37.38 -13.12 -26.65
C SER E 185 37.76 -11.88 -25.86
N SER E 186 38.85 -11.94 -25.11
CA SER E 186 39.24 -10.81 -24.27
C SER E 186 39.74 -9.66 -25.13
N GLY E 187 39.38 -8.44 -24.72
CA GLY E 187 39.79 -7.26 -25.45
C GLY E 187 38.96 -6.96 -26.68
N VAL E 188 37.72 -7.42 -26.74
CA VAL E 188 36.83 -7.18 -27.86
C VAL E 188 35.76 -6.19 -27.44
N HIS E 189 35.54 -5.16 -28.26
CA HIS E 189 34.47 -4.19 -28.07
C HIS E 189 33.65 -4.17 -29.36
N THR E 190 32.48 -4.80 -29.32
CA THR E 190 31.56 -4.79 -30.45
C THR E 190 30.47 -3.76 -30.17
N PHE E 191 30.35 -2.80 -31.06
CA PHE E 191 29.49 -1.66 -30.79
C PHE E 191 28.13 -1.84 -31.44
N PRO E 192 27.08 -1.33 -30.78
CA PRO E 192 25.73 -1.46 -31.34
C PRO E 192 25.61 -0.77 -32.70
N ALA E 193 24.75 -1.34 -33.54
CA ALA E 193 24.51 -0.78 -34.85
C ALA E 193 23.74 0.53 -34.74
N VAL E 194 24.03 1.45 -35.66
CA VAL E 194 23.33 2.73 -35.76
C VAL E 194 22.74 2.86 -37.16
N LEU E 195 21.44 3.11 -37.23
CA LEU E 195 20.73 3.16 -38.49
C LEU E 195 20.79 4.56 -39.10
N GLN E 196 21.15 4.63 -40.38
CA GLN E 196 21.05 5.87 -41.14
C GLN E 196 20.74 5.54 -42.59
N SER E 197 19.70 6.18 -43.13
CA SER E 197 19.27 5.97 -44.51
C SER E 197 18.87 4.53 -44.75
N ASP E 198 18.13 3.94 -43.80
CA ASP E 198 17.62 2.58 -43.90
C ASP E 198 18.74 1.54 -44.05
N LEU E 199 19.93 1.86 -43.56
CA LEU E 199 21.06 0.95 -43.59
C LEU E 199 21.79 1.01 -42.26
N TYR E 200 22.04 -0.16 -41.68
CA TYR E 200 22.71 -0.25 -40.39
C TYR E 200 24.23 -0.25 -40.55
N THR E 201 24.90 0.21 -39.50
CA THR E 201 26.35 0.22 -39.46
C THR E 201 26.80 -0.04 -38.02
N LEU E 202 27.65 -1.04 -37.84
CA LEU E 202 28.32 -1.25 -36.57
C LEU E 202 29.79 -1.51 -36.82
N SER E 203 30.57 -1.45 -35.75
CA SER E 203 31.99 -1.75 -35.80
C SER E 203 32.35 -2.59 -34.59
N SER E 204 33.49 -3.28 -34.70
CA SER E 204 34.05 -4.06 -33.62
C SER E 204 35.54 -3.77 -33.52
N SER E 205 36.03 -3.64 -32.30
CA SER E 205 37.46 -3.45 -32.05
C SER E 205 38.00 -4.61 -31.23
N VAL E 206 39.28 -4.92 -31.44
CA VAL E 206 39.96 -5.95 -30.68
C VAL E 206 41.38 -5.48 -30.40
N THR E 207 41.82 -5.62 -29.15
CA THR E 207 43.14 -5.16 -28.71
C THR E 207 43.99 -6.39 -28.45
N VAL E 208 44.95 -6.63 -29.33
CA VAL E 208 45.80 -7.83 -29.27
C VAL E 208 47.22 -7.35 -29.02
N PRO E 209 48.08 -8.23 -28.49
CA PRO E 209 49.48 -7.84 -28.28
C PRO E 209 50.20 -7.65 -29.60
N SER E 210 50.98 -6.58 -29.68
CA SER E 210 51.78 -6.33 -30.88
C SER E 210 52.94 -7.31 -30.94
N SER E 211 53.68 -7.25 -32.05
CA SER E 211 54.76 -8.17 -32.36
C SER E 211 54.25 -9.61 -32.26
N PRO E 212 53.40 -10.05 -33.20
CA PRO E 212 52.90 -11.42 -33.15
C PRO E 212 53.77 -12.38 -33.94
N ARG E 213 53.63 -13.66 -33.61
CA ARG E 213 54.26 -14.71 -34.38
C ARG E 213 53.54 -14.89 -35.72
N PRO E 214 54.20 -15.47 -36.72
CA PRO E 214 53.55 -15.64 -38.03
C PRO E 214 52.21 -16.36 -37.99
N SER E 215 52.03 -17.27 -37.02
CA SER E 215 50.74 -17.95 -36.90
C SER E 215 49.67 -17.06 -36.29
N GLU E 216 50.06 -16.17 -35.37
CA GLU E 216 49.11 -15.32 -34.67
C GLU E 216 48.55 -14.23 -35.59
N THR E 217 47.40 -14.51 -36.21
CA THR E 217 46.75 -13.58 -37.11
C THR E 217 45.36 -13.27 -36.57
N VAL E 218 44.85 -12.09 -36.91
CA VAL E 218 43.58 -11.58 -36.39
C VAL E 218 42.59 -11.48 -37.54
N THR E 219 41.47 -12.20 -37.42
CA THR E 219 40.42 -12.22 -38.43
C THR E 219 39.08 -12.02 -37.73
N CYS E 220 38.24 -11.14 -38.28
CA CYS E 220 36.89 -10.96 -37.78
C CYS E 220 35.90 -11.71 -38.66
N ASN E 221 34.93 -12.36 -38.03
CA ASN E 221 33.93 -13.16 -38.72
C ASN E 221 32.57 -12.47 -38.57
N VAL E 222 32.01 -12.01 -39.70
CA VAL E 222 30.75 -11.30 -39.72
C VAL E 222 29.71 -12.20 -40.41
N ALA E 223 28.54 -12.31 -39.79
CA ALA E 223 27.45 -13.12 -40.32
C ALA E 223 26.16 -12.31 -40.30
N HIS E 224 25.45 -12.30 -41.42
CA HIS E 224 24.17 -11.60 -41.55
C HIS E 224 23.16 -12.63 -42.05
N PRO E 225 22.47 -13.31 -41.12
CA PRO E 225 21.56 -14.40 -41.54
C PRO E 225 20.46 -13.95 -42.48
N ALA E 226 20.00 -12.70 -42.35
CA ALA E 226 18.91 -12.21 -43.18
C ALA E 226 19.26 -12.25 -44.66
N SER E 227 20.51 -11.95 -45.00
CA SER E 227 20.96 -12.00 -46.39
C SER E 227 21.76 -13.26 -46.69
N SER E 228 21.82 -14.20 -45.75
CA SER E 228 22.60 -15.43 -45.92
C SER E 228 24.05 -15.12 -46.25
N THR E 229 24.61 -14.17 -45.50
CA THR E 229 25.96 -13.66 -45.73
C THR E 229 26.86 -14.09 -44.59
N LYS E 230 28.02 -14.64 -44.93
CA LYS E 230 29.05 -14.99 -43.96
C LYS E 230 30.39 -14.59 -44.57
N VAL E 231 31.06 -13.63 -43.95
CA VAL E 231 32.31 -13.07 -44.49
C VAL E 231 33.37 -13.09 -43.40
N ASP E 232 34.58 -13.48 -43.78
CA ASP E 232 35.75 -13.41 -42.91
C ASP E 232 36.72 -12.39 -43.48
N LYS E 233 37.26 -11.53 -42.62
CA LYS E 233 38.23 -10.51 -43.02
C LYS E 233 39.46 -10.61 -42.15
N LYS E 234 40.62 -10.81 -42.77
CA LYS E 234 41.89 -10.80 -42.06
C LYS E 234 42.44 -9.38 -42.03
N ILE E 235 42.99 -8.99 -40.88
CA ILE E 235 43.51 -7.64 -40.69
C ILE E 235 45.00 -7.67 -41.04
N VAL E 236 45.34 -7.13 -42.21
CA VAL E 236 46.73 -7.07 -42.66
C VAL E 236 47.22 -5.63 -42.50
N PRO E 237 48.47 -5.43 -42.10
CA PRO E 237 48.97 -4.06 -41.93
C PRO E 237 49.05 -3.31 -43.24
N ARG E 238 48.83 -2.00 -43.16
CA ARG E 238 48.85 -1.15 -44.35
C ARG E 238 50.28 -0.95 -44.83
N ASP E 239 50.49 -1.12 -46.14
CA ASP E 239 51.82 -0.99 -46.72
C ASP E 239 52.32 0.45 -46.65
N ASP F 21 -5.93 -4.14 -15.69
CA ASP F 21 -4.72 -4.89 -15.38
C ASP F 21 -4.09 -4.43 -14.08
N ILE F 22 -3.31 -5.32 -13.46
CA ILE F 22 -2.53 -4.93 -12.29
C ILE F 22 -1.35 -4.09 -12.74
N VAL F 23 -1.17 -2.94 -12.11
CA VAL F 23 -0.12 -1.99 -12.48
C VAL F 23 1.06 -2.17 -11.53
N MET F 24 2.24 -2.41 -12.10
CA MET F 24 3.47 -2.54 -11.33
C MET F 24 4.29 -1.26 -11.50
N THR F 25 4.50 -0.53 -10.40
CA THR F 25 5.21 0.73 -10.41
C THR F 25 6.58 0.56 -9.74
N GLN F 26 7.63 0.77 -10.52
CA GLN F 26 9.00 0.49 -10.10
C GLN F 26 9.76 1.81 -9.95
N SER F 27 10.46 1.96 -8.82
CA SER F 27 11.26 3.14 -8.58
C SER F 27 12.53 2.73 -7.83
N PRO F 28 13.66 3.39 -8.10
CA PRO F 28 13.79 4.44 -9.12
C PRO F 28 14.02 3.84 -10.50
N SER F 29 14.01 4.69 -11.53
CA SER F 29 14.23 4.17 -12.88
C SER F 29 15.69 3.81 -13.14
N SER F 30 16.61 4.39 -12.36
CA SER F 30 18.03 4.19 -12.59
C SER F 30 18.79 4.46 -11.30
N LEU F 31 19.91 3.75 -11.15
CA LEU F 31 20.78 3.89 -9.97
CA LEU F 31 20.78 3.98 -10.00
C LEU F 31 22.22 3.67 -10.40
N ALA F 32 23.14 4.26 -9.65
CA ALA F 32 24.57 4.08 -9.89
C ALA F 32 25.27 3.90 -8.54
N MET F 33 25.82 2.71 -8.32
CA MET F 33 26.51 2.38 -7.08
C MET F 33 27.92 1.88 -7.39
N SER F 34 28.82 2.09 -6.45
CA SER F 34 30.14 1.51 -6.53
C SER F 34 30.12 0.09 -5.95
N VAL F 35 31.07 -0.73 -6.41
CA VAL F 35 31.13 -2.12 -5.96
C VAL F 35 31.29 -2.16 -4.45
N GLY F 36 30.42 -2.93 -3.79
CA GLY F 36 30.40 -3.05 -2.35
C GLY F 36 29.24 -2.35 -1.68
N GLN F 37 28.53 -1.47 -2.40
CA GLN F 37 27.43 -0.73 -1.83
C GLN F 37 26.14 -1.55 -1.90
N LYS F 38 25.14 -1.11 -1.13
CA LYS F 38 23.85 -1.76 -1.08
C LYS F 38 22.90 -1.12 -2.08
N VAL F 39 22.30 -1.94 -2.92
CA VAL F 39 21.32 -1.50 -3.91
C VAL F 39 19.94 -1.83 -3.39
N THR F 40 19.02 -0.88 -3.52
CA THR F 40 17.63 -1.05 -3.08
C THR F 40 16.70 -0.62 -4.21
N MET F 41 15.88 -1.54 -4.68
CA MET F 41 14.87 -1.27 -5.70
C MET F 41 13.49 -1.54 -5.11
N ASN F 42 12.55 -0.68 -5.43
CA ASN F 42 11.19 -0.80 -4.91
C ASN F 42 10.22 -1.03 -6.05
N CYS F 43 9.16 -1.79 -5.75
CA CYS F 43 8.13 -2.14 -6.72
C CYS F 43 6.79 -2.08 -6.01
N LYS F 44 5.88 -1.26 -6.53
CA LYS F 44 4.55 -1.09 -5.96
C LYS F 44 3.52 -1.73 -6.89
N SER F 45 2.59 -2.48 -6.30
CA SER F 45 1.54 -3.15 -7.04
C SER F 45 0.20 -2.48 -6.78
N SER F 46 -0.66 -2.47 -7.80
CA SER F 46 -1.94 -1.77 -7.69
C SER F 46 -2.91 -2.49 -6.76
N GLN F 47 -2.76 -3.80 -6.60
CA GLN F 47 -3.60 -4.57 -5.68
C GLN F 47 -2.76 -5.68 -5.03
N SER F 48 -3.37 -6.35 -4.06
CA SER F 48 -2.69 -7.43 -3.36
C SER F 48 -2.36 -8.58 -4.31
N LEU F 49 -1.20 -9.19 -4.07
CA LEU F 49 -0.76 -10.37 -4.84
C LEU F 49 -0.69 -11.62 -3.96
N LEU F 50 -1.42 -11.65 -2.84
CA LEU F 50 -1.36 -12.75 -1.89
C LEU F 50 -2.35 -13.83 -2.30
N ASN F 51 -1.86 -15.05 -2.48
CA ASN F 51 -2.70 -16.21 -2.79
C ASN F 51 -3.09 -16.88 -1.48
N SER F 52 -4.37 -16.80 -1.13
CA SER F 52 -4.85 -17.37 0.13
C SER F 52 -4.67 -18.88 0.20
N SER F 53 -4.44 -19.54 -0.93
CA SER F 53 -4.31 -20.99 -0.93
C SER F 53 -2.96 -21.45 -0.39
N ASN F 54 -1.88 -20.68 -0.64
CA ASN F 54 -0.56 -21.02 -0.16
C ASN F 54 0.13 -19.91 0.61
N GLN F 55 -0.54 -18.77 0.81
CA GLN F 55 -0.02 -17.66 1.61
C GLN F 55 1.29 -17.10 1.05
N LYS F 56 1.39 -17.07 -0.29
CA LYS F 56 2.58 -16.58 -0.97
C LYS F 56 2.20 -15.41 -1.88
N ASN F 57 2.99 -14.34 -1.82
CA ASN F 57 2.76 -13.19 -2.69
C ASN F 57 3.42 -13.46 -4.04
N TYR F 58 2.62 -13.46 -5.11
CA TYR F 58 3.12 -13.82 -6.44
C TYR F 58 3.82 -12.63 -7.07
N LEU F 59 5.00 -12.33 -6.53
CA LEU F 59 5.85 -11.25 -7.01
C LEU F 59 7.18 -11.84 -7.45
N ALA F 60 7.64 -11.44 -8.64
CA ALA F 60 8.88 -11.96 -9.21
C ALA F 60 9.78 -10.82 -9.64
N TRP F 61 11.08 -11.08 -9.63
CA TRP F 61 12.10 -10.16 -10.10
C TRP F 61 12.90 -10.82 -11.21
N TYR F 62 13.15 -10.09 -12.28
CA TYR F 62 13.93 -10.59 -13.40
C TYR F 62 15.17 -9.73 -13.61
N GLN F 63 16.27 -10.39 -13.98
CA GLN F 63 17.54 -9.72 -14.26
C GLN F 63 17.88 -9.90 -15.72
N GLN F 64 18.16 -8.80 -16.41
CA GLN F 64 18.52 -8.82 -17.82
C GLN F 64 19.85 -8.09 -18.00
N LYS F 65 20.94 -8.85 -17.98
CA LYS F 65 22.24 -8.29 -18.30
C LYS F 65 22.28 -7.89 -19.77
N PRO F 66 23.07 -6.87 -20.12
CA PRO F 66 23.04 -6.37 -21.50
C PRO F 66 23.39 -7.45 -22.52
N GLY F 67 22.55 -7.55 -23.55
CA GLY F 67 22.75 -8.51 -24.60
C GLY F 67 22.25 -9.92 -24.32
N GLN F 68 21.58 -10.12 -23.19
CA GLN F 68 21.13 -11.45 -22.77
C GLN F 68 19.61 -11.47 -22.60
N SER F 69 19.07 -12.67 -22.51
CA SER F 69 17.67 -12.86 -22.19
C SER F 69 17.44 -12.59 -20.71
N PRO F 70 16.19 -12.28 -20.33
CA PRO F 70 15.88 -12.11 -18.91
C PRO F 70 16.11 -13.40 -18.13
N LYS F 71 16.46 -13.25 -16.86
CA LYS F 71 16.69 -14.37 -15.96
C LYS F 71 15.79 -14.24 -14.73
N LEU F 72 15.16 -15.33 -14.35
CA LEU F 72 14.33 -15.34 -13.15
C LEU F 72 15.21 -15.21 -11.91
N LEU F 73 15.21 -14.04 -11.30
CA LEU F 73 16.04 -13.78 -10.13
C LEU F 73 15.32 -14.16 -8.84
N ILE F 74 14.09 -13.69 -8.66
CA ILE F 74 13.29 -13.97 -7.48
C ILE F 74 11.88 -14.34 -7.96
N TYR F 75 11.25 -15.28 -7.26
CA TYR F 75 9.83 -15.54 -7.43
C TYR F 75 9.22 -15.75 -6.06
N PHE F 76 7.89 -15.62 -5.98
CA PHE F 76 7.17 -15.67 -4.71
C PHE F 76 7.75 -14.66 -3.73
N THR F 77 8.11 -13.48 -4.25
CA THR F 77 8.58 -12.33 -3.49
C THR F 77 9.97 -12.52 -2.90
N SER F 78 10.26 -13.67 -2.30
CA SER F 78 11.51 -13.84 -1.56
C SER F 78 12.28 -15.11 -1.88
N THR F 79 11.78 -15.99 -2.76
CA THR F 79 12.46 -17.23 -3.08
C THR F 79 13.41 -17.00 -4.26
N ARG F 80 14.68 -17.36 -4.08
CA ARG F 80 15.68 -17.16 -5.11
C ARG F 80 15.62 -18.26 -6.16
N GLY F 81 15.86 -17.88 -7.41
CA GLY F 81 15.92 -18.84 -8.49
C GLY F 81 17.24 -19.59 -8.52
N SER F 82 17.30 -20.57 -9.42
CA SER F 82 18.51 -21.39 -9.54
C SER F 82 19.68 -20.54 -9.99
N GLY F 83 20.83 -20.74 -9.35
CA GLY F 83 22.03 -20.01 -9.72
C GLY F 83 22.03 -18.55 -9.37
N VAL F 84 21.29 -18.15 -8.34
CA VAL F 84 21.22 -16.77 -7.88
C VAL F 84 21.99 -16.66 -6.57
N PRO F 85 23.03 -15.83 -6.49
CA PRO F 85 23.80 -15.75 -5.25
C PRO F 85 22.99 -15.14 -4.11
N ASP F 86 23.55 -15.24 -2.91
CA ASP F 86 22.83 -14.84 -1.71
C ASP F 86 22.71 -13.33 -1.57
N ARG F 87 23.49 -12.55 -2.31
CA ARG F 87 23.42 -11.10 -2.16
C ARG F 87 22.11 -10.53 -2.70
N PHE F 88 21.39 -11.27 -3.54
CA PHE F 88 20.09 -10.84 -4.03
C PHE F 88 19.02 -11.26 -3.05
N ILE F 89 18.35 -10.28 -2.45
CA ILE F 89 17.36 -10.52 -1.40
C ILE F 89 16.04 -9.92 -1.86
N GLY F 90 15.02 -10.78 -1.95
CA GLY F 90 13.66 -10.33 -2.21
C GLY F 90 12.89 -10.23 -0.91
N SER F 91 12.18 -9.13 -0.75
CA SER F 91 11.39 -8.90 0.46
C SER F 91 10.14 -8.12 0.09
N GLY F 92 9.24 -8.01 1.06
CA GLY F 92 8.03 -7.24 0.90
C GLY F 92 6.78 -8.07 1.16
N SER F 93 5.67 -7.35 1.25
CA SER F 93 4.35 -7.96 1.43
C SER F 93 3.31 -6.91 1.09
N GLY F 94 2.05 -7.34 1.04
CA GLY F 94 0.97 -6.45 0.68
C GLY F 94 1.08 -5.94 -0.74
N THR F 95 1.35 -4.65 -0.90
CA THR F 95 1.54 -4.04 -2.21
C THR F 95 2.89 -3.35 -2.36
N ASP F 96 3.81 -3.54 -1.41
CA ASP F 96 5.13 -2.94 -1.47
C ASP F 96 6.18 -4.05 -1.43
N PHE F 97 7.04 -4.09 -2.45
CA PHE F 97 8.05 -5.12 -2.59
C PHE F 97 9.40 -4.49 -2.87
N THR F 98 10.46 -5.19 -2.50
CA THR F 98 11.80 -4.65 -2.58
C THR F 98 12.78 -5.74 -3.01
N LEU F 99 13.66 -5.39 -3.96
CA LEU F 99 14.80 -6.22 -4.32
C LEU F 99 16.07 -5.55 -3.83
N THR F 100 16.86 -6.26 -3.03
CA THR F 100 18.08 -5.71 -2.46
C THR F 100 19.27 -6.50 -2.99
N ILE F 101 20.31 -5.79 -3.39
CA ILE F 101 21.63 -6.38 -3.61
C ILE F 101 22.47 -5.94 -2.41
N SER F 102 22.70 -6.88 -1.49
CA SER F 102 23.32 -6.53 -0.21
C SER F 102 24.67 -5.87 -0.42
N SER F 103 25.51 -6.45 -1.28
CA SER F 103 26.78 -5.84 -1.67
C SER F 103 26.94 -6.06 -3.17
N VAL F 104 26.81 -5.00 -3.96
CA VAL F 104 26.76 -5.15 -5.41
C VAL F 104 28.15 -5.45 -5.97
N GLU F 105 28.20 -6.36 -6.94
CA GLU F 105 29.41 -6.70 -7.67
C GLU F 105 29.37 -6.09 -9.05
N ALA F 106 30.54 -6.04 -9.69
CA ALA F 106 30.65 -5.39 -11.00
C ALA F 106 29.82 -6.07 -12.06
N GLU F 107 29.65 -7.39 -11.97
CA GLU F 107 28.88 -8.13 -12.96
C GLU F 107 27.39 -7.89 -12.85
N ASP F 108 26.94 -7.30 -11.74
CA ASP F 108 25.52 -7.16 -11.47
C ASP F 108 24.86 -6.02 -12.25
N LEU F 109 25.59 -5.33 -13.12
CA LEU F 109 24.96 -4.29 -13.91
C LEU F 109 23.99 -4.92 -14.91
N ALA F 110 22.75 -4.47 -14.88
CA ALA F 110 21.68 -5.06 -15.68
C ALA F 110 20.43 -4.20 -15.51
N ASP F 111 19.39 -4.56 -16.26
CA ASP F 111 18.05 -4.06 -15.99
C ASP F 111 17.35 -5.04 -15.08
N TYR F 112 16.66 -4.52 -14.06
CA TYR F 112 15.91 -5.34 -13.12
C TYR F 112 14.44 -4.99 -13.24
N PHE F 113 13.62 -6.00 -13.53
CA PHE F 113 12.19 -5.84 -13.72
C PHE F 113 11.43 -6.61 -12.65
N CYS F 114 10.45 -5.97 -12.03
CA CYS F 114 9.52 -6.69 -11.18
C CYS F 114 8.27 -7.05 -11.99
N GLN F 115 7.68 -8.17 -11.64
CA GLN F 115 6.54 -8.70 -12.38
C GLN F 115 5.60 -9.41 -11.42
N GLN F 116 4.31 -9.13 -11.55
CA GLN F 116 3.30 -9.93 -10.86
C GLN F 116 2.93 -11.12 -11.74
N HIS F 117 3.02 -12.31 -11.18
CA HIS F 117 2.50 -13.52 -11.81
C HIS F 117 1.27 -14.03 -11.06
N TYR F 118 0.48 -13.09 -10.53
CA TYR F 118 -0.67 -13.41 -9.70
C TYR F 118 -1.89 -13.69 -10.57
N ARG F 119 -2.27 -12.74 -11.41
CA ARG F 119 -3.45 -12.85 -12.27
CA ARG F 119 -3.43 -12.90 -12.28
C ARG F 119 -3.08 -12.46 -13.69
N THR F 120 -3.51 -13.24 -14.65
CA THR F 120 -3.28 -12.88 -16.04
C THR F 120 -4.24 -11.74 -16.44
N PRO F 121 -3.79 -10.80 -17.28
CA PRO F 121 -2.46 -10.74 -17.91
C PRO F 121 -1.35 -10.37 -16.94
N HIS F 122 -0.27 -11.16 -16.93
CA HIS F 122 0.89 -10.81 -16.14
C HIS F 122 1.45 -9.49 -16.64
N THR F 123 1.98 -8.69 -15.70
CA THR F 123 2.41 -7.35 -16.02
C THR F 123 3.76 -7.06 -15.39
N PHE F 124 4.63 -6.41 -16.15
CA PHE F 124 5.97 -6.03 -15.73
C PHE F 124 6.01 -4.60 -15.23
N GLY F 125 7.05 -4.29 -14.46
CA GLY F 125 7.34 -2.92 -14.10
C GLY F 125 8.17 -2.23 -15.16
N GLY F 126 8.37 -0.92 -14.97
CA GLY F 126 9.16 -0.15 -15.91
C GLY F 126 10.62 -0.54 -15.94
N GLY F 127 11.11 -1.16 -14.88
CA GLY F 127 12.49 -1.58 -14.80
C GLY F 127 13.36 -0.57 -14.09
N THR F 128 14.38 -1.07 -13.40
CA THR F 128 15.38 -0.24 -12.76
C THR F 128 16.74 -0.59 -13.34
N LYS F 129 17.37 0.37 -14.01
CA LYS F 129 18.69 0.16 -14.58
C LYS F 129 19.74 0.36 -13.49
N VAL F 130 20.56 -0.65 -13.27
CA VAL F 130 21.65 -0.58 -12.28
C VAL F 130 22.95 -0.37 -13.04
N GLU F 131 23.63 0.73 -12.72
CA GLU F 131 24.94 1.04 -13.28
C GLU F 131 25.97 1.01 -12.15
N ILE F 132 27.23 0.82 -12.54
CA ILE F 132 28.32 0.71 -11.57
C ILE F 132 29.11 2.01 -11.61
N LYS F 133 29.27 2.64 -10.45
CA LYS F 133 30.17 3.78 -10.32
C LYS F 133 31.60 3.28 -10.15
N ARG F 134 32.53 3.96 -10.81
CA ARG F 134 33.95 3.66 -10.66
C ARG F 134 34.72 4.97 -10.77
N ALA F 135 36.03 4.89 -10.52
CA ALA F 135 36.86 6.07 -10.65
C ALA F 135 36.89 6.53 -12.10
N ASP F 136 37.16 7.83 -12.28
CA ASP F 136 37.21 8.38 -13.63
C ASP F 136 38.35 7.74 -14.41
N ALA F 137 38.14 7.60 -15.71
CA ALA F 137 39.12 6.96 -16.58
C ALA F 137 39.12 7.67 -17.92
N ALA F 138 40.30 8.08 -18.38
CA ALA F 138 40.43 8.71 -19.67
C ALA F 138 40.38 7.68 -20.78
N PRO F 139 39.85 8.04 -21.95
CA PRO F 139 39.77 7.08 -23.06
C PRO F 139 41.10 6.90 -23.77
N THR F 140 41.25 5.73 -24.38
CA THR F 140 42.36 5.44 -25.27
C THR F 140 41.86 5.54 -26.70
N VAL F 141 42.38 6.52 -27.46
CA VAL F 141 41.83 6.89 -28.75
C VAL F 141 42.67 6.26 -29.86
N SER F 142 42.00 5.63 -30.82
CA SER F 142 42.65 5.03 -31.98
C SER F 142 41.93 5.50 -33.23
N ILE F 143 42.69 5.95 -34.23
CA ILE F 143 42.10 6.43 -35.48
C ILE F 143 42.49 5.45 -36.58
N PHE F 144 41.60 5.33 -37.58
CA PHE F 144 41.79 4.36 -38.66
C PHE F 144 41.41 4.97 -40.00
N PRO F 145 42.31 4.95 -40.98
CA PRO F 145 41.98 5.46 -42.31
C PRO F 145 41.04 4.52 -43.03
N PRO F 146 40.43 4.97 -44.13
CA PRO F 146 39.58 4.07 -44.93
C PRO F 146 40.38 2.90 -45.50
N SER F 147 39.68 1.80 -45.73
CA SER F 147 40.30 0.62 -46.30
C SER F 147 40.36 0.73 -47.82
N SER F 148 41.26 -0.05 -48.42
CA SER F 148 41.35 -0.09 -49.88
C SER F 148 40.10 -0.68 -50.50
N GLU F 149 39.49 -1.66 -49.83
CA GLU F 149 38.28 -2.29 -50.38
C GLU F 149 37.12 -1.30 -50.41
N GLN F 150 36.99 -0.45 -49.39
CA GLN F 150 35.90 0.51 -49.38
C GLN F 150 36.11 1.60 -50.43
N LEU F 151 37.35 2.08 -50.59
CA LEU F 151 37.62 3.10 -51.59
C LEU F 151 37.29 2.61 -52.98
N THR F 152 37.40 1.30 -53.23
CA THR F 152 37.05 0.75 -54.53
C THR F 152 35.55 0.85 -54.78
N SER F 153 34.73 0.68 -53.74
CA SER F 153 33.28 0.78 -53.88
C SER F 153 32.78 2.22 -53.97
N GLY F 154 33.66 3.21 -53.85
CA GLY F 154 33.28 4.60 -53.95
C GLY F 154 33.09 5.33 -52.64
N GLY F 155 33.14 4.62 -51.51
CA GLY F 155 32.97 5.23 -50.21
C GLY F 155 34.29 5.40 -49.47
N ALA F 156 34.24 6.16 -48.38
CA ALA F 156 35.42 6.41 -47.56
C ALA F 156 34.97 6.69 -46.14
N SER F 157 35.21 5.75 -45.23
CA SER F 157 34.85 5.88 -43.83
C SER F 157 36.10 5.98 -42.98
N VAL F 158 36.12 6.94 -42.06
CA VAL F 158 37.21 7.13 -41.11
C VAL F 158 36.68 6.81 -39.71
N VAL F 159 37.29 5.84 -39.05
CA VAL F 159 36.81 5.33 -37.77
C VAL F 159 37.72 5.83 -36.65
N CYS F 160 37.12 6.09 -35.50
CA CYS F 160 37.84 6.56 -34.32
C CYS F 160 37.29 5.80 -33.11
N PHE F 161 38.11 4.93 -32.52
CA PHE F 161 37.71 4.17 -31.34
C PHE F 161 38.15 4.90 -30.08
N LEU F 162 37.25 4.96 -29.10
CA LEU F 162 37.50 5.56 -27.79
C LEU F 162 37.17 4.52 -26.74
N ASN F 163 38.18 3.84 -26.22
CA ASN F 163 38.00 2.63 -25.43
C ASN F 163 38.35 2.86 -23.96
N ASN F 164 37.59 2.21 -23.09
CA ASN F 164 37.92 2.06 -21.66
C ASN F 164 37.97 3.42 -20.96
N PHE F 165 36.83 4.11 -20.97
CA PHE F 165 36.70 5.39 -20.29
C PHE F 165 35.49 5.35 -19.35
N TYR F 166 35.49 6.29 -18.40
CA TYR F 166 34.40 6.50 -17.47
C TYR F 166 34.48 7.95 -17.01
N PRO F 167 33.34 8.67 -16.92
CA PRO F 167 31.98 8.23 -17.18
C PRO F 167 31.59 8.22 -18.67
N LYS F 168 30.34 7.81 -18.94
CA LYS F 168 29.91 7.56 -20.32
C LYS F 168 29.86 8.84 -21.13
N ASP F 169 29.64 9.98 -20.49
CA ASP F 169 29.49 11.24 -21.21
C ASP F 169 30.81 11.63 -21.88
N ILE F 170 30.82 11.66 -23.21
CA ILE F 170 32.01 11.99 -23.98
C ILE F 170 31.58 12.62 -25.29
N ASN F 171 32.48 13.41 -25.88
CA ASN F 171 32.20 14.11 -27.13
C ASN F 171 33.34 13.90 -28.11
N VAL F 172 32.99 13.76 -29.38
CA VAL F 172 33.94 13.56 -30.46
C VAL F 172 33.70 14.65 -31.50
N LYS F 173 34.75 15.38 -31.85
CA LYS F 173 34.69 16.38 -32.90
C LYS F 173 35.56 15.92 -34.06
N TRP F 174 35.00 15.94 -35.27
CA TRP F 174 35.73 15.58 -36.47
C TRP F 174 36.19 16.84 -37.18
N LYS F 175 37.46 16.85 -37.60
CA LYS F 175 38.02 17.95 -38.37
C LYS F 175 38.65 17.40 -39.64
N ILE F 176 38.39 18.10 -40.75
CA ILE F 176 38.98 17.77 -42.05
C ILE F 176 39.79 18.97 -42.49
N ASP F 177 41.11 18.84 -42.44
CA ASP F 177 42.04 19.94 -42.74
C ASP F 177 41.74 21.14 -41.83
N GLY F 178 41.56 20.87 -40.55
CA GLY F 178 41.36 21.90 -39.55
C GLY F 178 39.97 22.49 -39.50
N SER F 179 39.03 22.03 -40.33
CA SER F 179 37.67 22.53 -40.35
C SER F 179 36.73 21.47 -39.80
N GLU F 180 35.80 21.90 -38.95
CA GLU F 180 34.91 20.96 -38.28
C GLU F 180 33.90 20.36 -39.25
N ARG F 181 33.73 19.04 -39.16
CA ARG F 181 32.78 18.31 -40.00
C ARG F 181 31.76 17.64 -39.09
N GLN F 182 30.49 18.02 -39.24
CA GLN F 182 29.43 17.48 -38.42
C GLN F 182 28.54 16.47 -39.13
N ASN F 183 28.43 16.55 -40.45
CA ASN F 183 27.54 15.69 -41.21
C ASN F 183 28.22 14.39 -41.58
N GLY F 184 27.45 13.30 -41.53
CA GLY F 184 27.97 11.99 -41.88
C GLY F 184 28.68 11.28 -40.76
N VAL F 185 28.40 11.64 -39.51
CA VAL F 185 29.04 11.04 -38.35
C VAL F 185 28.01 10.19 -37.60
N LEU F 186 28.38 8.94 -37.32
CA LEU F 186 27.56 8.04 -36.53
C LEU F 186 28.37 7.59 -35.33
N ASN F 187 27.77 7.67 -34.14
CA ASN F 187 28.43 7.30 -32.90
C ASN F 187 27.70 6.14 -32.23
N SER F 188 28.45 5.34 -31.48
CA SER F 188 27.88 4.21 -30.77
C SER F 188 28.67 3.94 -29.50
N TRP F 189 27.97 3.70 -28.41
CA TRP F 189 28.56 3.36 -27.12
C TRP F 189 28.32 1.89 -26.82
N THR F 190 29.30 1.23 -26.21
CA THR F 190 29.05 -0.10 -25.70
C THR F 190 28.31 -0.04 -24.38
N ASP F 191 27.85 -1.19 -23.91
CA ASP F 191 27.34 -1.28 -22.56
C ASP F 191 28.49 -1.23 -21.57
N GLN F 192 28.17 -0.87 -20.33
CA GLN F 192 29.19 -0.83 -19.29
C GLN F 192 29.81 -2.21 -19.12
N ASP F 193 31.13 -2.25 -19.03
CA ASP F 193 31.83 -3.51 -18.97
C ASP F 193 31.55 -4.22 -17.64
N SER F 194 31.29 -5.53 -17.72
CA SER F 194 30.95 -6.31 -16.54
C SER F 194 32.14 -6.52 -15.61
N LYS F 195 33.37 -6.25 -16.07
CA LYS F 195 34.57 -6.47 -15.27
C LYS F 195 35.14 -5.16 -14.73
N ASP F 196 35.44 -4.20 -15.61
CA ASP F 196 36.10 -2.96 -15.19
C ASP F 196 35.16 -1.76 -15.15
N SER F 197 33.88 -1.93 -15.50
CA SER F 197 32.86 -0.91 -15.35
C SER F 197 33.09 0.31 -16.25
N THR F 198 33.74 0.12 -17.39
CA THR F 198 34.03 1.22 -18.29
C THR F 198 33.14 1.17 -19.53
N TYR F 199 33.12 2.28 -20.26
CA TYR F 199 32.42 2.40 -21.51
C TYR F 199 33.41 2.54 -22.64
N SER F 200 32.94 2.29 -23.87
CA SER F 200 33.75 2.46 -25.06
C SER F 200 32.87 3.00 -26.17
N MET F 201 33.46 3.83 -27.02
CA MET F 201 32.72 4.54 -28.06
C MET F 201 33.38 4.35 -29.42
N SER F 202 32.56 4.26 -30.46
CA SER F 202 33.02 4.15 -31.84
C SER F 202 32.40 5.28 -32.65
N SER F 203 33.24 6.11 -33.27
CA SER F 203 32.80 7.21 -34.11
C SER F 203 33.26 6.98 -35.55
N THR F 204 32.32 7.10 -36.49
CA THR F 204 32.59 6.83 -37.90
C THR F 204 32.22 8.04 -38.74
N LEU F 205 33.20 8.56 -39.48
CA LEU F 205 32.99 9.66 -40.41
C LEU F 205 32.98 9.10 -41.83
N THR F 206 31.84 9.23 -42.51
CA THR F 206 31.64 8.65 -43.84
C THR F 206 31.58 9.77 -44.87
N LEU F 207 32.49 9.74 -45.83
CA LEU F 207 32.52 10.67 -46.95
C LEU F 207 32.47 9.91 -48.26
N THR F 208 32.25 10.64 -49.34
CA THR F 208 32.48 10.09 -50.66
C THR F 208 33.97 10.01 -50.94
N LYS F 209 34.34 9.14 -51.88
CA LYS F 209 35.76 9.00 -52.19
C LYS F 209 36.33 10.29 -52.76
N ASP F 210 35.57 10.95 -53.65
CA ASP F 210 36.05 12.19 -54.26
C ASP F 210 36.31 13.26 -53.22
N GLU F 211 35.41 13.40 -52.24
CA GLU F 211 35.67 14.35 -51.16
C GLU F 211 36.86 13.93 -50.32
N TYR F 212 37.01 12.63 -50.08
CA TYR F 212 38.15 12.14 -49.29
C TYR F 212 39.46 12.41 -50.01
N GLU F 213 39.48 12.27 -51.35
CA GLU F 213 40.70 12.50 -52.10
C GLU F 213 41.06 13.98 -52.21
N ARG F 214 40.09 14.88 -51.98
CA ARG F 214 40.33 16.32 -52.10
C ARG F 214 40.90 16.93 -50.83
N HIS F 215 41.09 16.16 -49.76
CA HIS F 215 41.63 16.68 -48.51
C HIS F 215 42.74 15.77 -48.02
N ASN F 216 43.47 16.24 -47.01
CA ASN F 216 44.69 15.57 -46.56
C ASN F 216 44.64 15.13 -45.11
N SER F 217 44.30 16.03 -44.19
CA SER F 217 44.40 15.76 -42.76
C SER F 217 43.02 15.49 -42.17
N TYR F 218 42.89 14.36 -41.47
CA TYR F 218 41.65 13.95 -40.83
C TYR F 218 41.90 13.73 -39.35
N THR F 219 41.02 14.28 -38.50
CA THR F 219 41.24 14.31 -37.07
C THR F 219 39.95 14.04 -36.32
N CYS F 220 40.02 13.22 -35.28
CA CYS F 220 38.97 13.12 -34.28
C CYS F 220 39.51 13.64 -32.95
N GLU F 221 38.76 14.56 -32.34
CA GLU F 221 39.12 15.15 -31.06
C GLU F 221 38.16 14.65 -30.00
N ALA F 222 38.69 14.04 -28.95
CA ALA F 222 37.90 13.45 -27.88
C ALA F 222 37.94 14.37 -26.68
N THR F 223 36.78 14.90 -26.30
CA THR F 223 36.65 15.74 -25.11
C THR F 223 35.94 14.96 -24.02
N HIS F 224 36.63 14.74 -22.91
CA HIS F 224 36.11 13.99 -21.78
C HIS F 224 36.37 14.80 -20.52
N LYS F 225 35.57 14.55 -19.48
CA LYS F 225 35.71 15.30 -18.24
C LYS F 225 37.07 15.09 -17.58
N THR F 226 37.77 14.01 -17.92
CA THR F 226 39.05 13.71 -17.29
C THR F 226 40.12 14.73 -17.65
N SER F 227 40.03 15.36 -18.82
CA SER F 227 41.04 16.31 -19.28
C SER F 227 40.38 17.52 -19.92
N THR F 228 40.89 18.71 -19.59
CA THR F 228 40.43 19.92 -20.27
C THR F 228 40.92 19.96 -21.71
N SER F 229 42.15 19.54 -21.95
CA SER F 229 42.66 19.41 -23.31
C SER F 229 42.10 18.15 -23.97
N PRO F 230 41.52 18.25 -25.16
CA PRO F 230 40.99 17.05 -25.81
C PRO F 230 42.08 16.13 -26.31
N ILE F 231 41.77 14.84 -26.33
CA ILE F 231 42.69 13.83 -26.85
C ILE F 231 42.55 13.77 -28.36
N VAL F 232 43.64 14.02 -29.08
CA VAL F 232 43.63 14.21 -30.52
C VAL F 232 44.42 13.10 -31.18
N LYS F 233 43.81 12.44 -32.17
CA LYS F 233 44.48 11.45 -33.01
C LYS F 233 44.19 11.78 -34.46
N SER F 234 45.23 11.80 -35.30
CA SER F 234 45.11 12.23 -36.68
C SER F 234 45.99 11.36 -37.57
N PHE F 235 45.66 11.37 -38.86
CA PHE F 235 46.49 10.78 -39.90
C PHE F 235 46.40 11.65 -41.14
N ASN F 236 47.43 11.59 -41.98
CA ASN F 236 47.48 12.34 -43.23
C ASN F 236 47.39 11.36 -44.40
N ARG F 237 46.56 11.71 -45.38
CA ARG F 237 46.33 10.81 -46.52
C ARG F 237 47.61 10.58 -47.31
N ASN F 238 48.44 11.62 -47.47
CA ASN F 238 49.65 11.51 -48.26
C ASN F 238 50.85 11.00 -47.46
N GLU F 239 50.64 10.56 -46.23
CA GLU F 239 51.71 10.04 -45.39
C GLU F 239 51.66 8.51 -45.40
N CYS F 240 52.31 7.89 -44.42
CA CYS F 240 52.38 6.43 -44.29
C CYS F 240 52.90 5.77 -45.57
C1 EDO G . -7.13 -21.49 15.10
O1 EDO G . -8.40 -20.86 15.28
C2 EDO G . -7.07 -22.19 13.74
O2 EDO G . -7.08 -21.21 12.69
C1 NAG H . 50.63 14.78 164.34
C2 NAG H . 51.60 15.94 164.15
C3 NAG H . 51.53 16.89 165.35
C4 NAG H . 50.10 17.31 165.62
C5 NAG H . 49.21 16.08 165.77
C6 NAG H . 47.74 16.43 165.94
C7 NAG H . 53.63 15.66 162.80
C8 NAG H . 52.90 16.39 161.71
N2 NAG H . 52.96 15.48 163.94
O3 NAG H . 52.34 18.03 165.10
O4 NAG H . 50.02 18.08 166.82
O5 NAG H . 49.31 15.28 164.58
O6 NAG H . 47.16 16.84 164.71
O7 NAG H . 54.78 15.24 162.66
O1 PG4 I . 4.36 -21.84 20.72
C1 PG4 I . 5.28 -21.51 19.70
C2 PG4 I . 5.39 -22.60 18.67
O2 PG4 I . 4.15 -22.76 18.01
C3 PG4 I . 4.17 -23.76 17.00
C4 PG4 I . 4.25 -23.12 15.65
O3 PG4 I . 4.73 -24.06 14.70
C5 PG4 I . 4.10 -23.77 13.46
C6 PG4 I . 2.75 -24.42 13.42
O4 PG4 I . 2.91 -25.83 13.50
C7 PG4 I . 1.63 -26.37 13.79
C8 PG4 I . 1.44 -26.46 15.27
O5 PG4 I . 0.10 -26.82 15.57
O1 PG4 J . 48.37 -2.55 158.97
C1 PG4 J . 49.72 -2.18 158.73
C2 PG4 J . 49.95 -0.71 158.91
O2 PG4 J . 49.82 -0.37 160.29
C3 PG4 J . 50.59 0.79 160.63
C4 PG4 J . 50.39 1.15 162.07
O3 PG4 J . 51.53 1.86 162.55
C5 PG4 J . 51.33 2.12 163.92
C6 PG4 J . 52.54 1.72 164.71
O4 PG4 J . 53.66 2.51 164.34
C7 PG4 J . 54.16 3.10 165.54
C8 PG4 J . 55.41 3.88 165.24
O5 PG4 J . 55.07 5.17 164.80
C1 MAN K . 10.46 2.67 23.54
C2 MAN K . 9.31 3.67 23.77
C3 MAN K . 9.20 4.64 22.59
C4 MAN K . 10.57 5.22 22.22
C5 MAN K . 11.56 4.08 21.96
C6 MAN K . 12.96 4.57 21.65
O2 MAN K . 9.54 4.47 24.94
O3 MAN K . 8.29 5.70 22.87
O4 MAN K . 10.46 6.02 21.06
O5 MAN K . 11.65 3.27 23.14
O6 MAN K . 13.49 5.17 22.84
C1 BMA L . 13.38 4.37 28.41
C2 BMA L . 13.73 5.76 27.85
C3 BMA L . 12.66 6.21 26.85
C4 BMA L . 11.23 6.19 27.46
C5 BMA L . 11.13 5.13 28.58
C6 BMA L . 9.73 4.53 28.71
O2 BMA L . 14.95 5.73 27.11
O3 BMA L . 12.71 5.46 25.64
O4 BMA L . 10.90 7.47 27.97
O5 BMA L . 12.02 4.06 28.29
O6 BMA L . 8.91 5.44 29.44
C1 MAN M . 51.23 -0.62 56.53
C2 MAN M . 51.93 -1.41 55.41
C3 MAN M . 51.04 -2.57 54.94
C4 MAN M . 50.52 -3.39 56.13
C5 MAN M . 49.78 -2.47 57.10
C6 MAN M . 49.27 -3.19 58.34
O2 MAN M . 53.13 -2.02 55.90
O3 MAN M . 51.72 -3.41 54.01
O4 MAN M . 49.64 -4.41 55.68
O5 MAN M . 50.69 -1.43 57.55
O6 MAN M . 47.85 -3.32 58.22
C1 BMA N . 45.80 -3.95 55.30
C2 BMA N . 45.29 -5.17 56.11
C3 BMA N . 44.75 -6.27 55.17
C4 BMA N . 45.33 -6.16 53.75
C5 BMA N . 46.77 -5.63 53.80
C6 BMA N . 47.43 -5.58 52.44
O2 BMA N . 44.18 -4.81 56.95
O3 BMA N . 43.32 -6.28 55.14
O4 BMA N . 45.32 -7.44 53.13
O5 BMA N . 46.76 -4.27 54.31
O6 BMA N . 48.08 -6.83 52.21
C1 BMA O . 56.63 11.84 104.43
C2 BMA O . 56.32 10.44 103.81
C3 BMA O . 54.90 9.99 104.19
C4 BMA O . 54.14 11.10 104.94
C5 BMA O . 54.27 12.41 104.15
C6 BMA O . 53.56 13.57 104.82
O2 BMA O . 57.18 9.41 104.29
O3 BMA O . 54.90 8.79 104.95
O4 BMA O . 52.78 10.75 105.08
O5 BMA O . 55.67 12.78 103.99
O6 BMA O . 52.88 14.33 103.82
C1 BMA P . 58.28 24.86 96.02
C2 BMA P . 58.48 26.38 95.82
C3 BMA P . 58.42 27.11 97.18
C4 BMA P . 57.16 26.70 97.94
C5 BMA P . 57.15 25.18 98.12
C6 BMA P . 55.93 24.67 98.86
O2 BMA P . 57.45 26.96 95.02
O3 BMA P . 58.47 28.53 97.02
O4 BMA P . 57.15 27.31 99.23
O5 BMA P . 57.15 24.56 96.81
O6 BMA P . 56.28 23.45 99.49
C1 MAN Q . 55.85 18.71 99.84
C2 MAN Q . 55.35 20.08 99.33
C3 MAN Q . 54.55 20.81 100.42
C4 MAN Q . 53.48 19.90 101.02
C5 MAN Q . 54.16 18.65 101.59
C6 MAN Q . 53.18 17.67 102.20
O2 MAN Q . 54.47 19.95 98.22
O3 MAN Q . 53.94 22.01 99.93
O4 MAN Q . 52.80 20.56 102.07
O5 MAN Q . 54.87 17.96 100.52
O6 MAN Q . 53.92 16.67 102.90
C1 BMA R . 18.45 -12.89 38.75
C2 BMA R . 18.02 -11.95 39.92
C3 BMA R . 16.62 -11.36 39.70
C4 BMA R . 16.12 -11.64 38.27
C5 BMA R . 16.08 -13.16 38.09
C6 BMA R . 15.55 -13.60 36.73
O2 BMA R . 18.90 -10.82 40.04
O3 BMA R . 16.57 -9.96 39.97
O4 BMA R . 14.83 -11.09 38.08
O5 BMA R . 17.42 -13.73 38.26
O6 BMA R . 14.14 -13.76 36.83
C1 BMA S . 55.60 7.27 56.85
C2 BMA S . 56.79 7.24 55.88
C3 BMA S . 57.60 5.94 56.01
C4 BMA S . 56.79 4.84 56.73
C5 BMA S . 55.32 4.91 56.29
C6 BMA S . 54.48 3.78 56.85
O2 BMA S . 57.72 8.30 56.15
O3 BMA S . 58.85 6.15 56.66
O4 BMA S . 57.32 3.55 56.39
O5 BMA S . 54.73 6.15 56.76
O6 BMA S . 55.23 2.56 56.76
CA CA T . -4.56 -12.14 15.94
CA CA U . -7.78 -9.56 16.19
CA CA V . 1.74 -10.35 17.63
CA CA W . 36.66 1.49 51.34
CA CA X . 60.78 16.08 83.25
CA CA Y . 63.78 19.99 89.15
CA CA Z . 62.38 7.45 135.81
CA CA AA . 63.40 9.86 129.49
CA CA BA . 63.19 14.08 129.09
CA CA CA . 33.32 0.65 45.53
CA CA DA . 35.00 -0.02 42.07
CA CA EA . 59.54 11.96 84.48
C1 EDO FA . -31.51 9.28 18.11
O1 EDO FA . -30.69 10.43 17.80
C2 EDO FA . -31.71 8.44 16.85
O2 EDO FA . -32.50 9.15 15.90
C1 EDO GA . -5.00 8.13 17.94
O1 EDO GA . -5.26 6.97 17.13
C2 EDO GA . -6.13 9.15 17.77
O2 EDO GA . -7.30 8.69 18.46
O1 PG4 HA . -13.25 7.56 -0.35
C1 PG4 HA . -11.93 7.89 0.07
C2 PG4 HA . -11.10 8.32 -1.09
O2 PG4 HA . -11.85 9.22 -1.91
C3 PG4 HA . -11.91 10.54 -1.39
C4 PG4 HA . -11.58 11.53 -2.45
O3 PG4 HA . -11.11 10.88 -3.62
C5 PG4 HA . -11.91 11.32 -4.71
C6 PG4 HA . -11.67 12.77 -4.96
O4 PG4 HA . -10.40 12.95 -5.58
C7 PG4 HA . -10.55 12.60 -6.95
C8 PG4 HA . -11.17 13.74 -7.70
O5 PG4 HA . -10.57 13.83 -8.98
O1 PG4 IA . -33.47 -20.43 -25.86
C1 PG4 IA . -32.96 -21.67 -25.37
C2 PG4 IA . -32.70 -21.62 -23.90
O2 PG4 IA . -32.39 -22.91 -23.42
C3 PG4 IA . -32.82 -23.14 -22.09
C4 PG4 IA . -32.03 -22.29 -21.14
O3 PG4 IA . -32.68 -22.22 -19.88
C5 PG4 IA . -31.71 -22.57 -18.90
C6 PG4 IA . -31.37 -21.39 -18.06
O4 PG4 IA . -32.08 -21.43 -16.82
C7 PG4 IA . -31.52 -22.50 -16.07
C8 PG4 IA . -32.49 -22.92 -15.01
O5 PG4 IA . -33.71 -23.33 -15.62
C1 BMA JA . -21.32 -7.53 -39.87
C2 BMA JA . -19.81 -7.39 -39.55
C3 BMA JA . -19.49 -5.94 -39.15
C4 BMA JA . -20.09 -4.93 -40.15
C5 BMA JA . -21.60 -5.18 -40.27
C6 BMA JA . -22.29 -4.25 -41.26
O2 BMA JA . -19.00 -7.69 -40.69
O3 BMA JA . -18.08 -5.74 -39.01
O4 BMA JA . -19.87 -3.61 -39.70
O5 BMA JA . -21.80 -6.53 -40.73
O6 BMA JA . -21.88 -4.61 -42.58
C1 BMA KA . -23.33 -7.93 -45.55
C2 BMA KA . -22.69 -7.81 -44.15
C3 BMA KA . -21.16 -7.92 -44.25
C4 BMA KA . -20.76 -8.71 -45.49
C5 BMA KA . -21.19 -7.92 -46.75
C6 BMA KA . -21.16 -8.73 -48.04
O2 BMA KA . -23.10 -8.89 -43.30
O3 BMA KA . -20.59 -8.50 -43.08
O4 BMA KA . -19.35 -8.89 -45.52
O5 BMA KA . -22.54 -7.38 -46.58
O6 BMA KA . -21.83 -9.96 -47.79
C1 BMA LA . -56.93 -6.72 -78.55
C2 BMA LA . -57.65 -5.86 -77.48
C3 BMA LA . -58.07 -6.75 -76.29
C4 BMA LA . -58.80 -8.00 -76.78
C5 BMA LA . -57.89 -8.77 -77.74
C6 BMA LA . -58.55 -10.03 -78.28
O2 BMA LA . -58.86 -5.31 -78.00
O3 BMA LA . -58.87 -6.02 -75.36
O4 BMA LA . -59.12 -8.84 -75.66
O5 BMA LA . -57.59 -7.92 -78.86
O6 BMA LA . -57.55 -11.05 -78.36
C1 BMA MA . -54.91 -10.61 -73.35
C2 BMA MA . -55.31 -12.09 -73.41
C3 BMA MA . -56.80 -12.22 -73.74
C4 BMA MA . -57.64 -11.33 -72.80
C5 BMA MA . -57.16 -9.88 -72.90
C6 BMA MA . -57.90 -8.95 -71.97
O2 BMA MA . -55.14 -12.73 -72.15
O3 BMA MA . -57.24 -13.57 -73.67
O4 BMA MA . -59.01 -11.40 -73.19
O5 BMA MA . -55.77 -9.83 -72.55
O6 BMA MA . -57.59 -7.61 -72.34
C1 BMA NA . -40.85 -21.09 -45.70
C2 BMA NA . -39.72 -21.65 -46.60
C3 BMA NA . -38.34 -21.32 -46.02
C4 BMA NA . -38.21 -21.68 -44.51
C5 BMA NA . -39.56 -22.11 -43.93
C6 BMA NA . -39.57 -22.22 -42.41
O2 BMA NA . -39.74 -21.04 -47.89
O3 BMA NA . -37.99 -19.96 -46.24
O4 BMA NA . -37.24 -22.69 -44.32
O5 BMA NA . -40.55 -21.15 -44.32
O6 BMA NA . -38.91 -23.43 -42.04
C1 BMA OA . -55.59 -0.48 -84.52
C2 BMA OA . -56.13 0.77 -83.77
C3 BMA OA . -57.55 0.54 -83.22
C4 BMA OA . -57.97 -0.95 -83.32
C5 BMA OA . -56.80 -1.82 -82.86
C6 BMA OA . -57.15 -3.29 -82.79
O2 BMA OA . -56.24 1.89 -84.65
O3 BMA OA . -58.51 1.38 -83.85
O4 BMA OA . -59.10 -1.19 -82.50
O5 BMA OA . -55.68 -1.68 -83.78
O6 BMA OA . -58.21 -3.46 -81.85
CA CA PA . -53.72 -9.35 -110.76
CA CA QA . -42.82 -9.15 -63.44
CA CA RA . -52.11 -9.77 -118.29
CA CA SA . -14.43 -21.71 -23.43
CA CA TA . -18.47 -21.08 -22.32
CA CA UA . -22.34 -17.16 -26.29
CA CA VA . -45.02 -9.80 -69.96
CA CA WA . -57.47 -40.67 -142.23
CA CA XA . -44.18 -6.36 -61.00
CA CA YA . -55.55 -13.50 -109.77
CA CA ZA . -60.11 -43.29 -140.87
C1 EDO AB . -7.79 -12.15 -31.62
O1 EDO AB . -7.53 -12.29 -33.02
C2 EDO AB . -7.78 -13.52 -30.96
O2 EDO AB . -7.73 -13.37 -29.52
C1 EDO BB . 18.00 -12.45 -32.74
O1 EDO BB . 19.22 -11.96 -32.19
C2 EDO BB . 18.22 -12.99 -34.15
O2 EDO BB . 16.97 -13.33 -34.74
O1 PG4 CB . 2.30 -5.15 -20.26
C1 PG4 CB . 2.98 -5.61 -19.12
C2 PG4 CB . 4.45 -5.47 -19.32
O2 PG4 CB . 4.72 -4.19 -19.89
C3 PG4 CB . 4.41 -3.12 -19.01
C4 PG4 CB . 5.56 -2.17 -18.95
O3 PG4 CB . 5.17 -0.96 -18.31
C5 PG4 CB . 5.13 0.03 -19.33
C6 PG4 CB . 5.76 1.30 -18.83
O4 PG4 CB . 7.17 1.14 -18.74
C7 PG4 CB . 7.67 1.10 -20.08
C8 PG4 CB . 8.67 0.00 -20.22
O5 PG4 CB . 8.50 -0.64 -21.47
CA CA DB . 29.92 2.80 -35.33
#